data_7SBZ
#
_entry.id   7SBZ
#
_cell.length_a   167.660
_cell.length_b   167.660
_cell.length_c   313.160
_cell.angle_alpha   90.00
_cell.angle_beta   90.00
_cell.angle_gamma   90.00
#
_symmetry.space_group_name_H-M   'I 41 2 2'
#
loop_
_entity.id
_entity.type
_entity.pdbx_description
1 polymer 'JAR5 Heavy Chain'
2 polymer 'JAR5 Light Chain'
3 polymer 'Factor H-binding protein'
4 non-polymer 'CADMIUM ION'
#
loop_
_entity_poly.entity_id
_entity_poly.type
_entity_poly.pdbx_seq_one_letter_code
_entity_poly.pdbx_strand_id
1 'polypeptide(L)'
;MEFGLSWVFLVAILEGVHCQVQMQQPGAELVKPGASVKLSCKASGYTFISYWMHWVKQRPGRGLEWIGRIAPDTGIIYYN
EKFKNKATLTVDTPSSTAYMQLNSLTSEDSAVYYCARYLKYDGSTYRFDYWGQGTTLTVSSAKTTPPSVYPLAPGCGDTT
GSSVTLGCLVKGYFPEPVTVTWNSGSLSSGVHTFPAVLQSDLYTLSSSVTVPSSPWPSETVTCNVAHPASSTKVDKKLVP
RDCGGSENLYFQG
;
A,H
2 'polypeptide(L)'
;DIVMTQAAPSVPVTPGESVSISCRSSKSLLHSNGNTYLFWFLQRPGQSPQLLIYRMSNLASGVPDRFSGSGSGTSFTLRI
SRVEAEDVGVYYCMQHLEYPYTFGGGTKLEIKRADAAPTVSIFPPSSEQLTSGGASVVCFLNNFYPKDINVKWKIDGSER
QNGVLNSWTDQDSKDSTYSMSSTLTLTKDEYERHNSYTCEATHKTSTSPIVKSFNR
;
B,L
3 'polypeptide(L)'
;MVAADIGAGLADALTAPLDHKDKGLQSLTLDQSVRKNEKLKLAAQGAEKTYGNGDSLNTGKLKNDKVSRFDFIRQIEVDG
QLITLESGEFQVYKQSHSALTAFQTEQIQDSEHSGKMVAKRQFRIGDIAGEHTSFDKLPEGGRATYRGTAFGSDDAGGKL
TYTIDFAAKQGNGKIEHLKSPELNVDLAAADIKPDGKRHAVISGSVLYNQAEKGSYSLGIFGGKAQEVAGSAEVKTVNGI
RHIGLAAKQLEHHHHHH
;
C,D
#
loop_
_chem_comp.id
_chem_comp.type
_chem_comp.name
_chem_comp.formula
CD non-polymer 'CADMIUM ION' 'Cd 2'
#
# COMPACT_ATOMS: atom_id res chain seq x y z
N GLN A 20 22.82 21.29 8.49
CA GLN A 20 23.92 21.49 7.56
C GLN A 20 25.20 20.91 8.13
N VAL A 21 25.06 19.76 8.80
CA VAL A 21 26.22 19.09 9.37
C VAL A 21 27.14 18.63 8.24
N GLN A 22 28.42 18.97 8.37
CA GLN A 22 29.42 18.64 7.37
C GLN A 22 30.70 18.24 8.06
N MET A 23 31.21 17.05 7.72
CA MET A 23 32.46 16.51 8.24
C MET A 23 33.36 16.25 7.03
N GLN A 24 34.13 17.25 6.64
CA GLN A 24 35.02 17.15 5.49
C GLN A 24 36.29 16.42 5.91
N GLN A 25 36.50 15.25 5.34
CA GLN A 25 37.72 14.48 5.49
C GLN A 25 38.41 14.35 4.13
N PRO A 26 39.74 14.36 4.09
CA PRO A 26 40.42 14.11 2.82
C PRO A 26 40.10 12.72 2.29
N GLY A 27 40.04 12.60 0.97
CA GLY A 27 39.64 11.34 0.36
C GLY A 27 40.57 10.20 0.71
N ALA A 28 41.87 10.42 0.58
CA ALA A 28 42.86 9.39 0.87
C ALA A 28 44.19 10.06 1.14
N GLU A 29 45.08 9.33 1.81
CA GLU A 29 46.43 9.80 2.09
C GLU A 29 47.41 8.68 1.86
N LEU A 30 48.51 8.99 1.16
CA LEU A 30 49.56 8.04 0.85
C LEU A 30 50.87 8.51 1.45
N VAL A 31 51.51 7.65 2.24
CA VAL A 31 52.74 7.99 2.94
C VAL A 31 53.68 6.79 2.95
N LYS A 32 54.98 7.08 2.95
CA LYS A 32 55.98 6.04 3.05
C LYS A 32 55.96 5.41 4.44
N PRO A 33 56.29 4.11 4.54
CA PRO A 33 56.28 3.46 5.85
C PRO A 33 57.32 4.06 6.79
N GLY A 34 56.98 4.08 8.08
CA GLY A 34 57.84 4.67 9.08
C GLY A 34 57.70 6.16 9.26
N ALA A 35 57.03 6.85 8.35
CA ALA A 35 56.83 8.29 8.44
C ALA A 35 55.63 8.58 9.33
N SER A 36 55.19 9.84 9.33
CA SER A 36 54.07 10.28 10.14
C SER A 36 53.14 11.14 9.30
N VAL A 37 51.83 10.98 9.51
CA VAL A 37 50.83 11.71 8.75
C VAL A 37 49.80 12.31 9.69
N LYS A 38 49.28 13.47 9.29
CA LYS A 38 48.23 14.16 10.03
C LYS A 38 46.93 14.07 9.23
N LEU A 39 45.92 13.44 9.81
CA LEU A 39 44.61 13.31 9.18
C LEU A 39 43.68 14.37 9.76
N SER A 40 43.01 15.10 8.88
CA SER A 40 42.17 16.23 9.26
C SER A 40 40.70 15.86 9.16
N CYS A 41 39.89 16.54 9.96
CA CYS A 41 38.44 16.38 9.95
C CYS A 41 37.84 17.76 10.24
N LYS A 42 37.42 18.45 9.19
CA LYS A 42 36.87 19.79 9.32
C LYS A 42 35.36 19.71 9.55
N ALA A 43 34.87 20.50 10.50
CA ALA A 43 33.47 20.45 10.90
C ALA A 43 32.78 21.77 10.55
N SER A 44 31.54 21.66 10.10
CA SER A 44 30.71 22.84 9.88
C SER A 44 29.25 22.47 10.07
N GLY A 45 28.43 23.49 10.33
CA GLY A 45 27.01 23.30 10.50
C GLY A 45 26.55 22.98 11.91
N TYR A 46 27.46 22.88 12.87
CA TYR A 46 27.08 22.63 14.26
C TYR A 46 28.11 23.27 15.18
N THR A 47 27.68 23.52 16.42
CA THR A 47 28.49 24.23 17.41
C THR A 47 29.62 23.32 17.86
N PHE A 48 30.82 23.55 17.35
CA PHE A 48 31.93 22.62 17.52
C PHE A 48 32.25 22.38 18.99
N ILE A 49 32.18 23.43 19.81
CA ILE A 49 32.68 23.36 21.18
C ILE A 49 31.86 22.35 22.00
N SER A 50 30.54 22.34 21.81
CA SER A 50 29.68 21.47 22.60
C SER A 50 29.78 20.01 22.20
N TYR A 51 30.45 19.68 21.11
CA TYR A 51 30.50 18.31 20.61
C TYR A 51 31.92 17.75 20.75
N TRP A 52 32.03 16.60 21.40
CA TRP A 52 33.26 15.81 21.39
C TRP A 52 33.44 15.15 20.04
N MET A 53 34.70 14.80 19.73
CA MET A 53 35.05 14.22 18.44
C MET A 53 35.73 12.88 18.67
N HIS A 54 35.17 11.81 18.09
CA HIS A 54 35.72 10.47 18.22
C HIS A 54 36.31 10.01 16.90
N TRP A 55 37.29 9.12 16.97
CA TRP A 55 37.93 8.56 15.79
C TRP A 55 37.82 7.05 15.79
N VAL A 56 37.52 6.48 14.63
CA VAL A 56 37.31 5.05 14.46
C VAL A 56 38.17 4.55 13.30
N LYS A 57 38.78 3.38 13.48
CA LYS A 57 39.62 2.77 12.46
C LYS A 57 38.98 1.46 12.01
N GLN A 58 38.87 1.27 10.70
CA GLN A 58 38.37 0.02 10.12
C GLN A 58 39.40 -0.49 9.12
N ARG A 59 40.00 -1.64 9.43
CA ARG A 59 40.89 -2.29 8.48
C ARG A 59 40.06 -2.92 7.35
N PRO A 60 40.62 -3.03 6.15
CA PRO A 60 39.87 -3.61 5.04
C PRO A 60 39.42 -5.04 5.36
N GLY A 61 38.13 -5.29 5.17
CA GLY A 61 37.58 -6.61 5.45
C GLY A 61 37.50 -6.96 6.91
N ARG A 62 37.51 -5.98 7.80
CA ARG A 62 37.45 -6.22 9.23
C ARG A 62 36.46 -5.26 9.86
N GLY A 63 36.25 -5.39 11.17
CA GLY A 63 35.33 -4.55 11.88
C GLY A 63 35.92 -3.21 12.26
N LEU A 64 35.10 -2.42 12.97
CA LEU A 64 35.50 -1.10 13.42
C LEU A 64 36.25 -1.18 14.74
N GLU A 65 37.18 -0.24 14.93
CA GLU A 65 37.96 -0.15 16.17
C GLU A 65 38.02 1.31 16.61
N TRP A 66 37.72 1.55 17.88
CA TRP A 66 37.72 2.90 18.42
C TRP A 66 39.13 3.30 18.82
N ILE A 67 39.56 4.49 18.38
CA ILE A 67 40.91 4.97 18.65
C ILE A 67 40.91 5.89 19.87
N GLY A 68 40.12 6.96 19.80
CA GLY A 68 40.13 7.91 20.89
C GLY A 68 39.05 8.96 20.73
N ARG A 69 38.99 9.84 21.73
CA ARG A 69 38.03 10.93 21.81
C ARG A 69 38.75 12.19 22.24
N ILE A 70 38.45 13.30 21.56
CA ILE A 70 38.98 14.61 21.88
C ILE A 70 37.82 15.52 22.28
N ALA A 71 38.12 16.45 23.18
CA ALA A 71 37.12 17.40 23.67
C ALA A 71 37.58 18.83 23.38
N PRO A 72 37.00 19.51 22.39
CA PRO A 72 37.40 20.91 22.13
C PRO A 72 37.09 21.85 23.28
N ASP A 73 36.16 21.48 24.16
CA ASP A 73 35.85 22.31 25.33
C ASP A 73 37.04 22.37 26.27
N THR A 74 37.48 21.22 26.77
CA THR A 74 38.53 21.13 27.77
C THR A 74 39.89 20.85 27.17
N GLY A 75 40.00 19.76 26.41
CA GLY A 75 41.27 19.24 25.95
C GLY A 75 41.60 17.87 26.49
N ILE A 76 40.78 17.33 27.39
CA ILE A 76 40.99 15.98 27.89
C ILE A 76 40.81 14.98 26.76
N ILE A 77 41.77 14.07 26.63
CA ILE A 77 41.78 13.09 25.56
C ILE A 77 41.79 11.70 26.20
N TYR A 78 40.77 10.90 25.89
CA TYR A 78 40.70 9.52 26.36
C TYR A 78 41.11 8.62 25.21
N TYR A 79 42.29 8.02 25.33
CA TYR A 79 42.80 7.12 24.30
C TYR A 79 42.40 5.68 24.60
N ASN A 80 42.55 4.82 23.59
CA ASN A 80 42.52 3.39 23.78
C ASN A 80 43.94 2.92 24.08
N GLU A 81 44.06 1.90 24.94
CA GLU A 81 45.37 1.45 25.37
C GLU A 81 46.22 0.97 24.19
N LYS A 82 45.58 0.39 23.17
CA LYS A 82 46.33 -0.13 22.03
C LYS A 82 47.03 0.98 21.26
N PHE A 83 46.35 2.11 21.07
CA PHE A 83 46.86 3.22 20.25
C PHE A 83 47.55 4.29 21.08
N LYS A 84 48.19 3.90 22.19
CA LYS A 84 48.77 4.89 23.09
C LYS A 84 49.89 5.68 22.43
N ASN A 85 50.86 4.98 21.84
CA ASN A 85 52.01 5.62 21.21
C ASN A 85 51.81 5.80 19.72
N LYS A 86 50.65 5.43 19.18
CA LYS A 86 50.41 5.46 17.75
C LYS A 86 49.61 6.66 17.29
N ALA A 87 48.79 7.24 18.16
CA ALA A 87 47.91 8.34 17.79
C ALA A 87 48.14 9.54 18.69
N THR A 88 48.05 10.73 18.09
CA THR A 88 48.11 11.99 18.82
C THR A 88 46.96 12.87 18.35
N LEU A 89 46.01 13.14 19.24
CA LEU A 89 44.83 13.92 18.88
C LEU A 89 45.01 15.39 19.21
N THR A 90 44.62 16.24 18.27
CA THR A 90 44.65 17.69 18.47
C THR A 90 43.36 18.28 17.93
N VAL A 91 43.02 19.47 18.42
CA VAL A 91 41.81 20.17 17.98
C VAL A 91 42.15 21.65 17.77
N ASP A 92 41.70 22.20 16.65
CA ASP A 92 41.73 23.63 16.39
C ASP A 92 40.27 24.09 16.42
N THR A 93 39.86 24.60 17.57
CA THR A 93 38.50 25.11 17.79
C THR A 93 38.21 26.40 17.02
N PRO A 94 39.16 27.38 16.93
CA PRO A 94 38.86 28.60 16.15
C PRO A 94 38.31 28.32 14.77
N SER A 95 39.07 27.62 13.94
CA SER A 95 38.59 27.12 12.65
C SER A 95 38.31 25.64 12.84
N SER A 96 37.02 25.29 12.97
CA SER A 96 36.62 24.00 13.49
C SER A 96 37.31 22.87 12.74
N THR A 97 38.24 22.20 13.41
CA THR A 97 38.96 21.09 12.78
C THR A 97 39.55 20.20 13.87
N ALA A 98 39.56 18.90 13.61
CA ALA A 98 40.24 17.93 14.45
C ALA A 98 41.34 17.26 13.65
N TYR A 99 42.41 16.88 14.34
CA TYR A 99 43.56 16.25 13.70
C TYR A 99 43.97 15.01 14.48
N MET A 100 44.37 13.98 13.74
CA MET A 100 44.94 12.77 14.30
C MET A 100 46.31 12.54 13.66
N GLN A 101 47.35 12.52 14.47
CA GLN A 101 48.71 12.32 14.01
C GLN A 101 49.11 10.87 14.24
N LEU A 102 49.51 10.18 13.18
CA LEU A 102 49.96 8.80 13.25
C LEU A 102 51.42 8.72 12.89
N ASN A 103 52.22 8.13 13.77
CA ASN A 103 53.67 8.10 13.66
C ASN A 103 54.16 6.66 13.51
N SER A 104 55.33 6.51 12.89
CA SER A 104 55.95 5.21 12.68
C SER A 104 54.98 4.25 11.99
N LEU A 105 54.33 4.75 10.95
CA LEU A 105 53.26 4.01 10.30
C LEU A 105 53.77 2.71 9.71
N THR A 106 53.05 1.62 9.99
CA THR A 106 53.32 0.30 9.44
C THR A 106 52.20 -0.09 8.48
N SER A 107 52.28 -1.32 7.98
CA SER A 107 51.23 -1.82 7.08
C SER A 107 49.92 -2.03 7.83
N GLU A 108 49.99 -2.41 9.10
CA GLU A 108 48.80 -2.70 9.90
C GLU A 108 47.98 -1.44 10.17
N ASP A 109 48.48 -0.30 9.73
CA ASP A 109 47.80 0.98 9.91
C ASP A 109 47.10 1.45 8.65
N SER A 110 47.31 0.78 7.52
CA SER A 110 46.58 1.12 6.29
C SER A 110 45.13 0.70 6.47
N ALA A 111 44.23 1.67 6.52
CA ALA A 111 42.83 1.40 6.87
C ALA A 111 42.01 2.64 6.57
N VAL A 112 40.72 2.58 6.86
CA VAL A 112 39.81 3.71 6.72
C VAL A 112 39.58 4.31 8.09
N TYR A 113 39.83 5.62 8.21
CA TYR A 113 39.70 6.32 9.48
C TYR A 113 38.54 7.30 9.38
N TYR A 114 37.55 7.14 10.26
CA TYR A 114 36.38 7.99 10.32
C TYR A 114 36.46 8.90 11.54
N CYS A 115 35.92 10.11 11.40
CA CYS A 115 35.70 11.02 12.51
C CYS A 115 34.20 11.18 12.70
N ALA A 116 33.75 11.11 13.95
CA ALA A 116 32.34 11.19 14.27
C ALA A 116 32.13 12.16 15.42
N ARG A 117 30.96 12.79 15.44
CA ARG A 117 30.63 13.74 16.49
C ARG A 117 29.85 13.05 17.61
N TYR A 118 29.91 13.65 18.79
CA TYR A 118 29.30 13.05 19.97
C TYR A 118 28.99 14.17 20.95
N LEU A 119 27.72 14.54 21.09
CA LEU A 119 27.38 15.65 21.97
C LEU A 119 27.83 15.35 23.39
N LYS A 120 28.53 16.31 24.00
CA LYS A 120 29.08 16.12 25.33
C LYS A 120 28.02 16.03 26.41
N TYR A 121 26.76 16.36 26.09
CA TYR A 121 25.67 16.29 27.03
C TYR A 121 24.77 15.10 26.70
N ASP A 122 24.36 14.38 27.74
CA ASP A 122 23.32 13.37 27.57
C ASP A 122 21.97 14.04 27.35
N GLY A 123 21.06 13.31 26.72
CA GLY A 123 19.74 13.83 26.43
C GLY A 123 19.45 14.13 24.98
N SER A 124 20.30 13.69 24.05
CA SER A 124 20.18 14.10 22.67
C SER A 124 20.39 12.93 21.72
N THR A 125 19.95 13.13 20.47
CA THR A 125 20.21 12.21 19.38
C THR A 125 21.52 12.51 18.66
N TYR A 126 22.19 13.60 19.02
CA TYR A 126 23.41 14.04 18.31
C TYR A 126 24.64 13.35 18.89
N ARG A 127 24.61 12.02 18.88
CA ARG A 127 25.73 11.20 19.35
C ARG A 127 25.96 10.10 18.34
N PHE A 128 27.10 10.16 17.65
CA PHE A 128 27.45 9.23 16.57
C PHE A 128 26.41 9.20 15.47
N ASP A 129 25.64 10.28 15.33
CA ASP A 129 24.63 10.36 14.28
C ASP A 129 25.25 10.77 12.94
N TYR A 130 26.20 11.69 12.97
CA TYR A 130 26.88 12.16 11.77
C TYR A 130 28.32 11.66 11.78
N TRP A 131 28.73 11.07 10.65
CA TRP A 131 30.06 10.51 10.50
C TRP A 131 30.78 11.18 9.34
N GLY A 132 32.11 11.16 9.40
CA GLY A 132 32.89 11.58 8.27
C GLY A 132 32.91 10.52 7.18
N GLN A 133 33.22 10.98 5.96
CA GLN A 133 33.27 10.05 4.83
C GLN A 133 34.34 8.99 5.01
N GLY A 134 35.43 9.33 5.70
CA GLY A 134 36.49 8.39 5.97
C GLY A 134 37.71 8.58 5.08
N THR A 135 38.87 8.71 5.69
CA THR A 135 40.12 8.84 4.95
C THR A 135 40.74 7.46 4.77
N THR A 136 41.10 7.14 3.52
CA THR A 136 41.71 5.86 3.19
C THR A 136 43.22 6.03 3.27
N LEU A 137 43.82 5.58 4.37
CA LEU A 137 45.24 5.69 4.59
C LEU A 137 45.94 4.43 4.07
N THR A 138 46.76 4.60 3.04
CA THR A 138 47.57 3.54 2.48
C THR A 138 49.03 3.80 2.82
N VAL A 139 49.69 2.80 3.41
CA VAL A 139 51.08 2.91 3.80
C VAL A 139 51.87 1.99 2.89
N SER A 140 52.57 2.59 1.93
CA SER A 140 53.38 1.83 0.97
C SER A 140 54.38 2.79 0.34
N SER A 141 55.40 2.21 -0.31
CA SER A 141 56.44 2.98 -0.95
C SER A 141 56.11 3.33 -2.40
N ALA A 142 55.02 2.81 -2.95
CA ALA A 142 54.68 3.04 -4.34
C ALA A 142 54.27 4.50 -4.57
N LYS A 143 54.51 4.98 -5.78
CA LYS A 143 54.14 6.33 -6.16
C LYS A 143 52.65 6.43 -6.47
N THR A 144 52.11 7.63 -6.31
CA THR A 144 50.71 7.87 -6.66
C THR A 144 50.54 7.85 -8.18
N THR A 145 49.52 7.12 -8.64
CA THR A 145 49.30 6.94 -10.07
C THR A 145 47.85 7.25 -10.41
N PRO A 146 47.59 8.15 -11.36
CA PRO A 146 46.21 8.43 -11.76
C PRO A 146 45.67 7.33 -12.64
N PRO A 147 44.35 7.16 -12.68
CA PRO A 147 43.77 6.02 -13.40
C PRO A 147 43.64 6.26 -14.90
N SER A 148 43.66 5.17 -15.65
CA SER A 148 43.36 5.17 -17.07
C SER A 148 41.93 4.70 -17.27
N VAL A 149 41.13 5.49 -17.99
CA VAL A 149 39.71 5.25 -18.14
C VAL A 149 39.43 4.83 -19.59
N TYR A 150 38.71 3.72 -19.74
CA TYR A 150 38.35 3.21 -21.06
C TYR A 150 36.84 2.97 -21.11
N PRO A 151 36.15 3.47 -22.13
CA PRO A 151 34.74 3.16 -22.28
C PRO A 151 34.52 1.80 -22.93
N LEU A 152 33.37 1.21 -22.63
CA LEU A 152 33.00 -0.11 -23.15
C LEU A 152 31.56 -0.05 -23.64
N ALA A 153 31.37 -0.29 -24.93
CA ALA A 153 30.08 -0.21 -25.59
C ALA A 153 29.83 -1.49 -26.37
N PRO A 154 28.56 -1.82 -26.62
CA PRO A 154 28.27 -3.02 -27.42
C PRO A 154 28.76 -2.88 -28.86
N GLY A 155 29.06 -4.02 -29.46
CA GLY A 155 29.59 -4.04 -30.82
C GLY A 155 28.71 -4.76 -31.82
N CYS A 156 27.40 -4.68 -31.66
CA CYS A 156 26.48 -5.31 -32.59
C CYS A 156 26.34 -4.49 -33.87
N THR A 159 21.92 -4.62 -32.39
CA THR A 159 20.72 -5.19 -31.82
C THR A 159 20.53 -4.75 -30.36
N THR A 160 19.65 -3.78 -30.16
CA THR A 160 19.35 -3.25 -28.84
C THR A 160 17.93 -3.63 -28.44
N GLY A 161 17.80 -4.20 -27.25
CA GLY A 161 16.51 -4.65 -26.73
C GLY A 161 15.89 -3.62 -25.80
N SER A 162 15.29 -4.11 -24.72
CA SER A 162 14.64 -3.22 -23.76
C SER A 162 15.65 -2.30 -23.08
N SER A 163 16.81 -2.82 -22.73
CA SER A 163 17.85 -2.05 -22.05
C SER A 163 19.19 -2.39 -22.67
N VAL A 164 20.19 -1.55 -22.37
CA VAL A 164 21.55 -1.76 -22.83
C VAL A 164 22.49 -1.61 -21.64
N THR A 165 23.62 -2.30 -21.71
CA THR A 165 24.63 -2.25 -20.64
C THR A 165 25.89 -1.60 -21.19
N LEU A 166 26.33 -0.53 -20.53
CA LEU A 166 27.55 0.17 -20.89
C LEU A 166 28.53 0.06 -19.74
N GLY A 167 29.82 0.17 -20.06
CA GLY A 167 30.86 -0.07 -19.07
C GLY A 167 31.91 1.02 -19.06
N CYS A 168 32.53 1.18 -17.89
CA CYS A 168 33.67 2.07 -17.70
C CYS A 168 34.74 1.28 -16.97
N LEU A 169 35.90 1.09 -17.61
CA LEU A 169 36.99 0.30 -17.06
C LEU A 169 38.08 1.25 -16.59
N VAL A 170 38.47 1.13 -15.33
CA VAL A 170 39.41 2.05 -14.68
C VAL A 170 40.64 1.22 -14.30
N LYS A 171 41.65 1.26 -15.14
CA LYS A 171 42.83 0.40 -14.99
C LYS A 171 44.05 1.24 -14.61
N GLY A 172 44.89 0.69 -13.72
CA GLY A 172 46.20 1.26 -13.48
C GLY A 172 46.21 2.51 -12.63
N TYR A 173 45.70 2.43 -11.41
CA TYR A 173 45.72 3.55 -10.48
C TYR A 173 46.21 3.10 -9.12
N PHE A 174 46.64 4.08 -8.32
CA PHE A 174 47.13 3.85 -6.97
C PHE A 174 47.19 5.17 -6.23
N PRO A 175 46.73 5.23 -4.96
CA PRO A 175 46.08 4.14 -4.24
C PRO A 175 44.56 4.31 -4.18
N GLU A 176 43.91 3.43 -3.43
CA GLU A 176 42.46 3.52 -3.26
C GLU A 176 42.09 4.78 -2.47
N PRO A 177 40.86 5.30 -2.66
CA PRO A 177 39.81 4.78 -3.53
C PRO A 177 39.63 5.58 -4.82
N VAL A 178 38.62 5.18 -5.60
CA VAL A 178 38.14 5.96 -6.73
C VAL A 178 36.62 6.01 -6.63
N THR A 179 36.04 7.08 -7.15
CA THR A 179 34.59 7.27 -7.15
C THR A 179 34.11 7.32 -8.60
N VAL A 180 33.19 6.42 -8.95
CA VAL A 180 32.67 6.33 -10.30
C VAL A 180 31.21 6.76 -10.27
N THR A 181 30.88 7.76 -11.07
CA THR A 181 29.50 8.19 -11.26
C THR A 181 29.19 8.18 -12.75
N TRP A 182 27.90 8.18 -13.06
CA TRP A 182 27.44 8.18 -14.45
C TRP A 182 26.57 9.42 -14.66
N ASN A 183 26.97 10.24 -15.64
CA ASN A 183 26.32 11.52 -15.91
C ASN A 183 26.26 12.39 -14.65
N SER A 184 27.39 12.45 -13.95
CA SER A 184 27.56 13.30 -12.75
C SER A 184 26.45 13.05 -11.72
N GLY A 185 26.12 11.79 -11.51
CA GLY A 185 25.15 11.41 -10.51
C GLY A 185 23.71 11.40 -10.96
N SER A 186 23.42 11.82 -12.20
CA SER A 186 22.05 11.78 -12.68
C SER A 186 21.54 10.34 -12.76
N LEU A 187 22.38 9.42 -13.24
CA LEU A 187 22.00 8.01 -13.38
C LEU A 187 22.44 7.28 -12.12
N SER A 188 21.53 7.16 -11.16
CA SER A 188 21.83 6.55 -9.87
C SER A 188 21.27 5.15 -9.73
N SER A 189 20.49 4.66 -10.70
CA SER A 189 19.89 3.34 -10.64
C SER A 189 20.40 2.49 -11.79
N GLY A 190 20.58 1.19 -11.52
CA GLY A 190 21.16 0.31 -12.50
C GLY A 190 22.67 0.34 -12.57
N VAL A 191 23.32 1.05 -11.65
CA VAL A 191 24.77 1.16 -11.63
C VAL A 191 25.34 0.07 -10.73
N HIS A 192 26.32 -0.67 -11.24
CA HIS A 192 27.06 -1.66 -10.47
C HIS A 192 28.52 -1.27 -10.49
N THR A 193 29.06 -0.88 -9.34
CA THR A 193 30.48 -0.60 -9.19
C THR A 193 31.13 -1.78 -8.48
N PHE A 194 32.14 -2.34 -9.10
CA PHE A 194 32.77 -3.53 -8.57
C PHE A 194 34.00 -3.16 -7.75
N PRO A 195 34.28 -3.92 -6.68
CA PRO A 195 35.46 -3.61 -5.86
C PRO A 195 36.74 -3.73 -6.65
N ALA A 196 37.71 -2.90 -6.30
CA ALA A 196 38.98 -2.88 -7.01
C ALA A 196 39.74 -4.19 -6.81
N VAL A 197 40.56 -4.52 -7.79
CA VAL A 197 41.43 -5.71 -7.74
C VAL A 197 42.87 -5.26 -7.92
N LEU A 198 43.73 -5.70 -7.02
CA LEU A 198 45.16 -5.37 -7.08
C LEU A 198 45.87 -6.39 -7.97
N GLN A 199 46.46 -5.89 -9.06
CA GLN A 199 47.19 -6.73 -10.01
C GLN A 199 48.54 -6.10 -10.26
N SER A 200 49.61 -6.77 -9.79
CA SER A 200 50.99 -6.30 -9.93
C SER A 200 51.14 -4.89 -9.37
N ASP A 201 50.74 -4.73 -8.10
CA ASP A 201 50.90 -3.50 -7.34
C ASP A 201 50.14 -2.31 -7.93
N LEU A 202 49.14 -2.58 -8.77
CA LEU A 202 48.30 -1.54 -9.35
C LEU A 202 46.85 -1.97 -9.28
N TYR A 203 45.95 -0.98 -9.22
CA TYR A 203 44.54 -1.23 -8.98
C TYR A 203 43.73 -1.15 -10.27
N THR A 204 42.77 -2.07 -10.41
CA THR A 204 41.85 -2.09 -11.53
C THR A 204 40.44 -2.23 -11.01
N LEU A 205 39.50 -1.53 -11.66
CA LEU A 205 38.12 -1.47 -11.23
C LEU A 205 37.23 -1.40 -12.47
N SER A 206 35.99 -1.83 -12.32
CA SER A 206 35.03 -1.79 -13.42
C SER A 206 33.70 -1.25 -12.91
N SER A 207 32.96 -0.61 -13.81
CA SER A 207 31.63 -0.13 -13.50
C SER A 207 30.71 -0.40 -14.67
N SER A 208 29.47 -0.82 -14.38
CA SER A 208 28.47 -1.07 -15.39
C SER A 208 27.24 -0.23 -15.12
N VAL A 209 26.58 0.19 -16.19
CA VAL A 209 25.31 0.91 -16.09
C VAL A 209 24.32 0.29 -17.06
N THR A 210 23.11 0.01 -16.57
CA THR A 210 22.03 -0.52 -17.39
C THR A 210 21.04 0.62 -17.64
N VAL A 211 20.93 1.02 -18.90
CA VAL A 211 20.13 2.18 -19.26
C VAL A 211 19.14 1.77 -20.36
N PRO A 212 17.88 2.19 -20.29
CA PRO A 212 16.95 1.92 -21.40
C PRO A 212 17.42 2.62 -22.68
N SER A 213 17.11 1.98 -23.81
CA SER A 213 17.51 2.49 -25.12
C SER A 213 16.91 3.87 -25.40
N PRO A 217 19.37 13.53 -30.69
CA PRO A 217 18.49 13.95 -29.60
C PRO A 217 19.32 14.31 -28.39
N SER A 218 18.74 14.38 -27.19
CA SER A 218 19.39 15.00 -26.04
C SER A 218 19.81 14.00 -24.96
N GLU A 219 19.93 12.72 -25.30
CA GLU A 219 20.35 11.70 -24.34
C GLU A 219 21.83 11.35 -24.57
N THR A 220 22.59 11.27 -23.48
CA THR A 220 23.99 10.86 -23.54
C THR A 220 24.39 10.22 -22.22
N VAL A 221 25.36 9.31 -22.30
CA VAL A 221 25.90 8.62 -21.14
C VAL A 221 27.39 8.90 -21.07
N THR A 222 27.85 9.39 -19.91
CA THR A 222 29.27 9.63 -19.68
C THR A 222 29.62 9.15 -18.28
N CYS A 223 30.75 8.44 -18.16
CA CYS A 223 31.22 7.99 -16.87
C CYS A 223 32.32 8.92 -16.37
N ASN A 224 32.13 9.45 -15.16
CA ASN A 224 33.10 10.31 -14.50
C ASN A 224 33.77 9.52 -13.38
N VAL A 225 35.08 9.38 -13.48
CA VAL A 225 35.88 8.64 -12.51
C VAL A 225 36.81 9.63 -11.82
N ALA A 226 36.71 9.71 -10.50
CA ALA A 226 37.47 10.66 -9.71
C ALA A 226 38.44 9.92 -8.80
N HIS A 227 39.72 10.27 -8.89
CA HIS A 227 40.76 9.77 -8.01
C HIS A 227 41.13 10.87 -7.02
N PRO A 228 40.77 10.73 -5.74
CA PRO A 228 41.09 11.80 -4.78
C PRO A 228 42.56 11.92 -4.47
N ALA A 229 43.31 10.81 -4.48
CA ALA A 229 44.74 10.87 -4.14
C ALA A 229 45.50 11.75 -5.12
N SER A 230 45.19 11.62 -6.41
CA SER A 230 45.80 12.46 -7.43
C SER A 230 44.99 13.71 -7.74
N SER A 231 43.88 13.92 -7.02
CA SER A 231 43.01 15.09 -7.20
C SER A 231 42.60 15.24 -8.66
N THR A 232 42.19 14.14 -9.26
CA THR A 232 41.88 14.10 -10.68
C THR A 232 40.46 13.61 -10.91
N LYS A 233 39.87 14.03 -12.03
CA LYS A 233 38.58 13.53 -12.48
C LYS A 233 38.61 13.42 -14.00
N VAL A 234 38.24 12.25 -14.51
CA VAL A 234 38.24 11.97 -15.95
C VAL A 234 36.82 11.62 -16.35
N ASP A 235 36.29 12.34 -17.34
CA ASP A 235 34.98 12.05 -17.91
C ASP A 235 35.18 11.40 -19.28
N LYS A 236 34.63 10.21 -19.46
CA LYS A 236 34.69 9.51 -20.73
C LYS A 236 33.27 9.33 -21.25
N LYS A 237 33.04 9.75 -22.49
CA LYS A 237 31.72 9.70 -23.10
C LYS A 237 31.53 8.37 -23.81
N LEU A 238 30.43 7.69 -23.49
CA LEU A 238 30.11 6.40 -24.10
C LEU A 238 29.50 6.65 -25.47
N VAL A 239 30.24 6.32 -26.52
CA VAL A 239 29.77 6.51 -27.90
C VAL A 239 29.85 5.16 -28.61
N PRO A 240 28.98 4.89 -29.59
CA PRO A 240 29.02 3.61 -30.27
C PRO A 240 30.35 3.37 -30.97
N ARG A 241 30.83 2.13 -30.90
CA ARG A 241 32.08 1.78 -31.56
C ARG A 241 31.86 1.68 -33.06
N ASP A 242 32.93 1.95 -33.81
CA ASP A 242 32.82 1.96 -35.27
C ASP A 242 32.54 0.55 -35.80
N CYS A 243 31.55 0.45 -36.68
CA CYS A 243 31.17 -0.83 -37.25
C CYS A 243 30.99 -0.73 -38.76
N ASP B 1 38.26 -2.80 29.32
CA ASP B 1 37.83 -3.33 28.03
C ASP B 1 36.54 -4.14 28.18
N ILE B 2 35.47 -3.67 27.52
CA ILE B 2 34.20 -4.39 27.48
C ILE B 2 34.14 -5.18 26.19
N VAL B 3 34.01 -6.49 26.30
CA VAL B 3 34.01 -7.35 25.13
C VAL B 3 32.59 -7.40 24.57
N MET B 4 32.42 -6.97 23.32
CA MET B 4 31.15 -7.11 22.62
C MET B 4 31.26 -8.26 21.63
N THR B 5 30.39 -9.26 21.80
CA THR B 5 30.38 -10.45 20.97
C THR B 5 29.12 -10.46 20.13
N GLN B 6 29.29 -10.47 18.81
CA GLN B 6 28.20 -10.76 17.89
C GLN B 6 28.33 -12.23 17.50
N ALA B 7 27.40 -13.05 18.02
CA ALA B 7 27.55 -14.50 17.88
C ALA B 7 27.54 -14.93 16.42
N ALA B 8 26.64 -14.37 15.62
CA ALA B 8 26.50 -14.79 14.24
C ALA B 8 27.31 -13.89 13.33
N PRO B 9 28.34 -14.39 12.65
CA PRO B 9 29.02 -13.56 11.64
C PRO B 9 28.08 -13.15 10.50
N SER B 10 27.17 -14.04 10.11
CA SER B 10 26.18 -13.75 9.10
C SER B 10 24.84 -14.26 9.57
N VAL B 11 23.77 -13.70 9.01
CA VAL B 11 22.42 -14.05 9.43
C VAL B 11 21.52 -14.17 8.20
N PRO B 12 20.88 -15.31 7.98
CA PRO B 12 20.04 -15.48 6.79
C PRO B 12 18.56 -15.17 7.04
N VAL B 13 17.93 -14.56 6.04
CA VAL B 13 16.51 -14.25 6.11
C VAL B 13 15.96 -14.12 4.69
N THR B 14 14.83 -14.79 4.42
CA THR B 14 14.17 -14.64 3.14
C THR B 14 13.50 -13.26 3.04
N PRO B 15 13.37 -12.71 1.84
CA PRO B 15 12.75 -11.38 1.71
C PRO B 15 11.32 -11.37 2.22
N GLY B 16 10.96 -10.28 2.91
CA GLY B 16 9.64 -10.12 3.47
C GLY B 16 9.46 -10.71 4.85
N GLU B 17 10.44 -11.44 5.36
CA GLU B 17 10.33 -12.10 6.65
C GLU B 17 10.93 -11.21 7.74
N SER B 18 11.06 -11.75 8.95
CA SER B 18 11.62 -11.05 10.10
C SER B 18 12.83 -11.82 10.61
N VAL B 19 13.71 -11.12 11.32
CA VAL B 19 15.02 -11.67 11.64
C VAL B 19 15.59 -10.94 12.84
N SER B 20 16.43 -11.63 13.61
CA SER B 20 17.03 -11.08 14.83
C SER B 20 18.54 -11.23 14.80
N ILE B 21 19.22 -10.26 15.42
CA ILE B 21 20.67 -10.23 15.55
C ILE B 21 21.01 -10.08 17.03
N SER B 22 21.90 -10.94 17.52
CA SER B 22 22.22 -11.00 18.94
C SER B 22 23.57 -10.36 19.24
N CYS B 23 23.61 -9.58 20.32
CA CYS B 23 24.83 -8.97 20.82
C CYS B 23 24.96 -9.27 22.31
N ARG B 24 26.18 -9.58 22.74
CA ARG B 24 26.47 -9.93 24.13
C ARG B 24 27.63 -9.08 24.63
N SER B 25 27.68 -8.88 25.95
CA SER B 25 28.71 -8.05 26.56
C SER B 25 29.38 -8.81 27.71
N SER B 26 30.41 -8.20 28.27
CA SER B 26 31.12 -8.75 29.42
C SER B 26 30.72 -8.11 30.74
N LYS B 27 30.27 -6.86 30.72
CA LYS B 27 29.69 -6.20 31.88
C LYS B 27 28.33 -5.64 31.49
N SER B 28 27.50 -5.41 32.50
CA SER B 28 26.17 -4.87 32.26
C SER B 28 26.26 -3.46 31.70
N LEU B 29 25.50 -3.18 30.65
CA LEU B 29 25.49 -1.88 30.00
C LEU B 29 24.48 -0.92 30.62
N LEU B 30 23.93 -1.26 31.78
CA LEU B 30 22.92 -0.43 32.45
C LEU B 30 23.61 0.40 33.53
N HIS B 31 23.74 1.70 33.28
CA HIS B 31 24.34 2.61 34.23
C HIS B 31 23.36 2.94 35.36
N SER B 32 23.87 3.61 36.39
CA SER B 32 23.03 3.98 37.52
C SER B 32 21.93 4.96 37.13
N ASN B 33 22.16 5.77 36.09
CA ASN B 33 21.17 6.75 35.65
C ASN B 33 19.95 6.09 35.02
N GLY B 34 20.00 4.80 34.71
CA GLY B 34 18.89 4.07 34.16
C GLY B 34 18.96 3.85 32.65
N ASN B 35 19.78 4.62 31.95
CA ASN B 35 19.91 4.46 30.51
C ASN B 35 20.85 3.30 30.19
N THR B 36 20.45 2.46 29.25
CA THR B 36 21.30 1.40 28.73
C THR B 36 22.06 1.96 27.53
N TYR B 37 23.37 2.18 27.71
CA TYR B 37 24.18 2.86 26.70
C TYR B 37 24.65 1.85 25.67
N LEU B 38 23.79 1.58 24.70
CA LEU B 38 24.10 0.70 23.59
C LEU B 38 23.70 1.36 22.28
N PHE B 39 24.63 1.40 21.34
CA PHE B 39 24.42 1.93 20.00
C PHE B 39 24.40 0.78 19.01
N TRP B 40 23.49 0.85 18.05
CA TRP B 40 23.45 -0.09 16.93
C TRP B 40 23.65 0.69 15.63
N PHE B 41 24.58 0.23 14.81
CA PHE B 41 24.90 0.84 13.53
C PHE B 41 24.73 -0.16 12.39
N LEU B 42 24.44 0.37 11.20
CA LEU B 42 24.42 -0.40 9.96
C LEU B 42 25.43 0.22 8.99
N GLN B 43 26.30 -0.63 8.44
CA GLN B 43 27.26 -0.21 7.42
C GLN B 43 26.84 -0.82 6.10
N ARG B 44 26.43 0.02 5.16
CA ARG B 44 26.19 -0.38 3.80
C ARG B 44 27.51 -0.47 3.04
N PRO B 45 27.56 -1.25 1.96
CA PRO B 45 28.83 -1.42 1.23
C PRO B 45 29.39 -0.08 0.75
N GLY B 46 30.66 0.14 1.06
CA GLY B 46 31.35 1.34 0.60
C GLY B 46 30.92 2.63 1.24
N GLN B 47 30.24 2.58 2.37
CA GLN B 47 29.72 3.77 3.03
C GLN B 47 30.11 3.78 4.50
N SER B 48 30.17 4.98 5.06
CA SER B 48 30.45 5.12 6.49
C SER B 48 29.26 4.63 7.31
N PRO B 49 29.50 4.11 8.51
CA PRO B 49 28.40 3.58 9.32
C PRO B 49 27.36 4.64 9.63
N GLN B 50 26.09 4.23 9.61
CA GLN B 50 24.96 5.11 9.88
C GLN B 50 24.32 4.70 11.20
N LEU B 51 23.97 5.70 12.01
CA LEU B 51 23.33 5.43 13.29
C LEU B 51 21.96 4.82 13.09
N LEU B 52 21.69 3.72 13.79
CA LEU B 52 20.40 3.04 13.75
C LEU B 52 19.66 3.16 15.07
N ILE B 53 20.28 2.70 16.15
CA ILE B 53 19.62 2.59 17.45
C ILE B 53 20.47 3.31 18.49
N TYR B 54 19.85 4.22 19.25
CA TYR B 54 20.48 4.85 20.39
C TYR B 54 19.67 4.54 21.65
N ARG B 55 20.39 4.39 22.76
CA ARG B 55 19.81 4.05 24.07
C ARG B 55 19.10 2.70 24.06
N MET B 56 19.45 1.84 23.10
CA MET B 56 19.02 0.45 23.05
C MET B 56 17.54 0.29 22.66
N SER B 57 16.79 1.39 22.59
CA SER B 57 15.39 1.26 22.24
C SER B 57 14.90 2.24 21.18
N ASN B 58 15.46 3.46 21.15
CA ASN B 58 14.88 4.54 20.38
C ASN B 58 15.47 4.60 18.97
N LEU B 59 14.58 4.72 17.99
CA LEU B 59 14.99 4.83 16.59
C LEU B 59 15.59 6.20 16.32
N ALA B 60 16.47 6.25 15.32
CA ALA B 60 17.11 7.50 14.93
C ALA B 60 16.21 8.26 13.95
N SER B 61 16.75 9.32 13.36
CA SER B 61 15.97 10.16 12.45
C SER B 61 15.83 9.48 11.09
N GLY B 62 14.59 9.38 10.61
CA GLY B 62 14.34 8.83 9.29
C GLY B 62 14.76 7.38 9.13
N VAL B 63 14.48 6.55 10.13
CA VAL B 63 14.82 5.14 10.10
C VAL B 63 13.54 4.34 10.33
N PRO B 64 13.25 3.34 9.50
CA PRO B 64 11.92 2.71 9.53
C PRO B 64 11.61 2.03 10.87
N ASP B 65 10.31 1.98 11.19
CA ASP B 65 9.83 1.38 12.43
C ASP B 65 10.01 -0.13 12.47
N ARG B 66 10.35 -0.76 11.35
CA ARG B 66 10.59 -2.19 11.33
C ARG B 66 11.82 -2.59 12.13
N PHE B 67 12.69 -1.64 12.48
CA PHE B 67 13.85 -1.91 13.30
C PHE B 67 13.47 -1.77 14.78
N SER B 68 13.81 -2.78 15.58
CA SER B 68 13.49 -2.79 16.99
C SER B 68 14.71 -3.19 17.80
N GLY B 69 14.84 -2.60 18.98
CA GLY B 69 15.95 -2.91 19.86
C GLY B 69 15.51 -3.38 21.23
N SER B 70 15.84 -4.62 21.58
CA SER B 70 15.52 -5.21 22.87
C SER B 70 16.81 -5.69 23.55
N GLY B 71 16.66 -6.22 24.74
CA GLY B 71 17.81 -6.65 25.52
C GLY B 71 17.80 -6.00 26.89
N SER B 72 18.47 -6.59 27.88
CA SER B 72 18.37 -6.06 29.24
C SER B 72 19.70 -5.56 29.80
N GLY B 73 20.67 -6.42 30.08
CA GLY B 73 21.92 -5.94 30.62
C GLY B 73 23.17 -6.48 29.96
N THR B 74 23.07 -7.70 29.44
CA THR B 74 24.21 -8.39 28.86
C THR B 74 23.84 -8.98 27.52
N SER B 75 22.56 -9.29 27.35
CA SER B 75 22.03 -9.81 26.10
C SER B 75 21.12 -8.76 25.46
N PHE B 76 21.38 -8.47 24.19
CA PHE B 76 20.61 -7.50 23.44
C PHE B 76 20.33 -8.06 22.04
N THR B 77 19.26 -7.56 21.43
CA THR B 77 18.81 -8.06 20.13
C THR B 77 18.32 -6.91 19.28
N LEU B 78 18.64 -6.97 17.99
CA LEU B 78 18.08 -6.08 16.99
C LEU B 78 17.20 -6.89 16.04
N ARG B 79 15.94 -6.46 15.90
CA ARG B 79 14.95 -7.20 15.15
C ARG B 79 14.53 -6.39 13.93
N ILE B 80 14.66 -6.99 12.75
CA ILE B 80 14.17 -6.41 11.50
C ILE B 80 12.88 -7.12 11.14
N SER B 81 11.82 -6.34 10.95
CA SER B 81 10.46 -6.88 10.87
C SER B 81 10.10 -7.35 9.45
N ARG B 82 10.14 -6.43 8.49
CA ARG B 82 9.84 -6.74 7.09
C ARG B 82 11.08 -6.40 6.28
N VAL B 83 11.96 -7.38 6.11
CA VAL B 83 13.26 -7.12 5.49
C VAL B 83 13.07 -6.69 4.05
N GLU B 84 13.77 -5.63 3.67
CA GLU B 84 13.82 -5.16 2.29
C GLU B 84 15.26 -5.21 1.82
N ALA B 85 15.44 -5.11 0.50
CA ALA B 85 16.79 -5.19 -0.06
C ALA B 85 17.67 -4.06 0.45
N GLU B 86 17.08 -2.92 0.82
CA GLU B 86 17.85 -1.80 1.34
C GLU B 86 18.43 -2.07 2.72
N ASP B 87 17.84 -2.99 3.48
CA ASP B 87 18.30 -3.29 4.82
C ASP B 87 19.59 -4.11 4.84
N VAL B 88 20.07 -4.58 3.68
CA VAL B 88 21.27 -5.40 3.65
C VAL B 88 22.48 -4.56 4.06
N GLY B 89 23.46 -5.22 4.66
CA GLY B 89 24.64 -4.56 5.15
C GLY B 89 25.23 -5.35 6.31
N VAL B 90 26.15 -4.70 7.03
CA VAL B 90 26.78 -5.30 8.20
C VAL B 90 26.39 -4.51 9.43
N TYR B 91 25.88 -5.20 10.44
CA TYR B 91 25.37 -4.57 11.65
C TYR B 91 26.38 -4.66 12.78
N TYR B 92 26.51 -3.57 13.54
CA TYR B 92 27.48 -3.47 14.62
C TYR B 92 26.79 -2.97 15.88
N CYS B 93 27.25 -3.46 17.03
CA CYS B 93 26.81 -2.97 18.33
C CYS B 93 28.02 -2.41 19.08
N MET B 94 27.87 -1.20 19.60
CA MET B 94 28.95 -0.52 20.30
C MET B 94 28.46 0.05 21.61
N GLN B 95 29.21 -0.18 22.68
CA GLN B 95 28.88 0.39 23.98
C GLN B 95 29.58 1.73 24.16
N HIS B 96 28.85 2.70 24.71
CA HIS B 96 29.44 3.99 25.10
C HIS B 96 29.23 4.24 26.59
N LEU B 97 29.22 3.17 27.38
CA LEU B 97 29.11 3.28 28.84
C LEU B 97 30.46 3.44 29.52
N GLU B 98 31.45 2.65 29.10
CA GLU B 98 32.77 2.68 29.73
C GLU B 98 33.86 2.80 28.67
N TYR B 99 34.83 3.65 28.93
CA TYR B 99 35.98 3.82 28.07
C TYR B 99 36.96 2.65 28.27
N PRO B 100 37.58 2.14 27.19
CA PRO B 100 37.42 2.61 25.81
C PRO B 100 36.14 2.10 25.17
N TYR B 101 35.62 2.84 24.19
CA TYR B 101 34.44 2.39 23.47
C TYR B 101 34.80 1.19 22.60
N THR B 102 33.98 0.16 22.67
CA THR B 102 34.27 -1.10 21.98
C THR B 102 33.13 -1.46 21.03
N PHE B 103 33.49 -1.88 19.83
CA PHE B 103 32.54 -2.25 18.79
C PHE B 103 32.33 -3.76 18.78
N GLY B 104 31.22 -4.17 18.17
CA GLY B 104 30.98 -5.58 17.98
C GLY B 104 31.77 -6.15 16.82
N GLY B 105 31.84 -7.48 16.78
CA GLY B 105 32.56 -8.14 15.69
C GLY B 105 31.91 -7.90 14.35
N GLY B 106 30.58 -7.96 14.29
CA GLY B 106 29.86 -7.72 13.06
C GLY B 106 28.96 -8.87 12.65
N THR B 107 27.75 -8.55 12.22
CA THR B 107 26.81 -9.53 11.71
C THR B 107 26.30 -9.06 10.35
N LYS B 108 26.40 -9.93 9.36
CA LYS B 108 26.01 -9.60 8.00
C LYS B 108 24.60 -10.10 7.72
N LEU B 109 23.75 -9.22 7.21
CA LEU B 109 22.42 -9.62 6.76
C LEU B 109 22.54 -10.22 5.36
N GLU B 110 22.10 -11.45 5.21
CA GLU B 110 22.15 -12.15 3.92
C GLU B 110 20.73 -12.54 3.54
N ILE B 111 20.20 -11.90 2.50
CA ILE B 111 18.83 -12.15 2.06
C ILE B 111 18.81 -13.36 1.15
N LYS B 112 17.90 -14.29 1.43
CA LYS B 112 17.79 -15.55 0.67
C LYS B 112 16.77 -15.34 -0.45
N ARG B 113 17.24 -14.70 -1.52
CA ARG B 113 16.41 -14.43 -2.69
C ARG B 113 16.23 -15.70 -3.51
N ALA B 114 15.16 -15.73 -4.30
CA ALA B 114 14.96 -16.80 -5.26
C ALA B 114 16.06 -16.79 -6.32
N ASP B 115 16.33 -17.96 -6.89
CA ASP B 115 17.40 -18.09 -7.86
C ASP B 115 17.15 -17.19 -9.08
N ALA B 116 18.21 -16.54 -9.54
CA ALA B 116 18.14 -15.60 -10.66
C ALA B 116 19.21 -15.91 -11.68
N ALA B 117 18.89 -15.71 -12.96
CA ALA B 117 19.81 -15.94 -14.07
C ALA B 117 20.59 -14.68 -14.38
N PRO B 118 21.92 -14.74 -14.42
CA PRO B 118 22.70 -13.52 -14.68
C PRO B 118 22.48 -13.01 -16.10
N THR B 119 22.48 -11.69 -16.24
CA THR B 119 22.56 -11.06 -17.55
C THR B 119 24.03 -10.85 -17.87
N VAL B 120 24.46 -11.38 -19.02
CA VAL B 120 25.87 -11.45 -19.38
C VAL B 120 26.14 -10.45 -20.50
N SER B 121 27.11 -9.57 -20.27
CA SER B 121 27.57 -8.61 -21.28
C SER B 121 29.06 -8.82 -21.49
N ILE B 122 29.48 -8.86 -22.75
CA ILE B 122 30.88 -9.07 -23.12
C ILE B 122 31.36 -7.84 -23.88
N PHE B 123 32.50 -7.29 -23.45
CA PHE B 123 33.05 -6.07 -24.00
C PHE B 123 34.47 -6.32 -24.49
N PRO B 124 34.72 -6.20 -25.80
CA PRO B 124 36.08 -6.31 -26.32
C PRO B 124 36.90 -5.08 -25.96
N PRO B 125 38.22 -5.15 -26.09
CA PRO B 125 39.06 -4.00 -25.71
C PRO B 125 38.73 -2.76 -26.54
N SER B 126 38.87 -1.60 -25.90
CA SER B 126 38.58 -0.33 -26.54
C SER B 126 39.73 0.10 -27.45
N SER B 127 39.49 1.15 -28.22
CA SER B 127 40.52 1.67 -29.11
C SER B 127 41.71 2.21 -28.32
N GLU B 128 41.45 3.09 -27.35
CA GLU B 128 42.52 3.64 -26.53
C GLU B 128 43.28 2.54 -25.80
N GLN B 129 42.58 1.48 -25.39
CA GLN B 129 43.27 0.35 -24.78
C GLN B 129 44.25 -0.30 -25.75
N LEU B 130 43.85 -0.46 -27.01
CA LEU B 130 44.73 -1.07 -27.99
C LEU B 130 45.93 -0.18 -28.30
N THR B 131 45.72 1.15 -28.38
CA THR B 131 46.86 2.04 -28.62
C THR B 131 47.80 2.13 -27.42
N SER B 132 47.39 1.66 -26.25
CA SER B 132 48.24 1.70 -25.06
C SER B 132 49.03 0.42 -24.86
N GLY B 133 48.93 -0.55 -25.77
CA GLY B 133 49.77 -1.73 -25.75
C GLY B 133 49.16 -2.95 -25.09
N GLY B 134 48.03 -2.82 -24.39
CA GLY B 134 47.37 -3.93 -23.76
C GLY B 134 45.99 -4.18 -24.35
N ALA B 135 45.32 -5.20 -23.80
CA ALA B 135 43.96 -5.50 -24.22
C ALA B 135 43.27 -6.27 -23.10
N SER B 136 42.25 -5.67 -22.49
CA SER B 136 41.47 -6.33 -21.45
C SER B 136 40.06 -6.58 -21.98
N VAL B 137 39.67 -7.84 -22.02
CA VAL B 137 38.31 -8.24 -22.34
C VAL B 137 37.50 -8.25 -21.05
N VAL B 138 36.38 -7.54 -21.03
CA VAL B 138 35.61 -7.35 -19.82
C VAL B 138 34.29 -8.11 -19.94
N CYS B 139 33.90 -8.79 -18.85
CA CYS B 139 32.63 -9.50 -18.81
C CYS B 139 31.87 -9.10 -17.56
N PHE B 140 30.61 -8.71 -17.74
CA PHE B 140 29.72 -8.33 -16.65
C PHE B 140 28.63 -9.37 -16.52
N LEU B 141 28.51 -9.97 -15.33
CA LEU B 141 27.43 -10.90 -15.01
C LEU B 141 26.60 -10.23 -13.92
N ASN B 142 25.48 -9.63 -14.31
CA ASN B 142 24.69 -8.83 -13.39
C ASN B 142 23.44 -9.58 -12.93
N ASN B 143 23.00 -9.29 -11.70
CA ASN B 143 21.68 -9.67 -11.23
C ASN B 143 21.49 -11.18 -11.24
N PHE B 144 22.33 -11.87 -10.48
CA PHE B 144 22.27 -13.32 -10.35
C PHE B 144 22.20 -13.70 -8.87
N TYR B 145 21.67 -14.91 -8.62
CA TYR B 145 21.58 -15.48 -7.29
C TYR B 145 21.55 -16.99 -7.47
N PRO B 146 22.26 -17.76 -6.62
CA PRO B 146 23.09 -17.33 -5.49
C PRO B 146 24.48 -16.83 -5.89
N LYS B 147 25.31 -16.56 -4.89
CA LYS B 147 26.70 -16.15 -5.11
C LYS B 147 27.57 -17.30 -5.58
N ASP B 148 27.05 -18.53 -5.60
CA ASP B 148 27.83 -19.70 -6.00
C ASP B 148 28.29 -19.63 -7.46
N ILE B 149 27.68 -18.75 -8.26
CA ILE B 149 27.96 -18.72 -9.69
C ILE B 149 29.39 -18.27 -9.94
N ASN B 150 30.09 -19.00 -10.81
CA ASN B 150 31.44 -18.66 -11.25
C ASN B 150 31.44 -18.41 -12.75
N VAL B 151 32.60 -17.98 -13.25
CA VAL B 151 32.74 -17.59 -14.65
C VAL B 151 33.83 -18.43 -15.30
N LYS B 152 33.64 -18.72 -16.60
CA LYS B 152 34.60 -19.44 -17.40
C LYS B 152 34.94 -18.61 -18.63
N TRP B 153 36.23 -18.54 -18.95
CA TRP B 153 36.71 -17.81 -20.12
C TRP B 153 37.21 -18.83 -21.15
N LYS B 154 36.82 -18.63 -22.40
CA LYS B 154 37.24 -19.52 -23.48
C LYS B 154 37.86 -18.69 -24.59
N ILE B 155 39.06 -19.09 -25.01
CA ILE B 155 39.78 -18.45 -26.10
C ILE B 155 39.87 -19.47 -27.23
N ASP B 156 39.18 -19.18 -28.33
CA ASP B 156 39.11 -20.09 -29.48
C ASP B 156 38.66 -21.49 -29.05
N GLY B 157 37.66 -21.54 -28.18
CA GLY B 157 37.11 -22.80 -27.71
C GLY B 157 37.90 -23.50 -26.64
N SER B 158 38.94 -22.86 -26.10
CA SER B 158 39.78 -23.46 -25.07
C SER B 158 39.72 -22.60 -23.81
N GLU B 159 39.54 -23.25 -22.67
CA GLU B 159 39.45 -22.53 -21.40
C GLU B 159 40.78 -21.88 -21.05
N ARG B 160 40.70 -20.65 -20.54
CA ARG B 160 41.87 -19.91 -20.07
C ARG B 160 41.66 -19.55 -18.61
N GLN B 161 42.67 -19.83 -17.78
CA GLN B 161 42.62 -19.50 -16.36
C GLN B 161 43.69 -18.51 -15.93
N ASN B 162 44.64 -18.17 -16.80
CA ASN B 162 45.70 -17.22 -16.49
C ASN B 162 45.41 -15.89 -17.16
N GLY B 163 45.50 -14.81 -16.38
CA GLY B 163 45.12 -13.50 -16.86
C GLY B 163 43.71 -13.08 -16.51
N VAL B 164 43.01 -13.86 -15.69
CA VAL B 164 41.62 -13.60 -15.32
C VAL B 164 41.58 -13.03 -13.91
N LEU B 165 40.89 -11.91 -13.75
CA LEU B 165 40.67 -11.30 -12.45
C LEU B 165 39.17 -11.13 -12.21
N ASN B 166 38.70 -11.60 -11.07
CA ASN B 166 37.28 -11.57 -10.73
C ASN B 166 37.03 -10.63 -9.57
N SER B 167 35.88 -9.94 -9.61
CA SER B 167 35.44 -9.10 -8.52
C SER B 167 33.94 -9.27 -8.33
N TRP B 168 33.53 -9.56 -7.09
CA TRP B 168 32.13 -9.78 -6.74
C TRP B 168 31.60 -8.57 -5.98
N THR B 169 30.41 -8.12 -6.35
CA THR B 169 29.70 -7.14 -5.53
C THR B 169 28.93 -7.87 -4.42
N ASP B 170 28.39 -7.08 -3.50
CA ASP B 170 27.55 -7.62 -2.44
C ASP B 170 26.08 -7.50 -2.86
N GLN B 171 25.19 -7.86 -1.93
CA GLN B 171 23.76 -7.89 -2.23
C GLN B 171 23.28 -6.52 -2.66
N ASP B 172 22.51 -6.48 -3.76
CA ASP B 172 21.98 -5.23 -4.25
C ASP B 172 20.91 -4.69 -3.31
N SER B 173 20.86 -3.36 -3.21
CA SER B 173 19.94 -2.70 -2.30
C SER B 173 18.53 -2.54 -2.86
N LYS B 174 18.33 -2.86 -4.14
CA LYS B 174 16.99 -2.85 -4.72
C LYS B 174 16.63 -4.16 -5.41
N ASP B 175 17.52 -5.15 -5.40
CA ASP B 175 17.25 -6.42 -6.06
C ASP B 175 17.63 -7.65 -5.24
N SER B 176 18.42 -7.51 -4.17
CA SER B 176 18.94 -8.63 -3.39
C SER B 176 19.78 -9.57 -4.23
N THR B 177 20.27 -9.11 -5.38
CA THR B 177 21.04 -9.93 -6.30
C THR B 177 22.53 -9.65 -6.14
N TYR B 178 23.34 -10.40 -6.87
CA TYR B 178 24.78 -10.22 -6.92
C TYR B 178 25.21 -9.85 -8.34
N SER B 179 26.40 -9.26 -8.43
CA SER B 179 27.00 -8.95 -9.71
C SER B 179 28.48 -9.29 -9.65
N MET B 180 29.03 -9.66 -10.80
CA MET B 180 30.44 -10.04 -10.88
C MET B 180 31.03 -9.46 -12.14
N SER B 181 32.29 -9.05 -12.05
CA SER B 181 33.06 -8.56 -13.18
C SER B 181 34.29 -9.43 -13.36
N SER B 182 34.55 -9.84 -14.60
CA SER B 182 35.71 -10.66 -14.93
C SER B 182 36.50 -9.96 -16.02
N THR B 183 37.76 -9.65 -15.73
CA THR B 183 38.64 -9.00 -16.69
C THR B 183 39.73 -9.99 -17.09
N LEU B 184 39.78 -10.31 -18.37
CA LEU B 184 40.84 -11.14 -18.94
C LEU B 184 41.81 -10.18 -19.63
N THR B 185 42.98 -9.98 -19.03
CA THR B 185 43.96 -9.01 -19.50
C THR B 185 45.08 -9.73 -20.22
N LEU B 186 45.39 -9.27 -21.43
CA LEU B 186 46.43 -9.87 -22.25
C LEU B 186 47.23 -8.77 -22.93
N THR B 187 48.41 -9.16 -23.41
CA THR B 187 49.16 -8.29 -24.30
C THR B 187 48.48 -8.23 -25.66
N LYS B 188 48.70 -7.13 -26.38
CA LYS B 188 48.09 -6.97 -27.69
C LYS B 188 48.51 -8.07 -28.65
N ASP B 189 49.73 -8.58 -28.51
CA ASP B 189 50.17 -9.70 -29.35
C ASP B 189 49.34 -10.95 -29.08
N GLU B 190 49.10 -11.26 -27.81
CA GLU B 190 48.29 -12.42 -27.48
C GLU B 190 46.84 -12.21 -27.90
N TYR B 191 46.34 -10.98 -27.76
CA TYR B 191 44.96 -10.70 -28.17
C TYR B 191 44.78 -10.89 -29.67
N GLU B 192 45.78 -10.51 -30.46
CA GLU B 192 45.74 -10.67 -31.90
C GLU B 192 46.20 -12.06 -32.34
N ARG B 193 46.54 -12.93 -31.40
CA ARG B 193 46.92 -14.30 -31.70
C ARG B 193 45.70 -15.22 -31.84
N HIS B 194 44.51 -14.74 -31.49
CA HIS B 194 43.29 -15.55 -31.54
C HIS B 194 42.18 -14.77 -32.23
N ASN B 195 41.03 -15.45 -32.41
CA ASN B 195 39.88 -14.89 -33.10
C ASN B 195 38.67 -14.74 -32.19
N SER B 196 38.23 -15.80 -31.54
CA SER B 196 36.97 -15.80 -30.79
C SER B 196 37.24 -15.73 -29.30
N TYR B 197 36.45 -14.91 -28.59
CA TYR B 197 36.54 -14.79 -27.14
C TYR B 197 35.15 -15.00 -26.55
N THR B 198 35.05 -15.91 -25.58
CA THR B 198 33.78 -16.33 -25.03
C THR B 198 33.80 -16.21 -23.51
N CYS B 199 32.72 -15.68 -22.94
CA CYS B 199 32.53 -15.59 -21.50
C CYS B 199 31.29 -16.38 -21.13
N GLU B 200 31.42 -17.25 -20.13
CA GLU B 200 30.41 -18.23 -19.80
C GLU B 200 30.08 -18.16 -18.31
N ALA B 201 28.78 -18.26 -17.99
CA ALA B 201 28.34 -18.27 -16.60
C ALA B 201 27.91 -19.67 -16.21
N THR B 202 28.45 -20.17 -15.10
CA THR B 202 28.15 -21.53 -14.65
C THR B 202 27.05 -21.53 -13.59
N LYS B 204 22.18 -20.71 -10.84
CA LYS B 204 21.82 -22.12 -10.71
C LYS B 204 20.42 -22.39 -11.22
N THR B 205 19.94 -21.50 -12.07
CA THR B 205 18.62 -21.63 -12.70
C THR B 205 18.70 -21.85 -14.20
N SER B 206 19.90 -22.16 -14.72
CA SER B 206 20.06 -22.42 -16.15
C SER B 206 21.34 -23.23 -16.34
N THR B 207 21.20 -24.45 -16.85
CA THR B 207 22.34 -25.32 -17.08
C THR B 207 22.13 -26.20 -18.31
N PRO B 209 26.46 -23.05 -20.40
CA PRO B 209 25.02 -22.84 -20.22
C PRO B 209 24.56 -21.53 -20.83
N ILE B 210 25.01 -20.42 -20.24
CA ILE B 210 24.71 -19.08 -20.72
C ILE B 210 26.03 -18.43 -21.10
N VAL B 211 26.20 -18.15 -22.39
CA VAL B 211 27.47 -17.70 -22.95
C VAL B 211 27.24 -16.43 -23.75
N LYS B 212 28.29 -15.62 -23.86
CA LYS B 212 28.32 -14.48 -24.76
C LYS B 212 29.71 -14.40 -25.37
N SER B 213 29.78 -14.25 -26.69
CA SER B 213 31.03 -14.33 -27.41
C SER B 213 31.14 -13.20 -28.41
N PHE B 214 32.39 -12.88 -28.76
CA PHE B 214 32.64 -11.96 -29.86
C PHE B 214 33.81 -12.48 -30.70
N ASN B 215 33.80 -12.11 -31.97
CA ASN B 215 34.84 -12.48 -32.92
C ASN B 215 35.46 -11.19 -33.47
N ARG B 216 36.79 -11.16 -33.50
CA ARG B 216 37.51 -9.99 -34.00
C ARG B 216 37.23 -9.74 -35.48
N GLN C 20 -19.57 -22.29 -13.57
CA GLN C 20 -20.34 -23.30 -14.26
C GLN C 20 -21.44 -22.68 -15.09
N VAL C 21 -21.73 -21.41 -14.82
CA VAL C 21 -22.60 -20.66 -15.72
C VAL C 21 -21.87 -20.52 -17.05
N GLN C 22 -22.43 -21.13 -18.10
CA GLN C 22 -21.77 -21.12 -19.39
C GLN C 22 -22.79 -20.86 -20.49
N MET C 23 -22.40 -20.00 -21.43
CA MET C 23 -23.19 -19.69 -22.62
C MET C 23 -22.26 -19.89 -23.81
N GLN C 24 -22.18 -21.15 -24.27
CA GLN C 24 -21.36 -21.46 -25.43
C GLN C 24 -21.98 -20.85 -26.67
N GLN C 25 -21.14 -20.20 -27.47
CA GLN C 25 -21.55 -19.57 -28.71
C GLN C 25 -20.55 -19.95 -29.80
N PRO C 26 -21.01 -20.14 -31.03
CA PRO C 26 -20.08 -20.41 -32.13
C PRO C 26 -19.08 -19.27 -32.28
N GLY C 27 -17.81 -19.63 -32.53
CA GLY C 27 -16.78 -18.62 -32.64
C GLY C 27 -17.01 -17.67 -33.80
N ALA C 28 -17.34 -18.22 -34.96
CA ALA C 28 -17.59 -17.41 -36.15
C ALA C 28 -18.58 -18.15 -37.04
N GLU C 29 -19.32 -17.38 -37.82
CA GLU C 29 -20.23 -17.94 -38.82
C GLU C 29 -20.15 -17.08 -40.07
N LEU C 30 -19.83 -17.70 -41.21
CA LEU C 30 -19.63 -17.00 -42.46
C LEU C 30 -20.74 -17.37 -43.43
N VAL C 31 -21.41 -16.36 -43.97
CA VAL C 31 -22.57 -16.55 -44.84
C VAL C 31 -22.49 -15.62 -46.03
N LYS C 32 -23.21 -15.97 -47.09
CA LYS C 32 -23.25 -15.17 -48.30
C LYS C 32 -24.24 -14.01 -48.15
N PRO C 33 -24.01 -12.90 -48.85
CA PRO C 33 -24.97 -11.79 -48.81
C PRO C 33 -26.33 -12.21 -49.34
N GLY C 34 -27.37 -11.62 -48.77
CA GLY C 34 -28.72 -11.95 -49.16
C GLY C 34 -29.21 -13.30 -48.68
N ALA C 35 -28.61 -13.83 -47.62
CA ALA C 35 -28.98 -15.13 -47.06
C ALA C 35 -29.44 -14.95 -45.61
N SER C 36 -29.69 -16.07 -44.94
CA SER C 36 -30.12 -16.08 -43.55
C SER C 36 -29.24 -17.06 -42.77
N VAL C 37 -28.92 -16.70 -41.53
CA VAL C 37 -28.05 -17.51 -40.69
C VAL C 37 -28.72 -17.72 -39.33
N LYS C 38 -28.61 -18.94 -38.81
CA LYS C 38 -29.13 -19.27 -37.48
C LYS C 38 -27.96 -19.34 -36.51
N LEU C 39 -27.89 -18.38 -35.60
CA LEU C 39 -26.85 -18.33 -34.58
C LEU C 39 -27.39 -18.94 -33.29
N SER C 40 -26.63 -19.88 -32.73
CA SER C 40 -27.04 -20.61 -31.55
C SER C 40 -26.38 -20.04 -30.30
N CYS C 41 -26.96 -20.36 -29.15
CA CYS C 41 -26.41 -20.00 -27.85
C CYS C 41 -26.84 -21.08 -26.87
N LYS C 42 -25.89 -21.93 -26.48
CA LYS C 42 -26.17 -23.09 -25.65
C LYS C 42 -25.85 -22.76 -24.20
N ALA C 43 -26.85 -22.81 -23.34
CA ALA C 43 -26.72 -22.43 -21.95
C ALA C 43 -26.62 -23.66 -21.06
N SER C 44 -25.76 -23.59 -20.04
CA SER C 44 -25.64 -24.66 -19.07
C SER C 44 -25.20 -24.06 -17.74
N GLY C 45 -25.46 -24.81 -16.67
CA GLY C 45 -25.05 -24.41 -15.34
C GLY C 45 -26.01 -23.53 -14.58
N TYR C 46 -27.20 -23.26 -15.11
CA TYR C 46 -28.19 -22.48 -14.39
C TYR C 46 -29.57 -22.85 -14.89
N THR C 47 -30.58 -22.52 -14.08
CA THR C 47 -31.97 -22.89 -14.35
C THR C 47 -32.48 -22.07 -15.53
N PHE C 48 -32.40 -22.65 -16.73
CA PHE C 48 -32.62 -21.88 -17.96
C PHE C 48 -34.04 -21.29 -18.01
N ILE C 49 -35.03 -22.03 -17.55
CA ILE C 49 -36.42 -21.59 -17.67
C ILE C 49 -36.68 -20.28 -16.94
N SER C 50 -35.84 -19.92 -15.97
CA SER C 50 -36.06 -18.73 -15.16
C SER C 50 -35.32 -17.51 -15.68
N TYR C 51 -34.63 -17.60 -16.81
CA TYR C 51 -33.90 -16.46 -17.37
C TYR C 51 -34.33 -16.22 -18.80
N TRP C 52 -34.65 -14.96 -19.12
CA TRP C 52 -34.81 -14.54 -20.50
C TRP C 52 -33.45 -14.40 -21.16
N MET C 53 -33.45 -14.48 -22.48
CA MET C 53 -32.26 -14.33 -23.30
C MET C 53 -32.35 -13.00 -24.05
N HIS C 54 -31.33 -12.16 -23.89
CA HIS C 54 -31.20 -10.90 -24.60
C HIS C 54 -30.08 -11.01 -25.61
N TRP C 55 -30.24 -10.35 -26.74
CA TRP C 55 -29.25 -10.38 -27.80
C TRP C 55 -28.72 -8.97 -28.03
N VAL C 56 -27.39 -8.85 -28.12
CA VAL C 56 -26.71 -7.56 -28.26
C VAL C 56 -25.83 -7.62 -29.51
N LYS C 57 -25.90 -6.56 -30.31
CA LYS C 57 -25.13 -6.45 -31.54
C LYS C 57 -24.07 -5.37 -31.38
N GLN C 58 -22.84 -5.67 -31.78
CA GLN C 58 -21.74 -4.72 -31.73
C GLN C 58 -20.99 -4.75 -33.06
N ARG C 59 -21.04 -3.64 -33.78
CA ARG C 59 -20.23 -3.49 -34.98
C ARG C 59 -18.82 -3.04 -34.61
N PRO C 60 -17.82 -3.31 -35.48
CA PRO C 60 -16.45 -2.93 -35.15
C PRO C 60 -16.29 -1.47 -34.75
N GLY C 61 -15.96 -1.24 -33.48
CA GLY C 61 -15.78 0.11 -32.96
C GLY C 61 -17.01 0.99 -33.10
N ARG C 62 -18.21 0.41 -32.92
CA ARG C 62 -19.45 1.16 -33.06
C ARG C 62 -20.35 1.05 -31.84
N GLY C 63 -19.86 0.51 -30.72
CA GLY C 63 -20.66 0.40 -29.52
C GLY C 63 -21.61 -0.78 -29.54
N LEU C 64 -22.38 -0.90 -28.47
CA LEU C 64 -23.29 -2.02 -28.27
C LEU C 64 -24.73 -1.60 -28.59
N GLU C 65 -25.44 -2.48 -29.29
CA GLU C 65 -26.84 -2.25 -29.65
C GLU C 65 -27.68 -3.42 -29.21
N TRP C 66 -28.79 -3.13 -28.54
CA TRP C 66 -29.70 -4.17 -28.06
C TRP C 66 -30.64 -4.60 -29.19
N ILE C 67 -30.86 -5.91 -29.31
CA ILE C 67 -31.62 -6.49 -30.40
C ILE C 67 -32.98 -7.02 -29.93
N GLY C 68 -32.98 -8.01 -29.04
CA GLY C 68 -34.22 -8.69 -28.71
C GLY C 68 -34.17 -9.40 -27.38
N ARG C 69 -35.37 -9.67 -26.86
CA ARG C 69 -35.58 -10.44 -25.64
C ARG C 69 -36.54 -11.58 -25.94
N ILE C 70 -36.15 -12.80 -25.54
CA ILE C 70 -36.97 -14.00 -25.68
C ILE C 70 -37.13 -14.65 -24.31
N ALA C 71 -38.35 -15.03 -23.96
CA ALA C 71 -38.65 -15.68 -22.69
C ALA C 71 -38.90 -17.16 -22.91
N PRO C 72 -38.00 -18.06 -22.47
CA PRO C 72 -38.30 -19.49 -22.59
C PRO C 72 -39.50 -19.92 -21.76
N ASP C 73 -39.80 -19.21 -20.67
CA ASP C 73 -40.97 -19.55 -19.86
C ASP C 73 -42.25 -19.38 -20.65
N THR C 74 -42.38 -18.26 -21.35
CA THR C 74 -43.63 -17.88 -22.02
C THR C 74 -43.55 -17.93 -23.54
N GLY C 75 -42.46 -17.45 -24.13
CA GLY C 75 -42.35 -17.32 -25.56
C GLY C 75 -42.57 -15.93 -26.09
N ILE C 76 -43.03 -15.00 -25.25
CA ILE C 76 -43.26 -13.63 -25.69
C ILE C 76 -41.92 -12.99 -26.04
N ILE C 77 -41.79 -12.54 -27.29
CA ILE C 77 -40.59 -11.88 -27.76
C ILE C 77 -40.84 -10.38 -27.77
N TYR C 78 -39.90 -9.61 -27.23
CA TYR C 78 -39.95 -8.16 -27.35
C TYR C 78 -38.71 -7.69 -28.10
N TYR C 79 -38.93 -6.98 -29.20
CA TYR C 79 -37.87 -6.62 -30.13
C TYR C 79 -37.50 -5.15 -29.98
N ASN C 80 -36.52 -4.73 -30.78
CA ASN C 80 -36.25 -3.33 -31.06
C ASN C 80 -36.84 -3.00 -32.42
N GLU C 81 -37.43 -1.81 -32.54
CA GLU C 81 -38.11 -1.44 -33.78
C GLU C 81 -37.15 -1.44 -34.97
N LYS C 82 -35.85 -1.21 -34.73
CA LYS C 82 -34.88 -1.23 -35.81
C LYS C 82 -34.72 -2.63 -36.39
N PHE C 83 -34.56 -3.62 -35.53
CA PHE C 83 -34.37 -5.01 -35.97
C PHE C 83 -35.69 -5.77 -36.04
N LYS C 84 -36.69 -5.20 -36.72
CA LYS C 84 -37.96 -5.90 -36.85
C LYS C 84 -37.88 -7.02 -37.89
N ASN C 85 -37.12 -6.80 -38.96
CA ASN C 85 -37.03 -7.75 -40.08
C ASN C 85 -35.84 -8.69 -39.96
N LYS C 86 -34.67 -8.17 -39.58
CA LYS C 86 -33.47 -9.00 -39.55
C LYS C 86 -33.56 -10.09 -38.50
N ALA C 87 -34.09 -9.77 -37.32
CA ALA C 87 -34.02 -10.68 -36.18
C ALA C 87 -35.26 -11.55 -36.08
N THR C 88 -35.04 -12.84 -35.82
CA THR C 88 -36.12 -13.78 -35.52
C THR C 88 -35.63 -14.68 -34.38
N LEU C 89 -36.12 -14.42 -33.18
CA LEU C 89 -35.67 -15.14 -31.99
C LEU C 89 -36.47 -16.41 -31.80
N THR C 90 -35.78 -17.49 -31.43
CA THR C 90 -36.41 -18.77 -31.14
C THR C 90 -35.70 -19.39 -29.94
N VAL C 91 -36.36 -20.33 -29.29
CA VAL C 91 -35.77 -20.97 -28.11
C VAL C 91 -36.26 -22.41 -28.05
N ASP C 92 -35.34 -23.32 -27.72
CA ASP C 92 -35.66 -24.71 -27.43
C ASP C 92 -35.25 -24.97 -26.00
N THR C 93 -36.23 -24.88 -25.09
CA THR C 93 -35.99 -25.17 -23.68
C THR C 93 -35.49 -26.60 -23.43
N PRO C 94 -36.02 -27.65 -24.09
CA PRO C 94 -35.49 -29.00 -23.85
C PRO C 94 -33.96 -29.10 -23.88
N SER C 95 -33.32 -28.64 -24.96
CA SER C 95 -31.87 -28.67 -25.04
C SER C 95 -31.21 -27.41 -24.49
N SER C 96 -32.01 -26.50 -23.92
CA SER C 96 -31.50 -25.27 -23.31
C SER C 96 -30.70 -24.44 -24.30
N THR C 97 -31.27 -24.23 -25.48
CA THR C 97 -30.55 -23.52 -26.55
C THR C 97 -31.41 -22.40 -27.11
N ALA C 98 -30.86 -21.19 -27.11
CA ALA C 98 -31.49 -20.07 -27.78
C ALA C 98 -30.96 -19.94 -29.20
N TYR C 99 -31.78 -19.38 -30.09
CA TYR C 99 -31.42 -19.23 -31.49
C TYR C 99 -31.86 -17.86 -31.98
N MET C 100 -31.08 -17.31 -32.90
CA MET C 100 -31.42 -16.06 -33.57
C MET C 100 -31.21 -16.24 -35.06
N GLN C 101 -32.27 -16.10 -35.84
CA GLN C 101 -32.21 -16.16 -37.28
C GLN C 101 -32.11 -14.75 -37.85
N LEU C 102 -31.08 -14.52 -38.66
CA LEU C 102 -30.84 -13.23 -39.29
C LEU C 102 -31.10 -13.37 -40.79
N ASN C 103 -31.98 -12.52 -41.32
CA ASN C 103 -32.45 -12.61 -42.69
C ASN C 103 -32.07 -11.35 -43.46
N SER C 104 -31.96 -11.49 -44.78
CA SER C 104 -31.59 -10.40 -45.68
C SER C 104 -30.30 -9.73 -45.22
N LEU C 105 -29.24 -10.51 -45.20
CA LEU C 105 -27.99 -10.10 -44.58
C LEU C 105 -27.19 -9.19 -45.51
N THR C 106 -26.75 -8.05 -44.97
CA THR C 106 -25.92 -7.09 -45.68
C THR C 106 -24.65 -6.85 -44.89
N SER C 107 -23.74 -6.06 -45.48
CA SER C 107 -22.46 -5.80 -44.84
C SER C 107 -22.62 -5.04 -43.54
N GLU C 108 -23.72 -4.29 -43.39
CA GLU C 108 -23.97 -3.58 -42.13
C GLU C 108 -24.18 -4.56 -40.98
N ASP C 109 -24.92 -5.65 -41.23
CA ASP C 109 -25.21 -6.62 -40.19
C ASP C 109 -24.00 -7.45 -39.79
N SER C 110 -22.91 -7.40 -40.55
CA SER C 110 -21.68 -8.09 -40.19
C SER C 110 -21.10 -7.53 -38.90
N ALA C 111 -21.12 -8.30 -37.82
CA ALA C 111 -20.78 -7.76 -36.50
C ALA C 111 -20.68 -8.91 -35.50
N VAL C 112 -20.43 -8.56 -34.24
CA VAL C 112 -20.39 -9.53 -33.15
C VAL C 112 -21.75 -9.54 -32.46
N TYR C 113 -22.21 -10.74 -32.09
CA TYR C 113 -23.51 -10.91 -31.46
C TYR C 113 -23.34 -11.68 -30.15
N TYR C 114 -23.77 -11.07 -29.05
CA TYR C 114 -23.71 -11.67 -27.73
C TYR C 114 -25.09 -12.08 -27.27
N CYS C 115 -25.18 -13.22 -26.59
CA CYS C 115 -26.36 -13.61 -25.85
C CYS C 115 -26.07 -13.43 -24.37
N ALA C 116 -26.96 -12.70 -23.68
CA ALA C 116 -26.80 -12.43 -22.25
C ALA C 116 -28.08 -12.83 -21.53
N ARG C 117 -27.92 -13.48 -20.38
CA ARG C 117 -29.06 -13.90 -19.61
C ARG C 117 -29.63 -12.74 -18.79
N TYR C 118 -30.88 -12.89 -18.37
CA TYR C 118 -31.56 -11.84 -17.62
C TYR C 118 -32.66 -12.51 -16.80
N LEU C 119 -32.48 -12.59 -15.49
CA LEU C 119 -33.47 -13.26 -14.66
C LEU C 119 -34.83 -12.58 -14.79
N LYS C 120 -35.88 -13.38 -15.00
CA LYS C 120 -37.22 -12.82 -15.17
C LYS C 120 -37.77 -12.23 -13.88
N TYR C 121 -37.10 -12.44 -12.76
CA TYR C 121 -37.54 -11.92 -11.47
C TYR C 121 -36.64 -10.77 -11.04
N ASP C 122 -37.25 -9.73 -10.49
CA ASP C 122 -36.51 -8.60 -9.95
C ASP C 122 -35.99 -8.92 -8.56
N GLY C 123 -35.01 -8.13 -8.11
CA GLY C 123 -34.42 -8.30 -6.81
C GLY C 123 -33.20 -9.20 -6.76
N SER C 124 -32.60 -9.51 -7.91
CA SER C 124 -31.45 -10.39 -7.98
C SER C 124 -30.26 -9.68 -8.61
N THR C 125 -29.13 -10.37 -8.64
CA THR C 125 -27.94 -9.90 -9.35
C THR C 125 -27.66 -10.74 -10.60
N TYR C 126 -28.68 -11.41 -11.13
CA TYR C 126 -28.53 -12.32 -12.26
C TYR C 126 -29.13 -11.73 -13.54
N ARG C 127 -28.96 -10.42 -13.73
CA ARG C 127 -29.44 -9.73 -14.92
C ARG C 127 -28.22 -9.16 -15.65
N PHE C 128 -27.94 -9.70 -16.84
CA PHE C 128 -26.71 -9.43 -17.57
C PHE C 128 -25.48 -9.78 -16.73
N ASP C 129 -25.66 -10.75 -15.82
CA ASP C 129 -24.56 -11.25 -15.01
C ASP C 129 -23.46 -11.83 -15.89
N TYR C 130 -23.80 -12.86 -16.64
CA TYR C 130 -22.86 -13.51 -17.54
C TYR C 130 -23.19 -13.16 -18.99
N TRP C 131 -22.20 -13.31 -19.86
CA TRP C 131 -22.35 -13.05 -21.29
C TRP C 131 -21.72 -14.19 -22.07
N GLY C 132 -22.19 -14.36 -23.31
CA GLY C 132 -21.50 -15.23 -24.23
C GLY C 132 -20.25 -14.58 -24.78
N GLN C 133 -19.34 -15.40 -25.30
CA GLN C 133 -18.11 -14.88 -25.87
C GLN C 133 -18.37 -14.04 -27.12
N GLY C 134 -19.53 -14.20 -27.75
CA GLY C 134 -19.86 -13.44 -28.93
C GLY C 134 -19.54 -14.18 -30.21
N THR C 135 -20.52 -14.26 -31.11
CA THR C 135 -20.35 -14.88 -32.41
C THR C 135 -20.05 -13.80 -33.44
N THR C 136 -18.97 -13.99 -34.20
CA THR C 136 -18.57 -13.03 -35.23
C THR C 136 -19.25 -13.41 -36.54
N LEU C 137 -20.32 -12.72 -36.88
CA LEU C 137 -21.03 -12.94 -38.14
C LEU C 137 -20.37 -12.09 -39.22
N THR C 138 -19.73 -12.76 -40.17
CA THR C 138 -19.10 -12.14 -41.33
C THR C 138 -19.88 -12.54 -42.57
N VAL C 139 -20.37 -11.55 -43.31
CA VAL C 139 -21.15 -11.79 -44.52
C VAL C 139 -20.31 -11.36 -45.71
N SER C 140 -19.97 -12.31 -46.57
CA SER C 140 -19.14 -12.06 -47.74
C SER C 140 -19.26 -13.24 -48.68
N SER C 141 -18.84 -13.00 -49.93
CA SER C 141 -18.86 -14.03 -50.96
C SER C 141 -17.59 -14.87 -50.98
N ALA C 142 -16.69 -14.66 -50.02
CA ALA C 142 -15.40 -15.33 -50.00
C ALA C 142 -15.53 -16.73 -49.39
N LYS C 143 -14.39 -17.39 -49.19
CA LYS C 143 -14.35 -18.75 -48.65
C LYS C 143 -13.43 -18.79 -47.44
N THR C 144 -13.67 -19.76 -46.56
CA THR C 144 -12.83 -19.93 -45.39
C THR C 144 -11.43 -20.37 -45.78
N THR C 145 -10.42 -19.81 -45.11
CA THR C 145 -9.02 -20.08 -45.42
C THR C 145 -8.27 -20.33 -44.13
N PRO C 146 -7.68 -21.50 -43.93
CA PRO C 146 -6.84 -21.72 -42.75
C PRO C 146 -5.67 -20.76 -42.77
N PRO C 147 -5.20 -20.34 -41.58
CA PRO C 147 -4.16 -19.31 -41.53
C PRO C 147 -2.77 -19.85 -41.76
N SER C 148 -1.93 -19.02 -42.36
CA SER C 148 -0.52 -19.33 -42.55
C SER C 148 0.28 -18.66 -41.44
N VAL C 149 1.01 -19.45 -40.67
CA VAL C 149 1.75 -18.98 -39.50
C VAL C 149 3.24 -19.03 -39.81
N TYR C 150 3.92 -17.91 -39.62
CA TYR C 150 5.35 -17.81 -39.85
C TYR C 150 6.07 -17.37 -38.59
N PRO C 151 7.08 -18.10 -38.13
CA PRO C 151 7.83 -17.66 -36.96
C PRO C 151 8.71 -16.46 -37.26
N LEU C 152 9.00 -15.68 -36.22
CA LEU C 152 9.81 -14.47 -36.33
C LEU C 152 10.78 -14.46 -35.16
N ALA C 153 12.01 -14.90 -35.42
CA ALA C 153 13.18 -14.94 -34.56
C ALA C 153 14.10 -13.78 -34.88
N PRO C 154 14.85 -13.27 -33.90
CA PRO C 154 15.67 -12.08 -34.15
C PRO C 154 16.81 -12.38 -35.10
N GLY C 155 17.40 -11.29 -35.63
CA GLY C 155 18.52 -11.41 -36.53
C GLY C 155 19.74 -12.04 -35.91
N CYS C 156 20.83 -12.13 -36.67
CA CYS C 156 22.04 -12.81 -36.21
C CYS C 156 22.78 -12.03 -35.12
N GLY C 157 22.26 -10.89 -34.66
CA GLY C 157 22.89 -10.19 -33.56
C GLY C 157 22.47 -10.73 -32.21
N ASP C 158 23.27 -10.38 -31.19
CA ASP C 158 23.00 -10.77 -29.81
C ASP C 158 22.38 -9.57 -29.10
N THR C 159 21.14 -9.72 -28.66
CA THR C 159 20.43 -8.62 -28.02
C THR C 159 21.12 -8.25 -26.71
N THR C 160 21.37 -6.95 -26.55
CA THR C 160 22.09 -6.46 -25.37
C THR C 160 21.24 -6.45 -24.11
N GLY C 161 19.92 -6.49 -24.24
CA GLY C 161 19.07 -6.49 -23.08
C GLY C 161 18.91 -7.86 -22.46
N SER C 162 18.24 -7.89 -21.31
CA SER C 162 17.92 -9.14 -20.63
C SER C 162 16.70 -9.83 -21.22
N SER C 163 15.93 -9.15 -22.06
CA SER C 163 14.71 -9.68 -22.65
C SER C 163 14.79 -9.59 -24.16
N VAL C 164 14.36 -10.66 -24.83
CA VAL C 164 14.32 -10.71 -26.29
C VAL C 164 12.86 -10.84 -26.73
N THR C 165 12.55 -10.23 -27.86
CA THR C 165 11.20 -10.22 -28.41
C THR C 165 11.12 -11.17 -29.59
N LEU C 166 10.33 -12.23 -29.45
CA LEU C 166 10.00 -13.12 -30.55
C LEU C 166 8.60 -12.80 -31.05
N GLY C 167 8.23 -13.42 -32.17
CA GLY C 167 6.88 -13.20 -32.66
C GLY C 167 6.46 -14.26 -33.64
N CYS C 168 5.18 -14.18 -34.02
CA CYS C 168 4.67 -14.98 -35.12
C CYS C 168 3.70 -14.14 -35.94
N LEU C 169 3.78 -14.29 -37.26
CA LEU C 169 2.97 -13.55 -38.20
C LEU C 169 1.92 -14.48 -38.79
N VAL C 170 0.65 -14.12 -38.64
CA VAL C 170 -0.47 -14.91 -39.11
C VAL C 170 -1.03 -14.19 -40.33
N LYS C 171 -0.79 -14.75 -41.50
CA LYS C 171 -1.18 -14.13 -42.76
C LYS C 171 -2.13 -15.05 -43.51
N GLY C 172 -3.07 -14.45 -44.22
CA GLY C 172 -3.91 -15.20 -45.13
C GLY C 172 -4.90 -16.13 -44.47
N TYR C 173 -5.90 -15.56 -43.81
CA TYR C 173 -7.00 -16.33 -43.25
C TYR C 173 -8.29 -15.56 -43.39
N PHE C 174 -9.41 -16.30 -43.39
CA PHE C 174 -10.73 -15.71 -43.51
C PHE C 174 -11.73 -16.71 -42.97
N PRO C 175 -12.75 -16.26 -42.22
CA PRO C 175 -12.92 -14.89 -41.74
C PRO C 175 -12.38 -14.71 -40.33
N GLU C 176 -12.71 -13.58 -39.71
CA GLU C 176 -12.37 -13.36 -38.32
C GLU C 176 -13.18 -14.30 -37.42
N PRO C 177 -12.69 -14.60 -36.21
CA PRO C 177 -11.40 -14.23 -35.63
C PRO C 177 -10.45 -15.41 -35.47
N VAL C 178 -9.23 -15.13 -34.98
CA VAL C 178 -8.30 -16.16 -34.54
C VAL C 178 -7.80 -15.77 -33.16
N THR C 179 -7.29 -16.77 -32.44
CA THR C 179 -6.74 -16.58 -31.11
C THR C 179 -5.29 -17.03 -31.07
N VAL C 180 -4.43 -16.22 -30.46
CA VAL C 180 -3.00 -16.49 -30.40
C VAL C 180 -2.60 -16.68 -28.94
N THR C 181 -1.89 -17.77 -28.67
CA THR C 181 -1.33 -18.04 -27.35
C THR C 181 0.14 -18.43 -27.51
N TRP C 182 0.86 -18.35 -26.40
CA TRP C 182 2.29 -18.68 -26.36
C TRP C 182 2.49 -19.74 -25.28
N ASN C 183 2.58 -21.00 -25.70
CA ASN C 183 2.67 -22.16 -24.81
C ASN C 183 1.40 -22.31 -23.99
N SER C 184 0.43 -21.42 -24.19
CA SER C 184 -0.83 -21.35 -23.46
C SER C 184 -0.63 -21.13 -21.97
N GLY C 185 0.63 -21.01 -21.53
CA GLY C 185 0.93 -20.74 -20.13
C GLY C 185 1.89 -19.59 -19.96
N SER C 186 2.56 -19.20 -21.04
CA SER C 186 3.43 -18.04 -21.07
C SER C 186 2.72 -16.79 -21.54
N LEU C 187 1.42 -16.87 -21.77
CA LEU C 187 0.65 -15.75 -22.28
C LEU C 187 0.50 -14.66 -21.21
N SER C 188 0.20 -13.44 -21.70
CA SER C 188 -0.09 -12.28 -20.87
C SER C 188 1.15 -11.76 -20.13
N SER C 189 2.26 -12.47 -20.25
CA SER C 189 3.53 -12.03 -19.65
C SER C 189 4.40 -11.46 -20.77
N GLY C 190 4.17 -10.20 -21.08
CA GLY C 190 4.86 -9.57 -22.18
C GLY C 190 4.36 -9.95 -23.55
N VAL C 191 3.06 -10.25 -23.67
CA VAL C 191 2.45 -10.69 -24.92
C VAL C 191 1.64 -9.54 -25.48
N HIS C 192 1.83 -9.24 -26.76
CA HIS C 192 1.08 -8.21 -27.46
C HIS C 192 0.55 -8.80 -28.76
N THR C 193 -0.77 -8.86 -28.89
CA THR C 193 -1.43 -9.31 -30.12
C THR C 193 -2.16 -8.13 -30.74
N PHE C 194 -1.85 -7.83 -31.99
CA PHE C 194 -2.37 -6.66 -32.66
C PHE C 194 -3.63 -7.01 -33.46
N PRO C 195 -4.58 -6.08 -33.53
CA PRO C 195 -5.80 -6.34 -34.31
C PRO C 195 -5.48 -6.64 -35.77
N ALA C 196 -6.26 -7.55 -36.36
CA ALA C 196 -6.05 -7.95 -37.73
C ALA C 196 -6.32 -6.80 -38.69
N VAL C 197 -5.64 -6.83 -39.83
CA VAL C 197 -5.80 -5.85 -40.89
C VAL C 197 -6.19 -6.60 -42.17
N LEU C 198 -7.13 -6.03 -42.92
CA LEU C 198 -7.67 -6.65 -44.12
C LEU C 198 -6.93 -6.10 -45.34
N GLN C 199 -6.13 -6.95 -45.99
CA GLN C 199 -5.44 -6.61 -47.22
C GLN C 199 -5.63 -7.74 -48.22
N SER C 200 -6.00 -7.39 -49.45
CA SER C 200 -6.24 -8.37 -50.52
C SER C 200 -7.30 -9.39 -50.11
N ASP C 201 -8.35 -8.91 -49.45
CA ASP C 201 -9.51 -9.70 -49.02
C ASP C 201 -9.16 -10.81 -48.05
N LEU C 202 -7.94 -10.82 -47.50
CA LEU C 202 -7.53 -11.81 -46.52
C LEU C 202 -6.96 -11.09 -45.29
N TYR C 203 -7.07 -11.75 -44.14
CA TYR C 203 -6.71 -11.12 -42.87
C TYR C 203 -5.26 -11.42 -42.49
N THR C 204 -4.64 -10.46 -41.81
CA THR C 204 -3.27 -10.57 -41.36
C THR C 204 -3.12 -9.91 -40.00
N LEU C 205 -2.41 -10.58 -39.10
CA LEU C 205 -2.08 -10.01 -37.80
C LEU C 205 -0.72 -10.54 -37.37
N SER C 206 -0.22 -9.96 -36.27
CA SER C 206 1.07 -10.36 -35.72
C SER C 206 0.94 -10.47 -34.21
N SER C 207 1.79 -11.31 -33.62
CA SER C 207 1.85 -11.46 -32.18
C SER C 207 3.31 -11.42 -31.73
N SER C 208 3.57 -10.74 -30.63
CA SER C 208 4.92 -10.59 -30.08
C SER C 208 4.93 -11.03 -28.64
N VAL C 209 6.03 -11.64 -28.22
CA VAL C 209 6.22 -12.06 -26.83
C VAL C 209 7.65 -11.70 -26.41
N THR C 210 7.78 -11.11 -25.23
CA THR C 210 9.07 -10.74 -24.67
C THR C 210 9.41 -11.71 -23.54
N VAL C 211 10.62 -12.29 -23.60
CA VAL C 211 11.02 -13.32 -22.64
C VAL C 211 12.51 -13.18 -22.36
N PRO C 212 12.90 -13.45 -21.11
CA PRO C 212 14.33 -13.43 -20.78
C PRO C 212 15.15 -14.38 -21.65
N SER C 213 16.46 -14.10 -21.70
CA SER C 213 17.35 -14.92 -22.52
C SER C 213 17.40 -16.36 -22.04
N SER C 214 17.50 -16.57 -20.74
CA SER C 214 17.55 -17.90 -20.16
C SER C 214 17.21 -17.89 -18.68
N PRO C 217 19.19 -21.78 -27.74
CA PRO C 217 19.68 -22.28 -26.45
C PRO C 217 18.86 -21.77 -25.28
N SER C 218 17.55 -21.71 -25.44
CA SER C 218 16.64 -21.18 -24.43
C SER C 218 15.49 -22.17 -24.21
N GLU C 219 14.59 -21.81 -23.31
CA GLU C 219 13.40 -22.62 -23.06
C GLU C 219 12.49 -22.60 -24.28
N THR C 220 11.73 -23.67 -24.45
CA THR C 220 10.85 -23.81 -25.61
C THR C 220 9.76 -22.74 -25.57
N VAL C 221 9.61 -22.02 -26.69
CA VAL C 221 8.54 -21.05 -26.87
C VAL C 221 7.85 -21.35 -28.18
N THR C 222 6.53 -21.60 -28.12
CA THR C 222 5.76 -22.00 -29.28
C THR C 222 4.56 -21.08 -29.43
N CYS C 223 4.30 -20.65 -30.67
CA CYS C 223 3.18 -19.79 -30.99
C CYS C 223 2.03 -20.66 -31.50
N ASN C 224 0.90 -20.64 -30.79
CA ASN C 224 -0.27 -21.43 -31.14
C ASN C 224 -1.36 -20.49 -31.64
N VAL C 225 -1.80 -20.71 -32.89
CA VAL C 225 -2.81 -19.88 -33.52
C VAL C 225 -4.01 -20.76 -33.83
N ALA C 226 -5.17 -20.38 -33.32
CA ALA C 226 -6.39 -21.17 -33.47
C ALA C 226 -7.41 -20.40 -34.29
N HIS C 227 -7.92 -21.03 -35.34
CA HIS C 227 -8.97 -20.48 -36.19
C HIS C 227 -10.24 -21.30 -35.99
N PRO C 228 -11.23 -20.77 -35.26
CA PRO C 228 -12.48 -21.52 -35.08
C PRO C 228 -13.25 -21.74 -36.37
N ALA C 229 -13.16 -20.83 -37.34
CA ALA C 229 -13.94 -20.96 -38.55
C ALA C 229 -13.57 -22.22 -39.33
N SER C 230 -12.28 -22.50 -39.44
CA SER C 230 -11.81 -23.74 -40.04
C SER C 230 -11.61 -24.84 -39.02
N SER C 231 -11.91 -24.58 -37.75
CA SER C 231 -11.74 -25.55 -36.66
C SER C 231 -10.32 -26.09 -36.64
N THR C 232 -9.34 -25.21 -36.83
CA THR C 232 -7.95 -25.62 -36.95
C THR C 232 -7.09 -24.88 -35.94
N LYS C 233 -5.89 -25.41 -35.74
CA LYS C 233 -4.93 -24.81 -34.82
C LYS C 233 -3.53 -25.20 -35.26
N VAL C 234 -2.70 -24.20 -35.54
CA VAL C 234 -1.33 -24.39 -36.00
C VAL C 234 -0.39 -23.84 -34.94
N ASP C 235 0.57 -24.67 -34.52
CA ASP C 235 1.60 -24.23 -33.59
C ASP C 235 2.95 -24.27 -34.28
N LYS C 236 3.70 -23.18 -34.17
CA LYS C 236 5.03 -23.07 -34.75
C LYS C 236 6.04 -22.85 -33.63
N LYS C 237 7.13 -23.63 -33.67
CA LYS C 237 8.18 -23.51 -32.67
C LYS C 237 9.16 -22.40 -33.08
N LEU C 238 9.44 -21.51 -32.14
CA LEU C 238 10.40 -20.44 -32.36
C LEU C 238 11.81 -20.97 -32.13
N VAL C 239 12.61 -20.95 -33.18
CA VAL C 239 13.93 -21.59 -33.18
C VAL C 239 14.97 -20.55 -33.59
N PRO C 240 16.14 -20.52 -32.94
CA PRO C 240 17.15 -19.52 -33.31
C PRO C 240 17.57 -19.64 -34.77
N ARG C 241 17.85 -18.48 -35.36
CA ARG C 241 18.24 -18.42 -36.77
C ARG C 241 19.67 -18.92 -36.95
N ASP C 242 20.16 -18.84 -38.18
CA ASP C 242 21.53 -19.25 -38.50
C ASP C 242 22.38 -18.04 -38.87
N ASP D 1 -37.65 5.67 -27.14
CA ASP D 1 -36.27 5.22 -27.01
C ASP D 1 -35.44 6.21 -26.19
N ILE D 2 -35.14 5.84 -24.94
CA ILE D 2 -34.36 6.70 -24.07
C ILE D 2 -32.93 6.79 -24.58
N VAL D 3 -32.40 8.00 -24.68
CA VAL D 3 -31.03 8.21 -25.14
C VAL D 3 -30.13 8.40 -23.93
N MET D 4 -28.95 7.81 -23.99
CA MET D 4 -27.94 7.94 -22.94
C MET D 4 -26.75 8.70 -23.51
N THR D 5 -26.36 9.77 -22.83
CA THR D 5 -25.35 10.69 -23.33
C THR D 5 -24.18 10.73 -22.36
N GLN D 6 -23.20 9.86 -22.60
CA GLN D 6 -21.92 9.93 -21.91
C GLN D 6 -21.11 11.07 -22.54
N ALA D 7 -21.02 12.20 -21.82
CA ALA D 7 -20.52 13.43 -22.43
C ALA D 7 -19.09 13.29 -22.93
N ALA D 8 -18.23 12.65 -22.14
CA ALA D 8 -16.83 12.52 -22.50
C ALA D 8 -16.59 11.21 -23.23
N PRO D 9 -16.22 11.23 -24.51
CA PRO D 9 -15.80 9.98 -25.16
C PRO D 9 -14.58 9.36 -24.50
N SER D 10 -13.68 10.18 -23.97
CA SER D 10 -12.51 9.71 -23.25
C SER D 10 -12.32 10.53 -21.99
N VAL D 11 -11.66 9.95 -21.00
CA VAL D 11 -11.35 10.67 -19.77
C VAL D 11 -9.91 10.36 -19.37
N PRO D 12 -9.09 11.38 -19.11
CA PRO D 12 -7.72 11.14 -18.68
C PRO D 12 -7.64 10.84 -17.19
N VAL D 13 -6.61 10.10 -16.81
CA VAL D 13 -6.37 9.75 -15.41
C VAL D 13 -4.94 9.28 -15.28
N THR D 14 -4.41 9.34 -14.06
CA THR D 14 -3.11 8.79 -13.74
C THR D 14 -3.27 7.76 -12.62
N PRO D 15 -2.36 6.76 -12.53
CA PRO D 15 -2.49 5.76 -11.47
C PRO D 15 -2.49 6.39 -10.08
N GLY D 16 -3.62 6.32 -9.40
CA GLY D 16 -3.80 7.00 -8.13
C GLY D 16 -4.84 8.10 -8.21
N GLU D 17 -4.84 8.84 -9.31
CA GLU D 17 -5.85 9.87 -9.54
C GLU D 17 -7.23 9.23 -9.62
N SER D 18 -8.16 9.74 -8.83
CA SER D 18 -9.53 9.27 -8.88
C SER D 18 -10.26 9.92 -10.04
N VAL D 19 -11.24 9.21 -10.59
CA VAL D 19 -11.93 9.64 -11.80
C VAL D 19 -13.42 9.34 -11.67
N SER D 20 -14.24 10.23 -12.22
CA SER D 20 -15.69 10.06 -12.27
C SER D 20 -16.14 10.15 -13.72
N ILE D 21 -17.14 9.35 -14.07
CA ILE D 21 -17.63 9.23 -15.45
C ILE D 21 -19.09 9.64 -15.46
N SER D 22 -19.44 10.61 -16.31
CA SER D 22 -20.78 11.14 -16.38
C SER D 22 -21.62 10.38 -17.40
N CYS D 23 -22.90 10.17 -17.07
CA CYS D 23 -23.82 9.48 -17.97
C CYS D 23 -25.20 10.11 -17.78
N ARG D 24 -25.68 10.80 -18.80
CA ARG D 24 -26.98 11.46 -18.76
C ARG D 24 -28.02 10.61 -19.49
N SER D 25 -29.29 10.90 -19.22
CA SER D 25 -30.40 10.17 -19.81
C SER D 25 -31.50 11.14 -20.21
N SER D 26 -32.23 10.78 -21.27
CA SER D 26 -33.30 11.64 -21.76
C SER D 26 -34.49 11.65 -20.81
N LYS D 27 -34.86 10.48 -20.29
CA LYS D 27 -36.01 10.34 -19.41
C LYS D 27 -35.55 9.96 -18.00
N SER D 28 -36.34 10.36 -17.00
CA SER D 28 -36.05 9.97 -15.64
C SER D 28 -36.11 8.45 -15.49
N LEU D 29 -35.14 7.89 -14.79
CA LEU D 29 -34.98 6.43 -14.69
C LEU D 29 -35.31 5.91 -13.30
N LEU D 30 -36.16 6.63 -12.57
CA LEU D 30 -36.63 6.22 -11.25
C LEU D 30 -38.02 5.60 -11.39
N HIS D 31 -38.08 4.27 -11.30
CA HIS D 31 -39.35 3.57 -11.36
C HIS D 31 -40.16 3.81 -10.10
N SER D 32 -41.47 3.64 -10.21
CA SER D 32 -42.35 3.78 -9.04
C SER D 32 -42.05 2.74 -7.98
N ASN D 33 -41.34 1.67 -8.34
CA ASN D 33 -40.86 0.69 -7.36
C ASN D 33 -39.84 1.27 -6.40
N GLY D 34 -39.29 2.44 -6.69
CA GLY D 34 -38.22 3.00 -5.91
C GLY D 34 -36.84 2.52 -6.31
N ASN D 35 -36.71 1.77 -7.39
CA ASN D 35 -35.45 1.25 -7.87
C ASN D 35 -35.07 1.96 -9.17
N THR D 36 -33.83 2.44 -9.25
CA THR D 36 -33.30 2.99 -10.48
C THR D 36 -32.70 1.87 -11.31
N TYR D 37 -33.09 1.78 -12.58
CA TYR D 37 -32.69 0.67 -13.43
C TYR D 37 -31.55 1.12 -14.34
N LEU D 38 -30.33 1.06 -13.79
CA LEU D 38 -29.12 1.40 -14.53
C LEU D 38 -28.12 0.26 -14.41
N PHE D 39 -27.39 0.02 -15.48
CA PHE D 39 -26.31 -0.96 -15.52
C PHE D 39 -25.04 -0.26 -15.96
N TRP D 40 -23.95 -0.54 -15.25
CA TRP D 40 -22.62 -0.06 -15.63
C TRP D 40 -21.79 -1.27 -16.03
N PHE D 41 -21.38 -1.31 -17.30
CA PHE D 41 -20.57 -2.37 -17.86
C PHE D 41 -19.18 -1.85 -18.23
N LEU D 42 -18.19 -2.72 -18.09
CA LEU D 42 -16.82 -2.44 -18.54
C LEU D 42 -16.44 -3.44 -19.61
N GLN D 43 -16.02 -2.95 -20.77
CA GLN D 43 -15.56 -3.79 -21.87
C GLN D 43 -14.07 -3.56 -22.08
N ARG D 44 -13.31 -4.65 -22.07
CA ARG D 44 -11.89 -4.65 -22.34
C ARG D 44 -11.64 -5.05 -23.78
N PRO D 45 -10.47 -4.73 -24.34
CA PRO D 45 -10.21 -4.99 -25.77
C PRO D 45 -10.53 -6.42 -26.20
N GLY D 46 -11.47 -6.55 -27.13
CA GLY D 46 -11.83 -7.85 -27.67
C GLY D 46 -12.42 -8.81 -26.67
N GLN D 47 -13.32 -8.32 -25.80
CA GLN D 47 -13.94 -9.16 -24.79
C GLN D 47 -15.40 -8.78 -24.66
N SER D 48 -16.21 -9.74 -24.21
CA SER D 48 -17.59 -9.46 -23.90
C SER D 48 -17.68 -8.56 -22.67
N PRO D 49 -18.64 -7.64 -22.62
CA PRO D 49 -18.71 -6.70 -21.49
C PRO D 49 -18.91 -7.43 -20.17
N GLN D 50 -18.25 -6.92 -19.13
CA GLN D 50 -18.36 -7.44 -17.78
C GLN D 50 -19.22 -6.49 -16.96
N LEU D 51 -20.26 -7.04 -16.32
CA LEU D 51 -21.12 -6.22 -15.48
C LEU D 51 -20.34 -5.67 -14.30
N LEU D 52 -20.44 -4.37 -14.08
CA LEU D 52 -19.75 -3.70 -12.99
C LEU D 52 -20.71 -3.29 -11.88
N ILE D 53 -21.74 -2.52 -12.22
CA ILE D 53 -22.64 -1.94 -11.22
C ILE D 53 -24.09 -2.16 -11.65
N TYR D 54 -24.93 -2.58 -10.71
CA TYR D 54 -26.36 -2.69 -10.92
C TYR D 54 -27.09 -1.88 -9.85
N ARG D 55 -28.30 -1.46 -10.18
CA ARG D 55 -29.12 -0.63 -9.30
C ARG D 55 -28.41 0.67 -8.92
N MET D 56 -27.54 1.14 -9.81
CA MET D 56 -26.88 2.45 -9.80
C MET D 56 -25.93 2.66 -8.64
N SER D 57 -25.94 1.74 -7.67
CA SER D 57 -24.98 1.81 -6.56
C SER D 57 -24.44 0.46 -6.12
N ASN D 58 -25.06 -0.65 -6.48
CA ASN D 58 -24.66 -1.94 -5.96
C ASN D 58 -23.49 -2.51 -6.75
N LEU D 59 -22.54 -3.09 -6.02
CA LEU D 59 -21.34 -3.65 -6.61
C LEU D 59 -21.59 -5.09 -7.04
N ALA D 60 -21.30 -5.40 -8.30
CA ALA D 60 -21.41 -6.76 -8.77
C ALA D 60 -20.32 -7.63 -8.14
N SER D 61 -20.54 -8.94 -8.17
CA SER D 61 -19.60 -9.87 -7.57
C SER D 61 -18.24 -9.77 -8.24
N GLY D 62 -17.18 -9.68 -7.42
CA GLY D 62 -15.83 -9.54 -7.92
C GLY D 62 -15.37 -8.12 -8.16
N VAL D 63 -16.26 -7.15 -8.02
CA VAL D 63 -15.89 -5.75 -8.27
C VAL D 63 -15.21 -5.19 -7.03
N PRO D 64 -14.02 -4.61 -7.15
CA PRO D 64 -13.35 -4.04 -5.97
C PRO D 64 -14.14 -2.87 -5.40
N ASP D 65 -13.94 -2.65 -4.09
CA ASP D 65 -14.65 -1.59 -3.39
C ASP D 65 -14.34 -0.21 -3.96
N ARG D 66 -13.24 -0.07 -4.70
CA ARG D 66 -12.87 1.22 -5.27
C ARG D 66 -13.95 1.77 -6.20
N PHE D 67 -14.67 0.87 -6.90
CA PHE D 67 -15.73 1.29 -7.79
C PHE D 67 -16.97 1.66 -6.99
N SER D 68 -17.66 2.71 -7.42
CA SER D 68 -18.89 3.13 -6.77
C SER D 68 -19.76 3.88 -7.77
N GLY D 69 -21.04 3.99 -7.46
CA GLY D 69 -21.99 4.66 -8.34
C GLY D 69 -22.89 5.60 -7.57
N SER D 70 -23.36 6.62 -8.29
CA SER D 70 -24.29 7.60 -7.73
C SER D 70 -25.02 8.28 -8.90
N GLY D 71 -25.85 9.25 -8.56
CA GLY D 71 -26.66 9.95 -9.56
C GLY D 71 -28.07 10.17 -9.07
N SER D 72 -28.85 11.01 -9.74
CA SER D 72 -30.21 11.20 -9.23
C SER D 72 -31.28 10.39 -9.95
N GLY D 73 -31.68 10.81 -11.15
CA GLY D 73 -32.54 10.00 -11.99
C GLY D 73 -32.34 10.28 -13.46
N THR D 74 -31.50 11.29 -13.74
CA THR D 74 -31.19 11.72 -15.10
C THR D 74 -29.71 11.91 -15.36
N SER D 75 -28.91 12.21 -14.34
CA SER D 75 -27.46 12.26 -14.45
C SER D 75 -26.90 11.29 -13.43
N PHE D 76 -25.96 10.45 -13.88
CA PHE D 76 -25.37 9.41 -13.05
C PHE D 76 -23.85 9.46 -13.19
N THR D 77 -23.17 8.97 -12.17
CA THR D 77 -21.72 9.06 -12.10
C THR D 77 -21.15 7.76 -11.55
N LEU D 78 -20.20 7.18 -12.27
CA LEU D 78 -19.40 6.08 -11.76
C LEU D 78 -18.05 6.64 -11.32
N ARG D 79 -17.69 6.39 -10.07
CA ARG D 79 -16.47 6.94 -9.49
C ARG D 79 -15.52 5.80 -9.12
N ILE D 80 -14.27 5.95 -9.53
CA ILE D 80 -13.23 4.96 -9.26
C ILE D 80 -12.12 5.65 -8.47
N SER D 81 -11.75 5.06 -7.34
CA SER D 81 -10.59 5.48 -6.57
C SER D 81 -9.49 4.45 -6.71
N ARG D 82 -8.25 4.89 -6.48
CA ARG D 82 -7.08 4.01 -6.50
C ARG D 82 -7.02 3.22 -7.81
N VAL D 83 -6.90 3.95 -8.92
CA VAL D 83 -6.85 3.31 -10.23
C VAL D 83 -5.60 2.45 -10.33
N GLU D 84 -5.78 1.19 -10.70
CA GLU D 84 -4.73 0.18 -10.61
C GLU D 84 -4.28 -0.33 -11.97
N ALA D 85 -4.59 0.39 -13.04
CA ALA D 85 -4.11 0.10 -14.39
C ALA D 85 -4.74 -1.15 -14.99
N GLU D 86 -5.51 -1.89 -14.20
CA GLU D 86 -6.34 -2.97 -14.71
C GLU D 86 -7.75 -2.49 -15.05
N ASP D 87 -8.06 -1.24 -14.77
CA ASP D 87 -9.37 -0.66 -15.01
C ASP D 87 -9.48 0.00 -16.38
N VAL D 88 -8.44 -0.08 -17.20
CA VAL D 88 -8.46 0.56 -18.51
C VAL D 88 -9.43 -0.19 -19.42
N GLY D 89 -10.25 0.55 -20.14
CA GLY D 89 -11.24 -0.03 -21.02
C GLY D 89 -12.32 0.98 -21.34
N VAL D 90 -13.36 0.50 -22.01
CA VAL D 90 -14.49 1.32 -22.39
C VAL D 90 -15.65 1.02 -21.46
N TYR D 91 -16.19 2.06 -20.81
CA TYR D 91 -17.29 1.93 -19.88
C TYR D 91 -18.58 2.35 -20.57
N TYR D 92 -19.63 1.55 -20.39
CA TYR D 92 -20.94 1.81 -20.96
C TYR D 92 -21.98 1.85 -19.84
N CYS D 93 -22.95 2.75 -19.98
CA CYS D 93 -24.10 2.81 -19.09
C CYS D 93 -25.35 2.46 -19.89
N MET D 94 -26.14 1.52 -19.38
CA MET D 94 -27.30 0.98 -20.07
C MET D 94 -28.54 1.16 -19.19
N GLN D 95 -29.67 1.44 -19.82
CA GLN D 95 -30.94 1.54 -19.14
C GLN D 95 -31.79 0.33 -19.45
N HIS D 96 -32.46 -0.21 -18.43
CA HIS D 96 -33.41 -1.30 -18.65
C HIS D 96 -34.75 -0.99 -17.99
N LEU D 97 -35.11 0.29 -17.89
CA LEU D 97 -36.43 0.67 -17.41
C LEU D 97 -37.49 0.35 -18.46
N GLU D 98 -37.32 0.88 -19.66
CA GLU D 98 -38.27 0.67 -20.74
C GLU D 98 -37.61 -0.13 -21.85
N TYR D 99 -38.41 -0.93 -22.54
CA TYR D 99 -37.93 -1.97 -23.45
C TYR D 99 -37.07 -1.50 -24.61
N PRO D 100 -37.12 -0.22 -25.03
CA PRO D 100 -36.07 0.29 -25.93
C PRO D 100 -34.67 -0.24 -25.61
N TYR D 101 -34.28 -0.22 -24.34
CA TYR D 101 -33.06 -0.88 -23.85
C TYR D 101 -31.82 -0.35 -24.59
N THR D 102 -31.53 0.92 -24.37
CA THR D 102 -30.44 1.60 -25.05
C THR D 102 -29.18 1.64 -24.19
N PHE D 103 -28.04 1.67 -24.85
CA PHE D 103 -26.74 1.80 -24.22
C PHE D 103 -26.20 3.23 -24.35
N GLY D 104 -25.12 3.50 -23.64
CA GLY D 104 -24.45 4.77 -23.76
C GLY D 104 -23.49 4.82 -24.93
N GLY D 105 -22.95 6.02 -25.16
CA GLY D 105 -22.00 6.18 -26.25
C GLY D 105 -20.69 5.45 -26.02
N GLY D 106 -20.19 5.49 -24.78
CA GLY D 106 -18.91 4.88 -24.45
C GLY D 106 -17.95 5.89 -23.86
N THR D 107 -17.23 5.49 -22.81
CA THR D 107 -16.21 6.35 -22.21
C THR D 107 -14.94 5.53 -22.02
N LYS D 108 -13.90 5.86 -22.75
CA LYS D 108 -12.63 5.14 -22.68
C LYS D 108 -11.76 5.75 -21.58
N LEU D 109 -11.38 4.92 -20.61
CA LEU D 109 -10.48 5.38 -19.55
C LEU D 109 -9.04 5.28 -20.04
N GLU D 110 -8.37 6.43 -20.14
CA GLU D 110 -7.00 6.50 -20.63
C GLU D 110 -6.09 6.91 -19.49
N ILE D 111 -5.08 6.09 -19.22
CA ILE D 111 -4.20 6.28 -18.09
C ILE D 111 -2.98 7.08 -18.52
N LYS D 112 -2.57 8.04 -17.68
CA LYS D 112 -1.39 8.86 -17.94
C LYS D 112 -0.21 8.32 -17.15
N ARG D 113 0.88 8.05 -17.85
CA ARG D 113 2.06 7.39 -17.31
C ARG D 113 3.31 8.13 -17.80
N ALA D 114 4.42 7.93 -17.10
CA ALA D 114 5.69 8.49 -17.54
C ALA D 114 6.02 8.01 -18.95
N ASP D 115 6.51 8.93 -19.78
CA ASP D 115 6.80 8.62 -21.17
C ASP D 115 7.87 7.53 -21.27
N ALA D 116 7.66 6.60 -22.20
CA ALA D 116 8.54 5.44 -22.36
C ALA D 116 9.00 5.34 -23.81
N ALA D 117 10.22 4.84 -23.98
CA ALA D 117 10.79 4.69 -25.31
C ALA D 117 10.35 3.36 -25.92
N PRO D 118 9.93 3.34 -27.18
CA PRO D 118 9.47 2.08 -27.79
C PRO D 118 10.64 1.13 -28.02
N THR D 119 10.47 -0.11 -27.56
CA THR D 119 11.40 -1.18 -27.93
C THR D 119 11.12 -1.58 -29.37
N VAL D 120 12.14 -1.48 -30.22
CA VAL D 120 11.99 -1.71 -31.66
C VAL D 120 12.58 -3.07 -32.00
N SER D 121 11.78 -3.90 -32.66
CA SER D 121 12.23 -5.21 -33.11
C SER D 121 11.99 -5.35 -34.60
N ILE D 122 13.02 -5.80 -35.33
CA ILE D 122 12.92 -6.04 -36.76
C ILE D 122 12.89 -7.55 -36.98
N PHE D 123 12.19 -7.95 -38.04
CA PHE D 123 12.10 -9.37 -38.39
C PHE D 123 12.05 -9.54 -39.89
N PRO D 124 13.11 -10.12 -40.47
CA PRO D 124 13.11 -10.40 -41.91
C PRO D 124 12.12 -11.50 -42.25
N PRO D 125 11.71 -11.60 -43.52
CA PRO D 125 10.74 -12.64 -43.89
C PRO D 125 11.28 -14.03 -43.60
N SER D 126 10.39 -14.91 -43.16
CA SER D 126 10.76 -16.28 -42.88
C SER D 126 11.00 -17.05 -44.18
N SER D 127 11.76 -18.14 -44.06
CA SER D 127 12.02 -18.99 -45.22
C SER D 127 10.72 -19.59 -45.76
N GLU D 128 9.84 -20.04 -44.84
CA GLU D 128 8.57 -20.60 -45.26
C GLU D 128 7.73 -19.60 -46.04
N GLN D 129 7.73 -18.34 -45.60
CA GLN D 129 7.01 -17.31 -46.35
C GLN D 129 7.67 -17.05 -47.70
N LEU D 130 9.00 -17.09 -47.75
CA LEU D 130 9.70 -16.90 -49.01
C LEU D 130 9.35 -17.99 -50.01
N THR D 131 9.14 -19.23 -49.54
CA THR D 131 8.70 -20.30 -50.44
C THR D 131 7.30 -20.06 -50.99
N SER D 132 6.53 -19.16 -50.38
CA SER D 132 5.15 -18.92 -50.78
C SER D 132 4.99 -17.77 -51.78
N GLY D 133 6.09 -17.13 -52.18
CA GLY D 133 6.04 -16.08 -53.16
C GLY D 133 5.89 -14.67 -52.61
N GLY D 134 5.67 -14.52 -51.30
CA GLY D 134 5.60 -13.22 -50.68
C GLY D 134 6.67 -13.07 -49.60
N ALA D 135 6.88 -11.83 -49.17
CA ALA D 135 7.87 -11.54 -48.15
C ALA D 135 7.37 -10.40 -47.29
N SER D 136 7.19 -10.66 -45.99
CA SER D 136 6.74 -9.65 -45.05
C SER D 136 7.85 -9.34 -44.06
N VAL D 137 8.30 -8.10 -44.04
CA VAL D 137 9.17 -7.59 -42.99
C VAL D 137 8.30 -7.07 -41.87
N VAL D 138 8.59 -7.49 -40.64
CA VAL D 138 7.74 -7.18 -39.50
C VAL D 138 8.51 -6.30 -38.52
N CYS D 139 7.90 -5.20 -38.11
CA CYS D 139 8.49 -4.28 -37.15
C CYS D 139 7.56 -4.14 -35.96
N PHE D 140 8.10 -4.33 -34.76
CA PHE D 140 7.33 -4.21 -33.52
C PHE D 140 7.85 -3.00 -32.74
N LEU D 141 6.94 -2.07 -32.44
CA LEU D 141 7.20 -0.95 -31.54
C LEU D 141 6.43 -1.25 -30.26
N ASN D 142 7.11 -1.80 -29.26
CA ASN D 142 6.46 -2.29 -28.05
C ASN D 142 6.70 -1.36 -26.88
N ASN D 143 5.68 -1.22 -26.01
CA ASN D 143 5.85 -0.65 -24.68
C ASN D 143 6.35 0.80 -24.74
N PHE D 144 5.53 1.66 -25.34
CA PHE D 144 5.86 3.07 -25.47
C PHE D 144 4.70 3.94 -25.00
N TYR D 145 5.04 5.16 -24.60
CA TYR D 145 4.10 6.19 -24.19
C TYR D 145 4.70 7.49 -24.74
N PRO D 146 3.93 8.31 -25.48
CA PRO D 146 2.49 8.25 -25.79
C PRO D 146 2.08 7.60 -27.11
N LYS D 147 0.77 7.73 -27.40
CA LYS D 147 0.19 7.10 -28.57
C LYS D 147 0.64 7.77 -29.86
N ASP D 148 0.88 9.08 -29.85
CA ASP D 148 1.22 9.82 -31.06
C ASP D 148 2.65 9.45 -31.46
N ILE D 149 2.76 8.33 -32.18
CA ILE D 149 4.02 7.84 -32.71
C ILE D 149 3.86 7.63 -34.22
N ASN D 150 5.00 7.65 -34.90
CA ASN D 150 5.04 7.56 -36.36
C ASN D 150 6.06 6.52 -36.77
N VAL D 151 5.73 5.83 -37.85
CA VAL D 151 6.58 4.78 -38.42
C VAL D 151 7.03 5.21 -39.80
N LYS D 152 8.26 4.87 -40.15
CA LYS D 152 8.75 5.12 -41.49
C LYS D 152 9.44 3.84 -41.94
N TRP D 153 9.13 3.40 -43.16
CA TRP D 153 9.80 2.25 -43.76
C TRP D 153 10.74 2.77 -44.83
N LYS D 154 12.01 2.40 -44.71
CA LYS D 154 13.05 2.82 -45.64
C LYS D 154 13.66 1.60 -46.29
N ILE D 155 13.71 1.60 -47.62
CA ILE D 155 14.40 0.58 -48.39
C ILE D 155 15.53 1.25 -49.15
N ASP D 156 16.75 0.79 -48.91
CA ASP D 156 17.95 1.35 -49.53
C ASP D 156 18.03 2.86 -49.34
N GLY D 157 17.56 3.33 -48.19
CA GLY D 157 17.59 4.74 -47.85
C GLY D 157 16.46 5.59 -48.40
N SER D 158 15.45 4.98 -49.04
CA SER D 158 14.33 5.72 -49.59
C SER D 158 13.05 5.31 -48.89
N GLU D 159 12.21 6.30 -48.56
CA GLU D 159 10.96 6.03 -47.88
C GLU D 159 9.99 5.28 -48.80
N ARG D 160 9.11 4.49 -48.19
CA ARG D 160 8.07 3.78 -48.94
C ARG D 160 6.80 3.71 -48.10
N GLN D 161 5.69 4.13 -48.68
CA GLN D 161 4.38 4.06 -48.05
C GLN D 161 3.44 3.09 -48.75
N ASN D 162 3.94 2.33 -49.73
CA ASN D 162 3.14 1.37 -50.47
C ASN D 162 3.47 -0.05 -50.01
N GLY D 163 2.44 -0.82 -49.69
CA GLY D 163 2.62 -2.16 -49.19
C GLY D 163 2.86 -2.26 -47.70
N VAL D 164 2.50 -1.24 -46.93
CA VAL D 164 2.71 -1.22 -45.48
C VAL D 164 1.35 -1.21 -44.80
N LEU D 165 1.23 -2.02 -43.75
CA LEU D 165 0.01 -2.10 -42.94
C LEU D 165 0.38 -1.88 -41.48
N ASN D 166 -0.36 -1.00 -40.80
CA ASN D 166 -0.10 -0.66 -39.42
C ASN D 166 -1.25 -1.14 -38.54
N SER D 167 -0.92 -1.61 -37.34
CA SER D 167 -1.92 -2.06 -36.37
C SER D 167 -1.50 -1.62 -34.99
N TRP D 168 -2.42 -0.97 -34.27
CA TRP D 168 -2.17 -0.44 -32.93
C TRP D 168 -2.91 -1.26 -31.88
N THR D 169 -2.22 -1.57 -30.78
CA THR D 169 -2.87 -2.17 -29.63
C THR D 169 -3.34 -1.08 -28.66
N ASP D 170 -4.17 -1.49 -27.71
CA ASP D 170 -4.67 -0.57 -26.70
C ASP D 170 -3.77 -0.60 -25.46
N GLN D 171 -4.19 0.07 -24.40
CA GLN D 171 -3.34 0.21 -23.22
C GLN D 171 -3.19 -1.13 -22.51
N ASP D 172 -1.96 -1.42 -22.07
CA ASP D 172 -1.69 -2.65 -21.34
C ASP D 172 -2.26 -2.57 -19.93
N SER D 173 -2.58 -3.74 -19.37
CA SER D 173 -3.14 -3.85 -18.04
C SER D 173 -2.07 -3.97 -16.96
N LYS D 174 -0.80 -4.03 -17.33
CA LYS D 174 0.30 -4.15 -16.38
C LYS D 174 1.13 -2.88 -16.26
N ASP D 175 1.55 -2.30 -17.39
CA ASP D 175 2.37 -1.10 -17.38
C ASP D 175 1.68 0.12 -17.97
N SER D 176 0.58 -0.07 -18.70
CA SER D 176 -0.22 1.02 -19.29
C SER D 176 0.55 1.78 -20.38
N THR D 177 1.24 1.04 -21.25
CA THR D 177 1.82 1.60 -22.47
C THR D 177 1.12 1.04 -23.69
N TYR D 178 1.64 1.38 -24.87
CA TYR D 178 1.04 1.00 -26.14
C TYR D 178 2.03 0.22 -26.97
N SER D 179 1.51 -0.48 -27.96
CA SER D 179 2.35 -1.23 -28.89
C SER D 179 1.75 -1.12 -30.28
N MET D 180 2.62 -1.26 -31.28
CA MET D 180 2.16 -1.15 -32.69
C MET D 180 3.00 -2.06 -33.58
N SER D 181 2.37 -2.69 -34.56
CA SER D 181 3.05 -3.57 -35.51
C SER D 181 2.93 -2.97 -36.90
N SER D 182 4.06 -2.91 -37.62
CA SER D 182 4.10 -2.47 -39.00
C SER D 182 4.59 -3.61 -39.86
N THR D 183 3.79 -4.01 -40.84
CA THR D 183 4.13 -5.10 -41.75
C THR D 183 4.33 -4.52 -43.14
N LEU D 184 5.51 -4.74 -43.70
CA LEU D 184 5.82 -4.35 -45.07
C LEU D 184 5.80 -5.61 -45.92
N THR D 185 4.76 -5.75 -46.74
CA THR D 185 4.57 -6.92 -47.58
C THR D 185 4.99 -6.60 -49.01
N LEU D 186 5.90 -7.40 -49.56
CA LEU D 186 6.40 -7.22 -50.91
C LEU D 186 6.38 -8.55 -51.63
N THR D 187 6.39 -8.48 -52.95
CA THR D 187 6.59 -9.67 -53.76
C THR D 187 8.03 -10.17 -53.59
N LYS D 188 8.22 -11.47 -53.78
CA LYS D 188 9.54 -12.06 -53.58
C LYS D 188 10.57 -11.44 -54.53
N ASP D 189 10.15 -11.13 -55.76
CA ASP D 189 11.05 -10.47 -56.69
C ASP D 189 11.54 -9.13 -56.14
N GLU D 190 10.60 -8.28 -55.71
CA GLU D 190 10.97 -6.96 -55.18
C GLU D 190 11.83 -7.09 -53.94
N TYR D 191 11.49 -8.02 -53.04
CA TYR D 191 12.30 -8.20 -51.84
C TYR D 191 13.71 -8.65 -52.21
N GLU D 192 13.85 -9.45 -53.26
CA GLU D 192 15.18 -9.81 -53.73
C GLU D 192 15.88 -8.67 -54.44
N ARG D 193 15.14 -7.62 -54.83
CA ARG D 193 15.74 -6.49 -55.54
C ARG D 193 16.35 -5.45 -54.63
N HIS D 194 16.44 -5.70 -53.32
CA HIS D 194 16.93 -4.70 -52.39
C HIS D 194 17.77 -5.36 -51.31
N ASN D 195 18.59 -4.54 -50.65
CA ASN D 195 19.58 -5.01 -49.69
C ASN D 195 19.30 -4.59 -48.25
N SER D 196 18.88 -3.35 -48.02
CA SER D 196 18.71 -2.81 -46.68
C SER D 196 17.24 -2.50 -46.42
N TYR D 197 16.77 -2.86 -45.22
CA TYR D 197 15.42 -2.59 -44.80
C TYR D 197 15.45 -1.97 -43.40
N THR D 198 14.78 -0.82 -43.24
CA THR D 198 14.89 0.00 -42.05
C THR D 198 13.49 0.37 -41.55
N CYS D 199 13.26 0.22 -40.26
CA CYS D 199 12.04 0.67 -39.59
C CYS D 199 12.42 1.76 -38.60
N GLU D 200 11.75 2.91 -38.73
CA GLU D 200 12.08 4.12 -38.01
C GLU D 200 10.88 4.58 -37.19
N ALA D 201 11.13 5.02 -35.96
CA ALA D 201 10.08 5.54 -35.10
C ALA D 201 10.11 7.07 -35.07
N PRO D 209 15.37 9.57 -33.73
CA PRO D 209 14.37 8.50 -33.70
C PRO D 209 14.98 7.13 -33.46
N ILE D 210 14.16 6.19 -32.99
CA ILE D 210 14.61 4.80 -32.81
C ILE D 210 14.59 4.12 -34.17
N VAL D 211 15.71 3.51 -34.54
CA VAL D 211 15.88 2.89 -35.85
C VAL D 211 16.34 1.45 -35.65
N LYS D 212 15.69 0.53 -36.35
CA LYS D 212 16.19 -0.84 -36.42
C LYS D 212 16.19 -1.27 -37.88
N SER D 213 17.32 -1.82 -38.34
CA SER D 213 17.46 -2.17 -39.75
C SER D 213 18.21 -3.48 -39.87
N PHE D 214 18.01 -4.14 -41.02
CA PHE D 214 18.79 -5.31 -41.37
C PHE D 214 19.22 -5.21 -42.83
N ASN D 215 20.37 -5.82 -43.13
CA ASN D 215 20.90 -5.89 -44.49
C ASN D 215 21.01 -7.35 -44.89
N ARG D 216 20.52 -7.66 -46.09
CA ARG D 216 20.56 -9.03 -46.59
C ARG D 216 21.98 -9.49 -46.89
N ALA E 8 -50.85 -13.31 16.24
CA ALA E 8 -50.06 -13.59 17.44
C ALA E 8 -48.75 -14.27 17.08
N GLY E 9 -47.66 -13.82 17.70
CA GLY E 9 -46.35 -14.43 17.46
C GLY E 9 -46.22 -15.83 18.03
N LEU E 10 -47.06 -16.19 19.01
CA LEU E 10 -47.00 -17.53 19.58
C LEU E 10 -47.43 -18.59 18.56
N ALA E 11 -48.33 -18.24 17.64
CA ALA E 11 -48.70 -19.17 16.58
C ALA E 11 -47.52 -19.46 15.67
N ASP E 12 -46.71 -18.44 15.39
CA ASP E 12 -45.55 -18.62 14.52
C ASP E 12 -44.39 -19.32 15.23
N ALA E 13 -44.20 -19.03 16.53
CA ALA E 13 -43.01 -19.48 17.24
C ALA E 13 -43.20 -20.77 18.03
N LEU E 14 -44.37 -20.95 18.65
CA LEU E 14 -44.56 -22.09 19.55
C LEU E 14 -44.96 -23.33 18.76
N THR E 15 -45.23 -24.42 19.48
CA THR E 15 -45.54 -25.71 18.90
C THR E 15 -46.97 -26.11 19.24
N ALA E 16 -47.47 -27.10 18.51
CA ALA E 16 -48.82 -27.62 18.72
C ALA E 16 -48.88 -28.53 19.94
N HIS E 20 -53.24 -30.65 21.00
CA HIS E 20 -53.04 -29.56 21.93
C HIS E 20 -54.28 -29.34 22.80
N LYS E 21 -54.14 -28.49 23.81
CA LYS E 21 -55.26 -28.04 24.61
C LYS E 21 -55.88 -26.75 24.09
N ASP E 22 -55.38 -26.24 22.97
CA ASP E 22 -55.90 -25.01 22.40
C ASP E 22 -57.26 -25.26 21.74
N LYS E 23 -58.03 -24.18 21.61
CA LYS E 23 -59.38 -24.24 21.09
C LYS E 23 -59.38 -24.15 19.56
N GLY E 24 -60.56 -24.35 18.98
CA GLY E 24 -60.78 -24.20 17.56
C GLY E 24 -59.96 -25.19 16.75
N LEU E 25 -59.80 -24.87 15.47
CA LEU E 25 -58.97 -25.67 14.59
C LEU E 25 -57.52 -25.54 15.01
N GLN E 26 -56.98 -26.59 15.65
CA GLN E 26 -55.64 -26.51 16.22
C GLN E 26 -54.57 -26.39 15.14
N SER E 27 -54.71 -27.14 14.05
CA SER E 27 -53.71 -27.18 13.00
C SER E 27 -54.36 -26.96 11.65
N LEU E 28 -53.61 -26.30 10.75
CA LEU E 28 -54.04 -26.12 9.36
C LEU E 28 -52.90 -26.56 8.45
N THR E 29 -53.20 -27.46 7.53
CA THR E 29 -52.20 -27.94 6.58
C THR E 29 -52.21 -27.03 5.36
N LEU E 30 -51.06 -26.43 5.04
CA LEU E 30 -50.93 -25.53 3.90
C LEU E 30 -50.62 -26.36 2.66
N ASP E 31 -51.60 -26.46 1.77
CA ASP E 31 -51.45 -27.23 0.54
C ASP E 31 -51.60 -26.36 -0.70
N GLN E 32 -52.65 -25.54 -0.76
CA GLN E 32 -52.87 -24.67 -1.91
C GLN E 32 -52.31 -23.27 -1.71
N SER E 33 -52.01 -22.88 -0.47
CA SER E 33 -51.43 -21.56 -0.23
C SER E 33 -49.99 -21.50 -0.71
N VAL E 34 -49.14 -22.36 -0.18
CA VAL E 34 -47.76 -22.50 -0.64
C VAL E 34 -47.67 -23.82 -1.41
N ARG E 35 -47.40 -23.73 -2.70
CA ARG E 35 -47.27 -24.93 -3.51
C ARG E 35 -45.82 -25.42 -3.50
N LYS E 36 -45.61 -26.58 -4.10
CA LYS E 36 -44.31 -27.24 -4.03
C LYS E 36 -43.23 -26.39 -4.71
N ASN E 37 -42.01 -26.52 -4.20
CA ASN E 37 -40.83 -25.78 -4.64
C ASN E 37 -40.90 -24.28 -4.32
N GLU E 38 -41.78 -23.88 -3.41
CA GLU E 38 -41.81 -22.52 -2.91
C GLU E 38 -41.77 -22.52 -1.38
N LYS E 39 -41.59 -21.32 -0.83
CA LYS E 39 -41.57 -21.11 0.61
C LYS E 39 -42.49 -19.95 0.95
N LEU E 40 -43.25 -20.09 2.03
CA LEU E 40 -44.13 -19.04 2.51
C LEU E 40 -43.62 -18.57 3.88
N LYS E 41 -43.16 -17.33 3.95
CA LYS E 41 -42.64 -16.77 5.19
C LYS E 41 -43.72 -15.89 5.80
N LEU E 42 -44.11 -16.21 7.02
CA LEU E 42 -45.15 -15.50 7.77
C LEU E 42 -44.50 -14.80 8.95
N ALA E 43 -44.82 -13.51 9.11
CA ALA E 43 -44.19 -12.67 10.12
C ALA E 43 -45.25 -11.91 10.90
N ALA E 44 -45.07 -11.85 12.21
CA ALA E 44 -45.92 -11.08 13.10
C ALA E 44 -45.19 -10.80 14.39
N GLN E 45 -45.30 -9.55 14.86
CA GLN E 45 -44.77 -9.13 16.16
C GLN E 45 -43.29 -9.52 16.31
N GLY E 46 -42.53 -9.31 15.25
CA GLY E 46 -41.10 -9.60 15.31
C GLY E 46 -40.75 -11.07 15.30
N ALA E 47 -41.63 -11.94 14.82
CA ALA E 47 -41.35 -13.36 14.67
C ALA E 47 -41.66 -13.78 13.25
N GLU E 48 -40.88 -14.73 12.73
CA GLU E 48 -41.07 -15.21 11.37
C GLU E 48 -40.90 -16.73 11.32
N LYS E 49 -41.81 -17.38 10.60
CA LYS E 49 -41.73 -18.82 10.36
C LYS E 49 -41.81 -19.08 8.86
N THR E 50 -41.00 -20.05 8.41
CA THR E 50 -40.97 -20.45 7.02
C THR E 50 -41.72 -21.77 6.86
N TYR E 51 -42.66 -21.81 5.91
CA TYR E 51 -43.52 -22.95 5.70
C TYR E 51 -43.36 -23.48 4.29
N GLY E 52 -43.39 -24.81 4.15
CA GLY E 52 -43.43 -25.47 2.87
C GLY E 52 -44.75 -26.19 2.67
N ASN E 53 -44.87 -26.83 1.51
CA ASN E 53 -46.08 -27.56 1.17
C ASN E 53 -46.24 -28.75 2.11
N GLY E 54 -47.38 -28.80 2.79
CA GLY E 54 -47.67 -29.84 3.75
C GLY E 54 -47.36 -29.50 5.20
N ASP E 55 -46.65 -28.41 5.43
CA ASP E 55 -46.34 -28.00 6.81
C ASP E 55 -47.59 -27.52 7.53
N SER E 56 -47.58 -27.65 8.85
CA SER E 56 -48.73 -27.31 9.68
C SER E 56 -48.56 -25.92 10.26
N LEU E 57 -49.61 -25.11 10.13
CA LEU E 57 -49.69 -23.79 10.75
C LEU E 57 -50.54 -23.91 12.00
N ASN E 58 -50.01 -23.39 13.11
CA ASN E 58 -50.65 -23.49 14.42
C ASN E 58 -51.77 -22.46 14.49
N THR E 59 -52.94 -22.84 13.98
CA THR E 59 -54.11 -21.98 14.08
C THR E 59 -54.71 -21.96 15.47
N GLY E 60 -54.31 -22.87 16.35
CA GLY E 60 -54.88 -22.92 17.69
C GLY E 60 -54.58 -21.68 18.52
N LYS E 61 -53.38 -21.12 18.35
CA LYS E 61 -53.02 -19.92 19.10
C LYS E 61 -53.80 -18.70 18.66
N LEU E 62 -54.38 -18.71 17.46
CA LEU E 62 -55.12 -17.58 16.95
C LEU E 62 -56.50 -17.51 17.60
N LYS E 63 -57.04 -16.29 17.66
CA LYS E 63 -58.37 -16.08 18.23
C LYS E 63 -59.45 -16.52 17.25
N ASN E 64 -60.57 -16.97 17.80
CA ASN E 64 -61.68 -17.49 17.01
C ASN E 64 -62.60 -16.36 16.57
N ASP E 65 -63.25 -16.57 15.42
CA ASP E 65 -64.24 -15.67 14.83
C ASP E 65 -63.67 -14.31 14.48
N LYS E 66 -62.35 -14.13 14.55
CA LYS E 66 -61.69 -12.90 14.16
C LYS E 66 -60.66 -13.21 13.08
N VAL E 67 -60.41 -12.21 12.23
CA VAL E 67 -59.43 -12.34 11.16
C VAL E 67 -58.05 -11.97 11.69
N SER E 68 -57.14 -12.94 11.71
CA SER E 68 -55.76 -12.71 12.10
C SER E 68 -54.93 -12.33 10.89
N ARG E 69 -54.05 -11.35 11.06
CA ARG E 69 -53.24 -10.81 9.99
C ARG E 69 -51.76 -11.08 10.24
N PHE E 70 -51.06 -11.49 9.19
CA PHE E 70 -49.61 -11.65 9.21
C PHE E 70 -49.06 -10.94 7.97
N ASP E 71 -47.76 -10.64 8.01
CA ASP E 71 -47.06 -10.17 6.82
C ASP E 71 -46.45 -11.39 6.13
N PHE E 72 -46.77 -11.57 4.86
CA PHE E 72 -46.36 -12.75 4.13
C PHE E 72 -45.44 -12.37 2.99
N ILE E 73 -44.45 -13.23 2.75
CA ILE E 73 -43.58 -13.13 1.59
C ILE E 73 -43.38 -14.53 1.00
N ARG E 74 -43.56 -14.64 -0.31
CA ARG E 74 -43.38 -15.90 -1.03
C ARG E 74 -42.00 -15.91 -1.67
N GLN E 75 -41.20 -16.92 -1.36
CA GLN E 75 -39.81 -16.97 -1.78
C GLN E 75 -39.52 -18.25 -2.54
N ILE E 76 -38.62 -18.15 -3.53
CA ILE E 76 -38.07 -19.31 -4.23
C ILE E 76 -36.56 -19.11 -4.33
N GLU E 77 -35.87 -20.23 -4.57
CA GLU E 77 -34.41 -20.22 -4.76
C GLU E 77 -34.15 -20.48 -6.24
N VAL E 78 -33.76 -19.42 -6.95
CA VAL E 78 -33.36 -19.54 -8.35
C VAL E 78 -31.83 -19.42 -8.35
N ASP E 79 -31.17 -20.58 -8.32
CA ASP E 79 -29.71 -20.68 -8.37
C ASP E 79 -29.02 -19.96 -7.21
N GLY E 80 -29.73 -19.73 -6.10
CA GLY E 80 -29.11 -19.25 -4.88
C GLY E 80 -29.40 -17.81 -4.50
N GLN E 81 -30.28 -17.11 -5.20
CA GLN E 81 -30.73 -15.79 -4.78
C GLN E 81 -32.21 -15.90 -4.43
N LEU E 82 -32.53 -15.69 -3.16
CA LEU E 82 -33.92 -15.79 -2.71
C LEU E 82 -34.75 -14.69 -3.35
N ILE E 83 -35.78 -15.09 -4.09
CA ILE E 83 -36.58 -14.19 -4.91
C ILE E 83 -37.95 -14.04 -4.27
N THR E 84 -38.37 -12.79 -4.05
CA THR E 84 -39.69 -12.50 -3.52
C THR E 84 -40.68 -12.50 -4.68
N LEU E 85 -41.42 -13.60 -4.82
CA LEU E 85 -42.44 -13.67 -5.86
C LEU E 85 -43.61 -12.74 -5.54
N GLU E 86 -44.01 -12.69 -4.28
CA GLU E 86 -45.18 -11.93 -3.86
C GLU E 86 -44.99 -11.50 -2.41
N SER E 87 -45.52 -10.33 -2.07
CA SER E 87 -45.42 -9.82 -0.72
C SER E 87 -46.72 -9.09 -0.37
N GLY E 88 -47.19 -9.29 0.86
CA GLY E 88 -48.39 -8.62 1.31
C GLY E 88 -48.93 -9.09 2.64
N GLU E 89 -50.26 -9.18 2.76
CA GLU E 89 -50.92 -9.53 4.00
C GLU E 89 -51.55 -10.91 3.89
N PHE E 90 -51.17 -11.80 4.80
CA PHE E 90 -51.74 -13.14 4.91
C PHE E 90 -52.86 -13.10 5.95
N GLN E 91 -54.08 -13.40 5.54
CA GLN E 91 -55.24 -13.34 6.41
C GLN E 91 -55.74 -14.75 6.72
N VAL E 92 -56.03 -14.99 7.99
CA VAL E 92 -56.51 -16.29 8.46
C VAL E 92 -57.76 -16.08 9.28
N TYR E 93 -58.87 -16.69 8.87
CA TYR E 93 -60.09 -16.71 9.65
C TYR E 93 -60.25 -18.09 10.27
N LYS E 94 -60.29 -18.14 11.61
CA LYS E 94 -60.29 -19.39 12.35
C LYS E 94 -61.64 -19.60 13.01
N GLN E 95 -62.23 -20.76 12.76
CA GLN E 95 -63.48 -21.17 13.40
C GLN E 95 -63.22 -22.40 14.25
N SER E 96 -64.30 -22.96 14.81
CA SER E 96 -64.15 -24.12 15.69
C SER E 96 -63.57 -25.31 14.93
N HIS E 97 -64.18 -25.69 13.82
CA HIS E 97 -63.78 -26.90 13.10
C HIS E 97 -63.34 -26.62 11.66
N SER E 98 -63.14 -25.36 11.30
CA SER E 98 -62.70 -25.03 9.94
C SER E 98 -61.95 -23.71 9.98
N ALA E 99 -61.16 -23.48 8.93
CA ALA E 99 -60.41 -22.23 8.79
C ALA E 99 -60.14 -22.00 7.32
N LEU E 100 -59.80 -20.77 6.98
CA LEU E 100 -59.44 -20.44 5.61
C LEU E 100 -58.38 -19.35 5.60
N THR E 101 -57.40 -19.52 4.73
CA THR E 101 -56.31 -18.58 4.56
C THR E 101 -56.41 -17.95 3.17
N ALA E 102 -56.33 -16.63 3.12
CA ALA E 102 -56.37 -15.85 1.90
C ALA E 102 -55.17 -14.92 1.84
N PHE E 103 -54.87 -14.43 0.64
CA PHE E 103 -53.71 -13.57 0.39
C PHE E 103 -54.17 -12.18 -0.01
N GLN E 104 -53.57 -11.16 0.59
CA GLN E 104 -53.71 -9.77 0.16
C GLN E 104 -52.38 -9.35 -0.45
N THR E 105 -52.37 -9.12 -1.75
CA THR E 105 -51.14 -8.82 -2.48
C THR E 105 -50.82 -7.34 -2.40
N GLU E 106 -49.56 -7.03 -2.11
CA GLU E 106 -49.06 -5.65 -2.15
C GLU E 106 -48.00 -5.46 -3.22
N GLN E 107 -47.10 -6.42 -3.38
CA GLN E 107 -46.09 -6.39 -4.43
C GLN E 107 -46.03 -7.76 -5.10
N ILE E 108 -45.83 -7.75 -6.42
CA ILE E 108 -45.80 -9.00 -7.20
C ILE E 108 -44.86 -8.82 -8.39
N GLN E 109 -44.34 -9.93 -8.88
CA GLN E 109 -43.43 -9.95 -10.01
C GLN E 109 -44.21 -10.11 -11.30
N ASP E 110 -43.87 -9.29 -12.30
CA ASP E 110 -44.45 -9.43 -13.64
C ASP E 110 -43.49 -10.21 -14.54
N SER E 111 -43.37 -11.50 -14.26
CA SER E 111 -42.42 -12.35 -14.96
C SER E 111 -42.86 -12.75 -16.36
N GLU E 112 -44.10 -12.45 -16.75
CA GLU E 112 -44.58 -12.78 -18.08
C GLU E 112 -44.31 -11.63 -19.05
N HIS E 113 -44.87 -10.46 -18.76
CA HIS E 113 -44.57 -9.22 -19.49
C HIS E 113 -43.29 -8.63 -18.94
N SER E 114 -43.03 -7.34 -19.21
CA SER E 114 -41.87 -6.64 -18.70
C SER E 114 -41.60 -7.00 -17.25
N GLY E 115 -40.41 -7.56 -17.00
CA GLY E 115 -40.14 -8.21 -15.72
C GLY E 115 -39.57 -7.31 -14.65
N LYS E 116 -40.44 -6.81 -13.79
CA LYS E 116 -40.06 -5.96 -12.68
C LYS E 116 -41.04 -6.20 -11.54
N MET E 117 -40.56 -6.02 -10.31
CA MET E 117 -41.49 -6.01 -9.18
C MET E 117 -42.42 -4.83 -9.31
N VAL E 118 -43.72 -5.07 -9.14
CA VAL E 118 -44.73 -4.03 -9.32
C VAL E 118 -45.74 -4.15 -8.19
N ALA E 119 -46.29 -3.00 -7.80
CA ALA E 119 -47.27 -2.93 -6.72
C ALA E 119 -48.67 -3.15 -7.31
N LYS E 120 -49.13 -4.39 -7.26
CA LYS E 120 -50.46 -4.75 -7.73
C LYS E 120 -51.24 -5.34 -6.56
N ARG E 121 -52.47 -4.86 -6.36
CA ARG E 121 -53.31 -5.29 -5.25
C ARG E 121 -54.36 -6.26 -5.80
N GLN E 122 -54.28 -7.52 -5.35
CA GLN E 122 -55.28 -8.52 -5.69
C GLN E 122 -55.54 -9.39 -4.48
N PHE E 123 -56.74 -9.97 -4.44
CA PHE E 123 -57.20 -10.78 -3.32
C PHE E 123 -57.46 -12.20 -3.82
N ARG E 124 -56.87 -13.18 -3.14
CA ARG E 124 -57.03 -14.58 -3.51
C ARG E 124 -57.16 -15.42 -2.25
N ILE E 125 -58.03 -16.43 -2.30
CA ILE E 125 -58.17 -17.39 -1.21
C ILE E 125 -57.17 -18.52 -1.44
N GLY E 126 -56.36 -18.80 -0.43
CA GLY E 126 -55.38 -19.86 -0.55
C GLY E 126 -55.88 -21.24 -0.18
N ASP E 127 -56.33 -21.40 1.07
CA ASP E 127 -56.59 -22.74 1.61
C ASP E 127 -57.82 -22.70 2.52
N ILE E 128 -58.89 -23.39 2.11
CA ILE E 128 -60.03 -23.63 2.97
C ILE E 128 -59.89 -25.04 3.51
N ALA E 129 -59.52 -25.16 4.79
CA ALA E 129 -59.24 -26.46 5.38
C ALA E 129 -60.08 -26.63 6.64
N GLY E 130 -60.03 -27.83 7.18
CA GLY E 130 -60.79 -28.17 8.36
C GLY E 130 -61.14 -29.65 8.34
N GLU E 131 -62.25 -29.98 8.97
CA GLU E 131 -62.72 -31.36 9.11
C GLU E 131 -64.05 -31.46 8.37
N HIS E 132 -63.99 -31.90 7.12
CA HIS E 132 -65.15 -31.92 6.26
C HIS E 132 -66.18 -32.93 6.76
N THR E 133 -67.45 -32.58 6.58
CA THR E 133 -68.53 -33.48 6.93
C THR E 133 -68.77 -34.46 5.79
N SER E 134 -68.77 -35.75 6.09
CA SER E 134 -69.13 -36.74 5.10
C SER E 134 -70.59 -36.57 4.70
N PHE E 135 -70.86 -36.70 3.40
CA PHE E 135 -72.21 -36.52 2.91
C PHE E 135 -73.16 -37.54 3.54
N ASP E 136 -72.76 -38.80 3.56
CA ASP E 136 -73.61 -39.85 4.10
C ASP E 136 -73.81 -39.73 5.60
N LYS E 137 -73.00 -38.91 6.28
CA LYS E 137 -73.17 -38.64 7.71
C LYS E 137 -73.91 -37.33 7.97
N LEU E 138 -74.40 -36.67 6.93
CA LEU E 138 -75.13 -35.43 7.10
C LEU E 138 -76.49 -35.69 7.74
N PRO E 139 -77.03 -34.72 8.46
CA PRO E 139 -78.40 -34.86 8.96
C PRO E 139 -79.39 -35.01 7.81
N GLU E 140 -80.38 -35.87 8.00
CA GLU E 140 -81.38 -36.14 6.98
C GLU E 140 -82.65 -35.29 7.16
N GLY E 141 -82.66 -34.38 8.13
CA GLY E 141 -83.82 -33.55 8.36
C GLY E 141 -83.44 -32.30 9.12
N GLY E 142 -84.35 -31.33 9.10
CA GLY E 142 -84.15 -30.07 9.78
C GLY E 142 -83.45 -29.05 8.90
N ARG E 143 -83.42 -27.81 9.41
CA ARG E 143 -82.76 -26.70 8.72
C ARG E 143 -81.91 -25.95 9.74
N ALA E 144 -80.81 -25.37 9.24
CA ALA E 144 -79.87 -24.67 10.09
C ALA E 144 -79.51 -23.32 9.48
N THR E 145 -79.31 -22.33 10.33
CA THR E 145 -78.94 -20.97 9.92
C THR E 145 -77.56 -20.65 10.49
N TYR E 146 -76.59 -20.47 9.59
CA TYR E 146 -75.24 -20.08 9.93
C TYR E 146 -75.08 -18.58 9.77
N ARG E 147 -74.48 -17.94 10.77
CA ARG E 147 -74.08 -16.55 10.68
C ARG E 147 -72.55 -16.49 10.73
N GLY E 148 -71.97 -15.54 10.01
CA GLY E 148 -70.53 -15.46 9.98
C GLY E 148 -70.02 -14.27 9.22
N THR E 149 -68.75 -14.37 8.83
CA THR E 149 -68.01 -13.26 8.23
C THR E 149 -67.72 -13.54 6.77
N ALA E 150 -67.97 -12.53 5.93
CA ALA E 150 -67.50 -12.47 4.56
C ALA E 150 -66.49 -11.34 4.46
N PHE E 151 -65.30 -11.64 3.93
CA PHE E 151 -64.25 -10.64 3.81
C PHE E 151 -63.68 -10.65 2.39
N GLY E 152 -63.40 -9.45 1.89
CA GLY E 152 -62.77 -9.28 0.59
C GLY E 152 -61.62 -8.30 0.66
N SER E 153 -61.29 -7.67 -0.47
CA SER E 153 -60.18 -6.73 -0.51
C SER E 153 -60.43 -5.52 0.37
N ASP E 154 -59.63 -5.39 1.44
CA ASP E 154 -59.68 -4.24 2.33
C ASP E 154 -61.03 -4.09 3.02
N ASP E 155 -61.72 -5.20 3.27
CA ASP E 155 -62.97 -5.18 4.03
C ASP E 155 -63.15 -6.54 4.69
N ALA E 156 -63.00 -6.56 6.02
CA ALA E 156 -63.26 -7.76 6.81
C ALA E 156 -64.57 -7.67 7.58
N GLY E 157 -65.38 -6.65 7.33
CA GLY E 157 -66.62 -6.42 8.03
C GLY E 157 -67.86 -7.03 7.40
N GLY E 158 -67.73 -7.81 6.33
CA GLY E 158 -68.90 -8.38 5.70
C GLY E 158 -69.58 -9.40 6.60
N LYS E 159 -70.92 -9.35 6.61
CA LYS E 159 -71.72 -10.31 7.36
C LYS E 159 -72.38 -11.26 6.37
N LEU E 160 -72.18 -12.56 6.57
CA LEU E 160 -72.76 -13.59 5.73
C LEU E 160 -73.80 -14.36 6.53
N THR E 161 -75.00 -14.47 5.96
CA THR E 161 -76.08 -15.24 6.54
C THR E 161 -76.44 -16.35 5.57
N TYR E 162 -76.31 -17.59 6.02
CA TYR E 162 -76.56 -18.75 5.17
C TYR E 162 -77.58 -19.66 5.85
N THR E 163 -78.35 -20.38 5.06
CA THR E 163 -79.32 -21.32 5.59
C THR E 163 -79.31 -22.58 4.74
N ILE E 164 -79.21 -23.72 5.40
CA ILE E 164 -79.16 -25.02 4.75
C ILE E 164 -80.36 -25.83 5.21
N ASP E 165 -81.18 -26.25 4.25
CA ASP E 165 -82.26 -27.21 4.49
C ASP E 165 -81.70 -28.60 4.22
N PHE E 166 -81.55 -29.39 5.28
CA PHE E 166 -81.02 -30.75 5.17
C PHE E 166 -82.03 -31.72 4.60
N ALA E 167 -83.33 -31.42 4.71
CA ALA E 167 -84.35 -32.28 4.12
C ALA E 167 -84.22 -32.30 2.60
N ALA E 168 -84.06 -31.13 1.99
CA ALA E 168 -83.85 -31.03 0.55
C ALA E 168 -82.37 -31.09 0.15
N LYS E 169 -81.46 -31.05 1.13
CA LYS E 169 -80.03 -30.98 0.87
C LYS E 169 -79.70 -29.79 -0.03
N GLN E 170 -80.15 -28.61 0.40
CA GLN E 170 -79.93 -27.39 -0.38
C GLN E 170 -79.61 -26.25 0.57
N GLY E 171 -79.13 -25.14 0.02
CA GLY E 171 -78.73 -24.01 0.85
C GLY E 171 -78.67 -22.72 0.06
N ASN E 172 -79.01 -21.62 0.74
CA ASN E 172 -79.00 -20.30 0.13
C ASN E 172 -78.50 -19.28 1.14
N GLY E 173 -77.89 -18.20 0.65
CA GLY E 173 -77.25 -17.25 1.53
C GLY E 173 -77.23 -15.84 1.01
N LYS E 174 -76.66 -14.95 1.82
CA LYS E 174 -76.65 -13.53 1.56
C LYS E 174 -75.41 -12.89 2.18
N ILE E 175 -74.70 -12.08 1.40
CA ILE E 175 -73.62 -11.24 1.88
C ILE E 175 -74.17 -9.84 2.10
N GLU E 176 -73.69 -9.16 3.15
CA GLU E 176 -74.15 -7.82 3.46
C GLU E 176 -73.01 -7.06 4.12
N HIS E 177 -73.15 -5.73 4.15
CA HIS E 177 -72.28 -4.80 4.88
C HIS E 177 -70.88 -4.68 4.29
N LEU E 178 -70.62 -5.24 3.12
CA LEU E 178 -69.35 -4.99 2.45
C LEU E 178 -69.33 -3.57 1.91
N LYS E 179 -68.16 -2.93 1.99
CA LYS E 179 -68.06 -1.51 1.65
C LYS E 179 -68.47 -1.26 0.20
N SER E 180 -67.97 -2.07 -0.72
CA SER E 180 -68.36 -1.94 -2.12
C SER E 180 -69.77 -2.48 -2.30
N PRO E 181 -70.73 -1.66 -2.74
CA PRO E 181 -72.11 -2.14 -2.86
C PRO E 181 -72.28 -3.31 -3.82
N GLU E 182 -71.45 -3.39 -4.87
CA GLU E 182 -71.61 -4.46 -5.84
C GLU E 182 -71.33 -5.83 -5.23
N LEU E 183 -70.53 -5.88 -4.16
CA LEU E 183 -70.20 -7.13 -3.52
C LEU E 183 -71.21 -7.56 -2.46
N ASN E 184 -72.15 -6.68 -2.09
CA ASN E 184 -73.27 -7.05 -1.22
C ASN E 184 -74.24 -7.84 -2.08
N VAL E 185 -74.03 -9.15 -2.12
CA VAL E 185 -74.47 -9.97 -3.23
C VAL E 185 -75.28 -11.16 -2.69
N ASP E 186 -75.79 -11.96 -3.59
CA ASP E 186 -76.77 -12.99 -3.28
C ASP E 186 -76.21 -14.37 -3.57
N LEU E 187 -76.25 -15.25 -2.57
CA LEU E 187 -75.85 -16.64 -2.75
C LEU E 187 -77.09 -17.43 -3.13
N ALA E 188 -77.20 -17.77 -4.42
CA ALA E 188 -78.36 -18.49 -4.91
C ALA E 188 -78.40 -19.89 -4.33
N ALA E 189 -79.58 -20.49 -4.36
CA ALA E 189 -79.76 -21.83 -3.82
C ALA E 189 -78.94 -22.84 -4.62
N ALA E 190 -78.25 -23.72 -3.90
CA ALA E 190 -77.41 -24.74 -4.52
C ALA E 190 -77.63 -26.06 -3.79
N ASP E 191 -77.43 -27.15 -4.52
CA ASP E 191 -77.62 -28.48 -3.96
C ASP E 191 -76.33 -28.98 -3.33
N ILE E 192 -76.46 -29.62 -2.16
CA ILE E 192 -75.32 -30.24 -1.52
C ILE E 192 -74.94 -31.49 -2.31
N LYS E 193 -73.67 -31.59 -2.68
CA LYS E 193 -73.19 -32.69 -3.49
C LYS E 193 -71.95 -33.30 -2.88
N PRO E 194 -71.72 -34.60 -3.10
CA PRO E 194 -70.53 -35.24 -2.54
C PRO E 194 -69.30 -34.99 -3.41
N ASP E 195 -68.15 -34.99 -2.77
CA ASP E 195 -66.86 -34.80 -3.41
C ASP E 195 -66.17 -36.15 -3.58
N GLY E 196 -64.88 -36.10 -3.96
CA GLY E 196 -64.13 -37.33 -4.16
C GLY E 196 -64.02 -38.18 -2.91
N LYS E 197 -63.96 -37.55 -1.74
CA LYS E 197 -63.89 -38.27 -0.47
C LYS E 197 -65.22 -38.20 0.28
N ARG E 198 -66.34 -38.17 -0.45
CA ARG E 198 -67.68 -38.04 0.10
C ARG E 198 -67.86 -36.76 0.89
N HIS E 199 -67.03 -35.75 0.62
CA HIS E 199 -67.14 -34.47 1.32
C HIS E 199 -68.37 -33.73 0.87
N ALA E 200 -69.04 -33.07 1.81
CA ALA E 200 -70.24 -32.30 1.52
C ALA E 200 -69.82 -30.91 1.01
N VAL E 201 -69.89 -30.72 -0.30
CA VAL E 201 -69.60 -29.43 -0.91
C VAL E 201 -70.91 -28.88 -1.44
N ILE E 202 -70.94 -27.57 -1.66
CA ILE E 202 -72.14 -26.92 -2.16
C ILE E 202 -71.71 -25.76 -3.07
N SER E 203 -71.87 -25.95 -4.37
CA SER E 203 -71.43 -24.99 -5.37
C SER E 203 -72.64 -24.41 -6.09
N GLY E 204 -72.72 -23.08 -6.13
CA GLY E 204 -73.85 -22.42 -6.75
C GLY E 204 -73.50 -21.10 -7.40
N SER E 205 -74.51 -20.27 -7.67
CA SER E 205 -74.35 -19.04 -8.42
C SER E 205 -74.51 -17.82 -7.53
N VAL E 206 -74.05 -16.69 -8.03
CA VAL E 206 -74.07 -15.41 -7.32
C VAL E 206 -74.93 -14.43 -8.13
N LEU E 207 -75.87 -13.78 -7.44
CA LEU E 207 -76.86 -12.94 -8.09
C LEU E 207 -76.81 -11.53 -7.51
N TYR E 208 -76.86 -10.53 -8.37
CA TYR E 208 -77.01 -9.14 -7.95
C TYR E 208 -78.06 -8.49 -8.82
N ASN E 209 -79.05 -7.86 -8.19
CA ASN E 209 -80.18 -7.25 -8.89
C ASN E 209 -80.84 -8.25 -9.84
N GLN E 210 -81.03 -9.48 -9.36
CA GLN E 210 -81.69 -10.55 -10.11
C GLN E 210 -80.94 -10.85 -11.41
N ALA E 211 -79.63 -11.08 -11.29
CA ALA E 211 -78.80 -11.36 -12.45
C ALA E 211 -77.55 -12.13 -12.01
N GLU E 212 -77.19 -13.14 -12.80
CA GLU E 212 -76.02 -13.96 -12.50
C GLU E 212 -74.75 -13.13 -12.65
N LYS E 213 -74.00 -12.99 -11.55
CA LYS E 213 -72.78 -12.20 -11.53
C LYS E 213 -71.60 -12.99 -10.99
N GLY E 214 -71.62 -14.32 -11.10
CA GLY E 214 -70.48 -15.11 -10.70
C GLY E 214 -70.91 -16.39 -10.01
N SER E 215 -69.98 -17.00 -9.29
CA SER E 215 -70.19 -18.31 -8.70
C SER E 215 -69.67 -18.35 -7.27
N TYR E 216 -70.10 -19.36 -6.52
CA TYR E 216 -69.64 -19.53 -5.14
C TYR E 216 -69.53 -21.01 -4.84
N SER E 217 -68.67 -21.34 -3.87
CA SER E 217 -68.47 -22.72 -3.45
C SER E 217 -68.20 -22.72 -1.95
N LEU E 218 -69.13 -23.30 -1.20
CA LEU E 218 -68.98 -23.51 0.24
C LEU E 218 -68.76 -24.99 0.52
N GLY E 219 -68.29 -25.29 1.72
CA GLY E 219 -68.12 -26.65 2.16
C GLY E 219 -68.60 -26.80 3.58
N ILE E 220 -69.18 -27.97 3.88
CA ILE E 220 -69.76 -28.24 5.19
C ILE E 220 -68.69 -28.85 6.08
N PHE E 221 -68.50 -28.27 7.27
CA PHE E 221 -67.47 -28.69 8.21
C PHE E 221 -68.10 -28.95 9.58
N GLY E 222 -67.60 -29.96 10.26
CA GLY E 222 -68.06 -30.32 11.58
C GLY E 222 -68.84 -31.63 11.57
N GLY E 223 -68.81 -32.30 12.72
CA GLY E 223 -69.54 -33.57 12.83
C GLY E 223 -71.04 -33.39 12.72
N LYS E 224 -71.57 -32.34 13.34
CA LYS E 224 -72.99 -32.01 13.25
C LYS E 224 -73.26 -30.94 12.21
N ALA E 225 -72.36 -30.77 11.24
CA ALA E 225 -72.50 -29.75 10.19
C ALA E 225 -72.66 -28.36 10.81
N GLN E 226 -71.80 -28.05 11.78
CA GLN E 226 -71.90 -26.80 12.52
C GLN E 226 -71.29 -25.60 11.79
N GLU E 227 -70.54 -25.83 10.72
CA GLU E 227 -69.82 -24.74 10.09
C GLU E 227 -69.88 -24.86 8.57
N VAL E 228 -69.77 -23.72 7.90
CA VAL E 228 -69.66 -23.68 6.44
C VAL E 228 -68.54 -22.71 6.10
N ALA E 229 -67.70 -23.09 5.15
CA ALA E 229 -66.58 -22.24 4.77
C ALA E 229 -66.27 -22.40 3.29
N GLY E 230 -65.93 -21.30 2.63
CA GLY E 230 -65.65 -21.37 1.20
C GLY E 230 -65.35 -20.01 0.62
N SER E 231 -65.56 -19.91 -0.69
CA SER E 231 -65.16 -18.73 -1.45
C SER E 231 -66.23 -18.35 -2.47
N ALA E 232 -66.06 -17.16 -3.04
CA ALA E 232 -66.97 -16.64 -4.04
C ALA E 232 -66.21 -15.78 -5.03
N GLU E 233 -66.56 -15.92 -6.31
CA GLU E 233 -66.02 -15.13 -7.41
C GLU E 233 -67.16 -14.29 -7.98
N VAL E 234 -66.98 -12.96 -7.97
CA VAL E 234 -68.01 -12.02 -8.39
C VAL E 234 -67.46 -11.12 -9.49
N LYS E 235 -68.28 -10.87 -10.51
CA LYS E 235 -67.89 -10.02 -11.62
C LYS E 235 -68.41 -8.60 -11.37
N THR E 236 -67.49 -7.65 -11.32
CA THR E 236 -67.81 -6.23 -11.13
C THR E 236 -67.32 -5.43 -12.33
N VAL E 237 -67.61 -4.13 -12.32
CA VAL E 237 -67.20 -3.27 -13.43
C VAL E 237 -65.69 -3.23 -13.55
N ASN E 238 -64.98 -3.18 -12.42
CA ASN E 238 -63.52 -3.15 -12.45
C ASN E 238 -62.95 -4.47 -12.93
N GLY E 239 -63.59 -5.59 -12.60
CA GLY E 239 -63.09 -6.89 -12.99
C GLY E 239 -63.61 -8.01 -12.11
N ILE E 240 -62.73 -8.93 -11.73
CA ILE E 240 -63.10 -10.08 -10.92
C ILE E 240 -62.74 -9.79 -9.46
N ARG E 241 -63.69 -10.02 -8.56
CA ARG E 241 -63.51 -9.87 -7.13
C ARG E 241 -63.61 -11.24 -6.46
N HIS E 242 -62.81 -11.44 -5.42
CA HIS E 242 -62.79 -12.68 -4.66
C HIS E 242 -63.22 -12.39 -3.23
N ILE E 243 -64.05 -13.27 -2.67
CA ILE E 243 -64.53 -13.13 -1.31
C ILE E 243 -64.34 -14.45 -0.58
N GLY E 244 -63.88 -14.37 0.67
CA GLY E 244 -63.85 -15.52 1.55
C GLY E 244 -65.05 -15.47 2.49
N LEU E 245 -65.69 -16.63 2.68
CA LEU E 245 -66.90 -16.75 3.47
C LEU E 245 -66.70 -17.82 4.53
N ALA E 246 -67.12 -17.53 5.76
CA ALA E 246 -67.04 -18.51 6.83
C ALA E 246 -68.12 -18.20 7.86
N ALA E 247 -69.04 -19.14 8.05
CA ALA E 247 -70.14 -18.96 8.98
C ALA E 247 -70.29 -20.19 9.85
N LYS E 248 -70.86 -19.99 11.03
CA LYS E 248 -71.10 -21.07 11.99
C LYS E 248 -72.46 -20.87 12.64
N GLN E 249 -72.90 -21.87 13.39
CA GLN E 249 -74.17 -21.78 14.12
C GLN E 249 -73.98 -21.04 15.44
N ALA F 8 4.17 42.95 39.62
CA ALA F 8 3.76 41.69 40.21
C ALA F 8 3.17 40.74 39.16
N GLY F 9 3.94 39.74 38.76
CA GLY F 9 3.48 38.76 37.81
C GLY F 9 2.68 37.66 38.48
N LEU F 10 2.34 36.64 37.69
CA LEU F 10 1.63 35.48 38.18
C LEU F 10 2.47 34.21 38.17
N ALA F 11 3.53 34.14 37.36
CA ALA F 11 4.40 32.98 37.34
C ALA F 11 5.45 33.02 38.44
N ASP F 12 5.63 34.16 39.11
CA ASP F 12 6.35 34.21 40.37
C ASP F 12 5.38 34.28 41.55
N ALA F 13 4.10 34.50 41.30
CA ALA F 13 3.06 34.45 42.31
C ALA F 13 2.41 33.07 42.37
N LEU F 14 3.24 32.05 42.55
CA LEU F 14 2.75 30.67 42.54
C LEU F 14 2.15 30.28 43.89
N THR F 15 2.76 30.72 44.98
CA THR F 15 2.29 30.38 46.32
C THR F 15 0.98 31.10 46.64
N GLY F 24 8.05 41.88 52.08
CA GLY F 24 9.50 41.99 52.20
C GLY F 24 10.14 42.48 50.91
N LEU F 25 11.23 41.82 50.51
CA LEU F 25 11.90 42.17 49.27
C LEU F 25 11.01 41.80 48.09
N GLN F 26 10.85 42.73 47.14
CA GLN F 26 9.93 42.55 46.04
C GLN F 26 10.59 42.04 44.77
N SER F 27 11.84 42.42 44.51
CA SER F 27 12.53 42.04 43.29
C SER F 27 13.91 41.50 43.61
N LEU F 28 14.36 40.54 42.80
CA LEU F 28 15.69 39.94 42.94
C LEU F 28 16.22 39.72 41.53
N THR F 29 17.25 40.48 41.16
CA THR F 29 17.85 40.33 39.83
C THR F 29 18.70 39.08 39.79
N LEU F 30 18.34 38.14 38.93
CA LEU F 30 19.09 36.89 38.77
C LEU F 30 20.24 37.15 37.81
N ASP F 31 21.44 37.29 38.35
CA ASP F 31 22.61 37.57 37.53
C ASP F 31 23.66 36.48 37.62
N GLN F 32 24.01 36.02 38.83
CA GLN F 32 25.00 34.97 38.99
C GLN F 32 24.39 33.57 38.97
N SER F 33 23.10 33.43 39.27
CA SER F 33 22.48 32.10 39.35
C SER F 33 22.19 31.50 37.98
N VAL F 34 22.12 32.32 36.93
CA VAL F 34 21.94 31.82 35.57
C VAL F 34 22.92 32.56 34.68
N ARG F 35 23.74 31.81 33.94
CA ARG F 35 24.70 32.45 33.06
C ARG F 35 24.00 32.99 31.81
N LYS F 36 24.77 33.72 31.00
CA LYS F 36 24.19 34.42 29.87
C LYS F 36 23.66 33.48 28.79
N ASN F 37 24.27 32.31 28.63
CA ASN F 37 23.93 31.43 27.52
C ASN F 37 22.84 30.41 27.85
N GLU F 38 22.41 30.29 29.10
CA GLU F 38 21.43 29.28 29.47
C GLU F 38 20.15 29.94 29.99
N LYS F 39 19.19 29.09 30.34
CA LYS F 39 17.91 29.51 30.89
C LYS F 39 17.63 28.73 32.16
N LEU F 40 16.95 29.38 33.10
CA LEU F 40 16.57 28.76 34.36
C LEU F 40 15.06 28.61 34.41
N LYS F 41 14.58 27.38 34.47
CA LYS F 41 13.15 27.10 34.53
C LYS F 41 12.78 26.71 35.95
N LEU F 42 11.93 27.52 36.58
CA LEU F 42 11.46 27.31 37.93
C LEU F 42 9.98 26.94 37.90
N ALA F 43 9.62 25.86 38.59
CA ALA F 43 8.28 25.32 38.57
C ALA F 43 7.80 25.05 39.99
N ALA F 44 6.52 25.32 40.22
CA ALA F 44 5.86 25.01 41.48
C ALA F 44 4.35 24.98 41.24
N GLN F 45 3.69 24.01 41.88
CA GLN F 45 2.24 23.88 41.81
C GLN F 45 1.74 23.85 40.36
N GLY F 46 2.51 23.17 39.50
CA GLY F 46 2.12 23.01 38.11
C GLY F 46 2.31 24.24 37.24
N ALA F 47 2.99 25.26 37.73
CA ALA F 47 3.25 26.48 36.95
C ALA F 47 4.76 26.68 36.83
N GLU F 48 5.21 27.06 35.63
CA GLU F 48 6.63 27.18 35.34
C GLU F 48 6.93 28.51 34.68
N LYS F 49 8.02 29.14 35.09
CA LYS F 49 8.51 30.36 34.46
C LYS F 49 9.99 30.20 34.10
N THR F 50 10.37 30.82 33.00
CA THR F 50 11.74 30.78 32.49
C THR F 50 12.40 32.14 32.69
N TYR F 51 13.65 32.12 33.13
CA TYR F 51 14.43 33.33 33.36
C TYR F 51 15.76 33.24 32.63
N GLY F 52 16.19 34.38 32.09
CA GLY F 52 17.54 34.53 31.59
C GLY F 52 18.42 35.28 32.58
N ASN F 53 19.59 35.71 32.10
CA ASN F 53 20.49 36.48 32.93
C ASN F 53 19.98 37.92 33.07
N GLY F 54 19.93 38.41 34.30
CA GLY F 54 19.45 39.75 34.58
C GLY F 54 17.97 39.86 34.78
N ASP F 55 17.21 38.77 34.59
CA ASP F 55 15.77 38.83 34.76
C ASP F 55 15.40 38.95 36.23
N SER F 56 14.45 39.83 36.53
CA SER F 56 13.98 40.00 37.89
C SER F 56 13.11 38.82 38.31
N LEU F 57 13.27 38.40 39.56
CA LEU F 57 12.48 37.32 40.15
C LEU F 57 11.57 37.94 41.20
N ASN F 58 10.28 38.00 40.92
CA ASN F 58 9.33 38.64 41.82
C ASN F 58 9.19 37.79 43.09
N THR F 59 9.76 38.29 44.19
CA THR F 59 9.63 37.66 45.49
C THR F 59 8.46 38.23 46.30
N GLY F 60 7.50 38.87 45.63
CA GLY F 60 6.38 39.49 46.30
C GLY F 60 5.49 38.52 47.04
N LYS F 61 4.93 37.53 46.34
CA LYS F 61 4.04 36.58 46.99
C LYS F 61 4.79 35.65 47.93
N LEU F 62 6.12 35.58 47.82
CA LEU F 62 6.89 34.75 48.73
C LEU F 62 6.82 35.29 50.15
N LYS F 63 6.84 34.38 51.12
CA LYS F 63 6.71 34.74 52.52
C LYS F 63 8.07 34.89 53.18
N ASN F 64 8.12 35.77 54.17
CA ASN F 64 9.38 36.13 54.81
C ASN F 64 9.91 35.00 55.70
N ASP F 65 11.24 34.92 55.78
CA ASP F 65 11.97 34.09 56.74
C ASP F 65 11.70 32.60 56.59
N LYS F 66 11.07 32.18 55.48
CA LYS F 66 10.85 30.78 55.19
C LYS F 66 11.65 30.40 53.95
N VAL F 67 12.36 29.27 54.02
CA VAL F 67 13.03 28.74 52.84
C VAL F 67 11.98 28.17 51.90
N SER F 68 11.90 28.73 50.70
CA SER F 68 10.88 28.35 49.72
C SER F 68 11.54 27.55 48.61
N ARG F 69 10.93 26.41 48.26
CA ARG F 69 11.49 25.48 47.30
C ARG F 69 10.69 25.50 46.01
N PHE F 70 11.41 25.46 44.89
CA PHE F 70 10.85 25.24 43.57
C PHE F 70 11.62 24.12 42.90
N ASP F 71 10.99 23.44 41.95
CA ASP F 71 11.73 22.53 41.09
C ASP F 71 12.41 23.36 40.00
N PHE F 72 13.67 23.05 39.72
CA PHE F 72 14.43 23.86 38.79
C PHE F 72 15.16 22.98 37.78
N ILE F 73 15.22 23.46 36.54
CA ILE F 73 16.08 22.88 35.51
C ILE F 73 16.88 23.99 34.85
N ARG F 74 18.14 23.69 34.53
CA ARG F 74 19.00 24.60 33.79
C ARG F 74 19.08 24.08 32.36
N GLN F 75 18.56 24.84 31.41
CA GLN F 75 18.38 24.39 30.04
C GLN F 75 19.24 25.21 29.09
N ILE F 76 19.79 24.54 28.08
CA ILE F 76 20.52 25.18 27.00
C ILE F 76 20.05 24.58 25.68
N GLU F 77 20.27 25.33 24.61
CA GLU F 77 19.89 24.92 23.27
C GLU F 77 21.16 24.59 22.47
N VAL F 78 21.21 23.39 21.92
CA VAL F 78 22.35 22.93 21.12
C VAL F 78 21.80 22.40 19.81
N ASP F 79 21.71 23.26 18.80
CA ASP F 79 21.37 22.86 17.42
C ASP F 79 20.03 22.13 17.36
N GLY F 80 19.00 22.77 17.89
CA GLY F 80 17.64 22.28 17.72
C GLY F 80 17.15 21.32 18.77
N GLN F 81 17.83 21.19 19.90
CA GLN F 81 17.38 20.27 20.93
C GLN F 81 17.62 20.88 22.30
N LEU F 82 16.61 20.77 23.17
CA LEU F 82 16.73 21.25 24.54
C LEU F 82 17.61 20.30 25.34
N ILE F 83 18.59 20.85 26.05
CA ILE F 83 19.53 20.07 26.84
C ILE F 83 19.41 20.52 28.29
N THR F 84 19.18 19.57 29.19
CA THR F 84 19.11 19.83 30.62
C THR F 84 20.51 19.69 31.19
N LEU F 85 21.12 20.82 31.58
CA LEU F 85 22.45 20.78 32.16
C LEU F 85 22.41 20.22 33.58
N GLU F 86 21.45 20.68 34.39
CA GLU F 86 21.29 20.20 35.75
C GLU F 86 19.85 20.39 36.17
N SER F 87 19.45 19.65 37.20
CA SER F 87 18.07 19.68 37.67
C SER F 87 18.03 19.36 39.16
N GLY F 88 17.07 19.97 39.85
CA GLY F 88 16.91 19.71 41.26
C GLY F 88 16.01 20.69 41.98
N GLU F 89 16.39 21.08 43.20
CA GLU F 89 15.63 22.01 44.00
C GLU F 89 16.31 23.38 44.02
N PHE F 90 15.50 24.43 43.87
CA PHE F 90 15.93 25.82 43.89
C PHE F 90 15.32 26.45 45.13
N GLN F 91 16.17 26.84 46.07
CA GLN F 91 15.73 27.35 47.37
C GLN F 91 15.97 28.84 47.46
N VAL F 92 14.99 29.57 47.97
CA VAL F 92 15.06 31.01 48.14
C VAL F 92 14.73 31.35 49.59
N TYR F 93 15.58 32.16 50.22
CA TYR F 93 15.32 32.70 51.54
C TYR F 93 15.08 34.20 51.41
N LYS F 94 13.90 34.64 51.84
CA LYS F 94 13.47 36.03 51.65
C LYS F 94 13.39 36.73 53.00
N GLN F 95 13.98 37.91 53.08
CA GLN F 95 13.92 38.76 54.26
C GLN F 95 13.36 40.14 53.86
N SER F 96 13.27 41.02 54.86
CA SER F 96 12.68 42.34 54.62
C SER F 96 13.54 43.19 53.69
N HIS F 97 14.86 43.05 53.74
CA HIS F 97 15.76 43.86 52.93
C HIS F 97 16.81 43.07 52.17
N SER F 98 16.78 41.74 52.24
CA SER F 98 17.77 40.92 51.55
C SER F 98 17.15 39.58 51.20
N ALA F 99 17.75 38.92 50.21
CA ALA F 99 17.30 37.61 49.78
C ALA F 99 18.46 36.90 49.07
N LEU F 100 18.56 35.59 49.30
CA LEU F 100 19.59 34.77 48.68
C LEU F 100 18.97 33.49 48.15
N THR F 101 19.60 32.94 47.10
CA THR F 101 19.11 31.76 46.42
C THR F 101 20.21 30.70 46.38
N ALA F 102 19.80 29.43 46.45
CA ALA F 102 20.72 28.31 46.44
C ALA F 102 20.24 27.26 45.45
N PHE F 103 21.15 26.34 45.10
CA PHE F 103 20.87 25.29 44.14
C PHE F 103 21.08 23.93 44.81
N GLN F 104 19.98 23.22 45.06
CA GLN F 104 20.05 21.83 45.51
C GLN F 104 20.01 20.94 44.28
N THR F 105 21.16 20.36 43.92
CA THR F 105 21.30 19.63 42.67
C THR F 105 20.98 18.16 42.90
N GLU F 106 20.07 17.62 42.08
CA GLU F 106 19.77 16.19 42.09
C GLU F 106 20.33 15.46 40.88
N GLN F 107 20.43 16.11 39.73
CA GLN F 107 21.04 15.51 38.55
C GLN F 107 21.89 16.55 37.84
N ILE F 108 23.03 16.12 37.31
CA ILE F 108 23.98 17.02 36.65
C ILE F 108 24.69 16.26 35.55
N GLN F 109 25.14 16.99 34.53
CA GLN F 109 25.85 16.43 33.39
C GLN F 109 27.35 16.52 33.60
N ASP F 110 28.04 15.40 33.42
CA ASP F 110 29.51 15.37 33.50
C ASP F 110 30.06 15.73 32.12
N SER F 111 30.02 17.03 31.82
CA SER F 111 30.43 17.53 30.51
C SER F 111 31.94 17.51 30.31
N GLU F 112 32.72 17.00 31.26
CA GLU F 112 34.17 16.97 31.15
C GLU F 112 34.79 15.58 31.25
N HIS F 113 34.11 14.61 31.87
CA HIS F 113 34.71 13.30 32.09
C HIS F 113 33.99 12.19 31.33
N SER F 114 32.67 12.03 31.53
CA SER F 114 31.95 10.90 30.97
C SER F 114 30.83 11.28 30.01
N GLY F 115 30.29 12.49 30.10
CA GLY F 115 29.22 12.90 29.22
C GLY F 115 27.85 12.39 29.59
N LYS F 116 27.72 11.69 30.71
CA LYS F 116 26.46 11.11 31.14
C LYS F 116 25.86 11.91 32.29
N MET F 117 24.54 11.92 32.36
CA MET F 117 23.85 12.55 33.48
C MET F 117 23.96 11.66 34.71
N VAL F 118 24.38 12.26 35.82
CA VAL F 118 24.66 11.53 37.05
C VAL F 118 23.86 12.17 38.19
N ALA F 119 23.29 11.33 39.06
CA ALA F 119 22.54 11.80 40.23
C ALA F 119 23.55 12.15 41.32
N LYS F 120 24.16 13.32 41.19
CA LYS F 120 25.14 13.81 42.14
C LYS F 120 24.47 14.82 43.06
N ARG F 121 24.37 14.48 44.34
CA ARG F 121 23.80 15.39 45.34
C ARG F 121 24.86 16.41 45.74
N GLN F 122 24.56 17.68 45.53
CA GLN F 122 25.54 18.73 45.76
C GLN F 122 24.82 20.04 46.05
N PHE F 123 25.38 20.84 46.95
CA PHE F 123 24.83 22.14 47.31
C PHE F 123 25.68 23.25 46.69
N ARG F 124 25.01 24.37 46.38
CA ARG F 124 25.65 25.51 45.75
C ARG F 124 24.81 26.74 46.01
N ILE F 125 25.48 27.88 46.18
CA ILE F 125 24.83 29.15 46.48
C ILE F 125 25.03 30.08 45.30
N GLY F 126 23.93 30.58 44.75
CA GLY F 126 24.00 31.34 43.52
C GLY F 126 24.02 32.86 43.64
N ASP F 127 23.04 33.43 44.34
CA ASP F 127 22.85 34.87 44.35
C ASP F 127 22.54 35.37 45.75
N ILE F 128 23.05 36.55 46.08
CA ILE F 128 22.69 37.29 47.28
C ILE F 128 22.45 38.73 46.87
N ALA F 129 21.25 39.25 47.15
CA ALA F 129 20.88 40.58 46.74
C ALA F 129 20.06 41.24 47.85
N GLY F 130 19.86 42.55 47.70
CA GLY F 130 19.07 43.30 48.66
C GLY F 130 19.57 44.73 48.72
N GLU F 131 19.02 45.46 49.69
CA GLU F 131 19.39 46.85 49.91
C GLU F 131 20.71 46.90 50.66
N HIS F 132 21.81 47.03 49.92
CA HIS F 132 23.13 47.04 50.53
C HIS F 132 23.28 48.24 51.47
N THR F 133 23.83 47.99 52.65
CA THR F 133 24.16 49.07 53.57
C THR F 133 25.49 49.69 53.16
N SER F 134 25.48 50.99 52.90
CA SER F 134 26.71 51.68 52.53
C SER F 134 27.70 51.64 53.67
N PHE F 135 28.96 51.32 53.35
CA PHE F 135 29.99 51.21 54.37
C PHE F 135 30.20 52.53 55.10
N ASP F 136 30.18 53.65 54.37
CA ASP F 136 30.35 54.96 54.98
C ASP F 136 29.13 55.40 55.77
N LYS F 137 27.99 54.71 55.64
CA LYS F 137 26.78 55.08 56.34
C LYS F 137 26.43 54.08 57.45
N LEU F 138 27.41 53.34 57.94
CA LEU F 138 27.18 52.39 59.02
C LEU F 138 26.93 53.13 60.33
N PRO F 139 26.30 52.45 61.30
CA PRO F 139 26.10 53.09 62.62
C PRO F 139 27.42 53.48 63.25
N GLU F 140 27.41 54.62 63.95
CA GLU F 140 28.63 55.11 64.58
C GLU F 140 29.15 54.13 65.62
N GLY F 141 28.26 53.58 66.44
CA GLY F 141 28.65 52.65 67.47
C GLY F 141 27.48 51.80 67.90
N GLY F 142 27.71 51.02 68.95
CA GLY F 142 26.70 50.11 69.45
C GLY F 142 26.91 48.70 68.95
N ARG F 143 25.99 47.82 69.37
CA ARG F 143 26.07 46.41 69.05
C ARG F 143 24.73 45.93 68.50
N ALA F 144 24.78 45.01 67.54
CA ALA F 144 23.59 44.38 67.01
C ALA F 144 23.78 42.87 67.01
N THR F 145 22.67 42.15 67.19
CA THR F 145 22.69 40.70 67.16
C THR F 145 21.63 40.22 66.17
N TYR F 146 22.04 39.40 65.20
CA TYR F 146 21.18 38.88 64.16
C TYR F 146 20.98 37.39 64.37
N ARG F 147 19.73 36.98 64.51
CA ARG F 147 19.36 35.58 64.55
C ARG F 147 18.69 35.21 63.23
N GLY F 148 18.89 33.98 62.78
CA GLY F 148 18.33 33.59 61.51
C GLY F 148 18.65 32.15 61.16
N THR F 149 18.58 31.87 59.87
CA THR F 149 18.66 30.51 59.36
C THR F 149 19.94 30.27 58.59
N ALA F 150 20.55 29.12 58.85
CA ALA F 150 21.61 28.56 58.04
C ALA F 150 21.09 27.26 57.42
N PHE F 151 21.22 27.14 56.10
CA PHE F 151 20.71 25.99 55.38
C PHE F 151 21.80 25.40 54.50
N GLY F 152 21.63 24.13 54.18
CA GLY F 152 22.55 23.43 53.30
C GLY F 152 21.86 22.25 52.67
N SER F 153 22.68 21.29 52.24
CA SER F 153 22.15 20.05 51.69
C SER F 153 21.35 19.30 52.74
N ASP F 154 20.11 18.96 52.40
CA ASP F 154 19.20 18.11 53.18
C ASP F 154 18.78 18.74 54.49
N ASP F 155 19.26 19.94 54.82
CA ASP F 155 18.97 20.57 56.10
C ASP F 155 18.75 22.06 55.87
N ALA F 156 17.52 22.53 56.09
CA ALA F 156 17.21 23.95 56.09
C ALA F 156 16.89 24.46 57.48
N GLY F 157 17.13 23.66 58.51
CA GLY F 157 16.76 24.01 59.87
C GLY F 157 17.91 24.47 60.74
N GLY F 158 19.03 24.86 60.14
CA GLY F 158 20.15 25.34 60.94
C GLY F 158 19.87 26.73 61.51
N LYS F 159 20.35 26.97 62.72
CA LYS F 159 20.17 28.24 63.39
C LYS F 159 21.50 28.99 63.40
N LEU F 160 21.49 30.20 62.85
CA LEU F 160 22.68 31.04 62.80
C LEU F 160 22.50 32.22 63.72
N THR F 161 23.44 32.42 64.63
CA THR F 161 23.43 33.57 65.54
C THR F 161 24.73 34.34 65.33
N TYR F 162 24.61 35.58 64.87
CA TYR F 162 25.75 36.44 64.58
C TYR F 162 25.64 37.71 65.40
N THR F 163 26.77 38.35 65.66
CA THR F 163 26.79 39.58 66.44
C THR F 163 27.82 40.51 65.83
N ILE F 164 27.42 41.76 65.61
CA ILE F 164 28.28 42.79 65.03
C ILE F 164 28.46 43.90 66.06
N ASP F 165 29.71 44.18 66.40
CA ASP F 165 30.08 45.36 67.16
C ASP F 165 30.44 46.46 66.17
N PHE F 166 29.57 47.47 66.06
CA PHE F 166 29.79 48.56 65.13
C PHE F 166 30.86 49.53 65.62
N ALA F 167 31.15 49.56 66.92
CA ALA F 167 32.23 50.39 67.43
C ALA F 167 33.57 49.94 66.87
N ALA F 168 33.85 48.64 66.91
CA ALA F 168 35.05 48.08 66.32
C ALA F 168 34.86 47.66 64.87
N LYS F 169 33.63 47.69 64.36
CA LYS F 169 33.30 47.23 63.02
C LYS F 169 33.76 45.78 62.82
N GLN F 170 33.28 44.91 63.70
CA GLN F 170 33.67 43.51 63.68
C GLN F 170 32.43 42.64 63.89
N GLY F 171 32.55 41.37 63.53
CA GLY F 171 31.44 40.45 63.66
C GLY F 171 31.92 39.04 63.93
N ASN F 172 31.12 38.30 64.70
CA ASN F 172 31.41 36.90 64.98
C ASN F 172 30.12 36.17 65.27
N GLY F 173 30.09 34.88 64.96
CA GLY F 173 28.84 34.14 65.10
C GLY F 173 29.05 32.65 65.20
N LYS F 174 27.93 31.94 65.22
CA LYS F 174 27.90 30.49 65.37
C LYS F 174 26.75 29.91 64.55
N ILE F 175 26.93 28.66 64.13
CA ILE F 175 25.90 27.86 63.49
C ILE F 175 25.63 26.65 64.38
N GLU F 176 24.35 26.35 64.59
CA GLU F 176 23.94 25.23 65.43
C GLU F 176 22.76 24.51 64.80
N HIS F 177 22.46 23.34 65.35
CA HIS F 177 21.28 22.55 64.97
C HIS F 177 21.30 22.18 63.49
N LEU F 178 22.46 21.79 62.99
CA LEU F 178 22.60 21.24 61.65
C LEU F 178 22.67 19.71 61.73
N LYS F 179 22.15 19.06 60.70
CA LYS F 179 22.06 17.60 60.72
C LYS F 179 23.44 16.96 60.77
N SER F 180 24.41 17.53 60.06
CA SER F 180 25.78 17.05 60.10
C SER F 180 26.50 17.72 61.26
N PRO F 181 26.91 16.99 62.30
CA PRO F 181 27.52 17.64 63.47
C PRO F 181 28.80 18.38 63.17
N GLU F 182 29.52 18.03 62.10
CA GLU F 182 30.77 18.70 61.77
C GLU F 182 30.57 20.09 61.19
N LEU F 183 29.34 20.45 60.83
CA LEU F 183 29.05 21.77 60.27
C LEU F 183 28.54 22.76 61.30
N ASN F 184 28.46 22.37 62.58
CA ASN F 184 28.11 23.30 63.65
C ASN F 184 29.37 24.06 64.03
N VAL F 185 29.67 25.07 63.21
CA VAL F 185 30.96 25.73 63.25
C VAL F 185 30.86 27.04 64.02
N ASP F 186 32.01 27.60 64.36
CA ASP F 186 32.11 28.94 64.92
C ASP F 186 32.55 29.90 63.82
N LEU F 187 31.89 31.06 63.76
CA LEU F 187 32.19 32.03 62.74
C LEU F 187 33.20 33.02 63.32
N ALA F 188 34.46 32.90 62.90
CA ALA F 188 35.54 33.65 63.52
C ALA F 188 35.36 35.15 63.33
N ALA F 189 35.92 35.93 64.26
CA ALA F 189 35.83 37.37 64.19
C ALA F 189 36.45 37.89 62.90
N ALA F 190 35.77 38.83 62.26
CA ALA F 190 36.22 39.39 61.00
C ALA F 190 35.88 40.88 60.95
N ASP F 191 36.61 41.61 60.12
CA ASP F 191 36.47 43.06 60.02
C ASP F 191 35.42 43.43 58.97
N ILE F 192 34.66 44.48 59.26
CA ILE F 192 33.77 45.07 58.28
C ILE F 192 34.59 45.92 57.32
N LYS F 193 34.42 45.69 56.03
CA LYS F 193 35.22 46.36 55.01
C LYS F 193 34.32 46.77 53.86
N PRO F 194 34.72 47.79 53.09
CA PRO F 194 33.94 48.17 51.91
C PRO F 194 34.35 47.40 50.66
N ASP F 195 33.36 47.25 49.77
CA ASP F 195 33.58 46.65 48.47
C ASP F 195 34.07 47.71 47.48
N GLY F 196 34.30 47.31 46.23
CA GLY F 196 34.59 48.30 45.20
C GLY F 196 33.48 49.33 45.06
N LYS F 197 32.23 48.89 45.19
CA LYS F 197 31.09 49.80 45.25
C LYS F 197 30.85 50.32 46.66
N ARG F 198 31.79 50.09 47.58
CA ARG F 198 31.70 50.57 48.96
C ARG F 198 30.47 50.00 49.67
N HIS F 199 30.41 48.68 49.72
CA HIS F 199 29.35 47.94 50.40
C HIS F 199 29.91 47.24 51.63
N ALA F 200 29.14 47.24 52.71
CA ALA F 200 29.59 46.67 53.98
C ALA F 200 29.63 45.15 53.89
N VAL F 201 30.83 44.58 53.93
CA VAL F 201 31.03 43.14 53.78
C VAL F 201 31.98 42.67 54.88
N ILE F 202 31.68 41.50 55.46
CA ILE F 202 32.57 40.81 56.38
C ILE F 202 33.03 39.52 55.73
N SER F 203 34.30 39.20 55.87
CA SER F 203 34.85 37.95 55.35
C SER F 203 35.83 37.40 56.37
N GLY F 204 35.62 36.15 56.78
CA GLY F 204 36.45 35.57 57.81
C GLY F 204 36.63 34.07 57.70
N SER F 205 37.21 33.47 58.73
CA SER F 205 37.51 32.04 58.73
C SER F 205 36.41 31.27 59.45
N VAL F 206 36.47 29.95 59.32
CA VAL F 206 35.51 29.02 59.90
C VAL F 206 36.24 28.15 60.91
N LEU F 207 35.73 28.11 62.14
CA LEU F 207 36.37 27.40 63.24
C LEU F 207 35.45 26.29 63.71
N TYR F 208 35.76 25.06 63.35
CA TYR F 208 35.14 23.89 63.97
C TYR F 208 36.18 23.18 64.81
N ASN F 209 35.87 22.98 66.09
CA ASN F 209 36.78 22.37 67.04
C ASN F 209 38.16 23.03 66.96
N GLN F 210 38.16 24.31 67.34
CA GLN F 210 39.38 25.09 67.55
C GLN F 210 40.41 24.90 66.43
N ALA F 211 39.92 24.85 65.19
CA ALA F 211 40.76 24.67 64.01
C ALA F 211 40.08 25.33 62.83
N GLU F 212 40.88 25.94 61.96
CA GLU F 212 40.37 26.67 60.80
C GLU F 212 39.96 25.66 59.73
N LYS F 213 38.65 25.52 59.51
CA LYS F 213 38.10 24.53 58.59
C LYS F 213 37.28 25.18 57.48
N GLY F 214 37.76 26.29 56.94
CA GLY F 214 37.13 26.89 55.78
C GLY F 214 36.99 28.38 55.93
N SER F 215 36.19 28.98 55.04
CA SER F 215 36.03 30.43 54.98
C SER F 215 34.55 30.79 54.93
N TYR F 216 34.28 32.09 55.07
CA TYR F 216 32.89 32.54 55.02
C TYR F 216 32.84 34.02 54.68
N SER F 217 31.70 34.44 54.12
CA SER F 217 31.46 35.82 53.75
C SER F 217 30.02 36.18 54.04
N LEU F 218 29.80 37.41 54.52
CA LEU F 218 28.48 37.96 54.74
C LEU F 218 28.46 39.39 54.25
N GLY F 219 27.28 39.84 53.83
CA GLY F 219 27.06 41.22 53.48
C GLY F 219 25.98 41.81 54.38
N ILE F 220 26.14 43.10 54.70
CA ILE F 220 25.21 43.81 55.55
C ILE F 220 24.17 44.50 54.67
N PHE F 221 22.90 44.32 55.01
CA PHE F 221 21.79 44.76 54.18
C PHE F 221 20.79 45.54 55.01
N GLY F 222 20.19 46.54 54.37
CA GLY F 222 19.22 47.44 54.97
C GLY F 222 19.82 48.80 55.29
N GLY F 223 18.98 49.83 55.20
CA GLY F 223 19.45 51.18 55.48
C GLY F 223 19.92 51.35 56.91
N LYS F 224 19.37 50.56 57.83
CA LYS F 224 19.78 50.58 59.23
C LYS F 224 20.55 49.32 59.62
N ALA F 225 21.12 48.63 58.63
CA ALA F 225 21.93 47.42 58.86
C ALA F 225 21.16 46.37 59.64
N GLN F 226 19.89 46.14 59.26
CA GLN F 226 19.03 45.22 59.99
C GLN F 226 19.20 43.77 59.57
N GLU F 227 19.92 43.48 58.48
CA GLU F 227 20.03 42.10 58.04
C GLU F 227 21.47 41.80 57.63
N VAL F 228 21.85 40.52 57.72
CA VAL F 228 23.09 40.01 57.18
C VAL F 228 22.78 38.77 56.36
N ALA F 229 23.49 38.59 55.24
CA ALA F 229 23.24 37.44 54.38
C ALA F 229 24.51 37.09 53.61
N GLY F 230 24.74 35.80 53.43
CA GLY F 230 25.94 35.39 52.73
C GLY F 230 26.10 33.88 52.70
N SER F 231 27.36 33.46 52.53
CA SER F 231 27.68 32.05 52.34
C SER F 231 28.85 31.64 53.23
N ALA F 232 29.00 30.33 53.39
CA ALA F 232 30.10 29.74 54.10
C ALA F 232 30.54 28.48 53.38
N GLU F 233 31.84 28.19 53.44
CA GLU F 233 32.45 27.04 52.78
C GLU F 233 33.31 26.32 53.81
N VAL F 234 32.95 25.07 54.10
CA VAL F 234 33.54 24.29 55.17
C VAL F 234 34.26 23.09 54.58
N LYS F 235 35.39 22.73 55.17
CA LYS F 235 36.16 21.54 54.79
C LYS F 235 35.88 20.47 55.85
N THR F 236 34.90 19.61 55.55
CA THR F 236 34.58 18.49 56.41
C THR F 236 35.37 17.26 55.97
N VAL F 237 35.16 16.14 56.67
CA VAL F 237 35.88 14.91 56.34
C VAL F 237 35.54 14.45 54.93
N ASN F 238 34.35 14.81 54.43
CA ASN F 238 33.92 14.44 53.08
C ASN F 238 34.32 15.47 52.03
N GLY F 239 34.97 16.56 52.43
CA GLY F 239 35.39 17.57 51.46
C GLY F 239 34.67 18.89 51.60
N ILE F 240 34.32 19.50 50.47
CA ILE F 240 33.69 20.82 50.50
C ILE F 240 32.26 20.70 51.04
N ARG F 241 31.80 21.78 51.66
CA ARG F 241 30.42 21.87 52.15
C ARG F 241 29.98 23.31 52.06
N HIS F 242 28.95 23.58 51.26
CA HIS F 242 28.44 24.93 51.05
C HIS F 242 27.24 25.15 51.96
N ILE F 243 27.22 26.31 52.64
CA ILE F 243 26.15 26.67 53.55
C ILE F 243 25.68 28.08 53.22
N GLY F 244 24.38 28.29 53.20
CA GLY F 244 23.81 29.62 53.06
C GLY F 244 23.37 30.15 54.42
N LEU F 245 23.60 31.45 54.65
CA LEU F 245 23.36 32.08 55.92
C LEU F 245 22.54 33.34 55.72
N ALA F 246 21.53 33.54 56.57
CA ALA F 246 20.76 34.78 56.52
C ALA F 246 20.14 35.03 57.88
N ALA F 247 20.47 36.16 58.49
CA ALA F 247 19.98 36.50 59.82
C ALA F 247 19.48 37.94 59.85
N LYS F 248 18.54 38.20 60.76
CA LYS F 248 17.93 39.51 60.91
C LYS F 248 17.81 39.84 62.39
N GLN F 249 17.44 41.08 62.69
CA GLN F 249 17.22 41.51 64.07
C GLN F 249 15.76 41.25 64.47
CD CD G . 46.15 16.15 1.83
CD CD H . 27.24 -8.56 -26.85
CD CD I . 10.02 0.89 2.65
CD CD J . 9.99 -19.47 6.91
CD CD K . -0.55 -26.90 -28.85
CD CD L . -20.77 -23.60 -36.82
CD CD M . 12.55 -1.09 -56.72
CD CD N . -6.08 -4.48 -5.56
CD CD O . 19.62 -10.32 -57.91
CD CD P . 1.79 -6.82 -20.82
CD CD Q . -10.24 -0.15 -29.31
CD CD R . -63.03 -31.72 -0.55
CD CD S . -59.32 -31.41 2.74
CD CD T . -50.95 -31.08 -3.03
CD CD U . -62.05 -28.07 16.79
CD CD V . -40.82 -28.34 6.61
CD CD W . -61.86 -28.92 20.39
CD CD X . 28.76 44.35 46.81
CD CD Y . 15.12 50.70 54.58
CD CD Z . 33.72 27.07 70.35
CD CD AA . 13.44 37.06 29.45
CD CD BA . 24.86 42.65 44.79
CD CD CA . 20.90 45.34 45.13
CD CD DA . 12.92 55.34 59.05
CD CD EA . 13.72 50.59 52.07
#